data_4UO0
#
_entry.id   4UO0
#
_cell.length_a   79.405
_cell.length_b   129.332
_cell.length_c   192.616
_cell.angle_alpha   90.00
_cell.angle_beta   90.00
_cell.angle_gamma   90.00
#
_symmetry.space_group_name_H-M   'P 21 21 21'
#
loop_
_entity.id
_entity.type
_entity.pdbx_description
1 polymer HEMAGGLUTININ
2 polymer HEMAGGLUTININ
3 branched 2-acetamido-2-deoxy-beta-D-glucopyranose-(1-4)-2-acetamido-2-deoxy-beta-D-glucopyranose
4 branched alpha-D-mannopyranose-(1-3)-[alpha-D-mannopyranose-(1-6)]beta-D-mannopyranose-(1-4)-2-acetamido-2-deoxy-beta-D-glucopyranose-(1-4)-2-acetamido-2-deoxy-beta-D-glucopyranose
5 branched beta-D-mannopyranose-(1-4)-2-acetamido-2-deoxy-beta-D-glucopyranose-(1-4)-[alpha-L-fucopyranose-(1-6)]2-acetamido-2-deoxy-beta-D-glucopyranose
6 branched beta-D-mannopyranose-(1-4)-2-acetamido-2-deoxy-beta-D-glucopyranose-(1-4)-2-acetamido-2-deoxy-beta-D-glucopyranose
7 branched alpha-L-fucopyranose-(1-6)-2-acetamido-2-deoxy-beta-D-glucopyranose
8 branched alpha-D-mannopyranose-(1-3)-[alpha-D-mannopyranose-(1-6)]beta-D-mannopyranose-(1-4)-2-acetamido-2-deoxy-beta-D-glucopyranose-(1-4)-[alpha-L-fucopyranose-(1-6)]2-acetamido-2-deoxy-beta-D-glucopyranose
9 branched 2-acetamido-2-deoxy-beta-D-glucopyranose-(1-4)-[alpha-L-fucopyranose-(1-6)]2-acetamido-2-deoxy-beta-D-glucopyranose
10 non-polymer beta-D-mannopyranose
11 non-polymer 1,2-ETHANEDIOL
12 non-polymer 2-acetamido-2-deoxy-beta-D-glucopyranose
13 water water
#
loop_
_entity_poly.entity_id
_entity_poly.type
_entity_poly.pdbx_seq_one_letter_code
_entity_poly.pdbx_strand_id
1 'polypeptide(L)'
;SQNPISNNNTATLCLGHHAVANGTLVKTISDDQIEVTNATELVQSISMGKICNNSYRILDGRNCTLIDAMLGDPHCDVFQ
YENWDLFIERSSAFSNCYPYDIPDYASLRSIVASSGTLEFTAEGFTWTGVTQNGRSGACKRGSADSFFSRLNWLTKSGNS
YPTLNVTMPNNKNFDKLYIWGIHHPSSNQEQTKLYIQESGRVTVSTKRSQQTIIPNIGSRPWVRGQSGRISIYWTIVKPG
DILMINSNGNLVAPRGYFKLKTGKSSVMRSDVPIDICVSECITPNGSISNEKPFQNVNKVTYGKCPKYIRQNTLKLATGM
RNVPEKQIR
;
A,C,E
2 'polypeptide(L)'
;GIFGAIAGFIENGWEGMVDGWYGFRYQNSEGTGQAADLKSTQTAIDQINEKLNRVIERTNEKFHQIEKEFSEVEGRIQDL
EKYVEDTKIDLWSYNAELLVALENQHTIDLTDAEMNKLFEKTRRQLRENAEDMGGGCFKIYHKCDNACIGSIRNGTYDHY
IYRDEALNNRFQ
;
B,D,F
#
# COMPACT_ATOMS: atom_id res chain seq x y z
N GLN A 2 11.57 -65.83 4.40
CA GLN A 2 11.17 -66.62 3.20
C GLN A 2 9.97 -67.54 3.49
N ASN A 3 9.95 -68.15 4.68
CA ASN A 3 8.82 -68.97 5.14
C ASN A 3 7.52 -68.17 5.01
N PRO A 4 6.50 -68.76 4.36
CA PRO A 4 5.25 -68.02 4.16
C PRO A 4 4.55 -67.66 5.47
N ILE A 5 4.85 -68.36 6.56
CA ILE A 5 4.25 -68.06 7.85
C ILE A 5 5.27 -67.31 8.73
N SER A 6 4.87 -66.14 9.23
CA SER A 6 5.72 -65.32 10.11
C SER A 6 6.21 -66.15 11.28
N ASN A 7 7.51 -66.12 11.54
CA ASN A 7 8.03 -66.84 12.70
C ASN A 7 7.49 -66.18 13.96
N ASN A 8 7.08 -66.99 14.92
CA ASN A 8 6.64 -66.49 16.23
C ASN A 8 7.66 -65.61 16.95
N ASN A 9 8.93 -65.79 16.60
CA ASN A 9 10.01 -65.03 17.18
CA ASN A 9 10.00 -65.01 17.20
C ASN A 9 10.32 -63.74 16.41
N THR A 10 9.32 -63.28 15.64
CA THR A 10 9.39 -62.00 14.91
C THR A 10 8.05 -61.28 15.03
N ALA A 11 8.06 -59.99 14.72
CA ALA A 11 6.84 -59.19 14.53
C ALA A 11 7.09 -58.14 13.46
N THR A 12 6.00 -57.59 12.94
CA THR A 12 6.06 -56.51 11.99
C THR A 12 5.34 -55.30 12.57
N LEU A 13 5.99 -54.15 12.48
CA LEU A 13 5.42 -52.87 12.93
C LEU A 13 5.52 -51.84 11.83
N CYS A 14 4.36 -51.39 11.37
CA CYS A 14 4.28 -50.43 10.28
C CYS A 14 3.77 -49.08 10.77
N LEU A 15 4.40 -48.02 10.28
CA LEU A 15 4.02 -46.66 10.62
C LEU A 15 3.27 -46.05 9.47
N GLY A 16 2.29 -45.21 9.79
CA GLY A 16 1.44 -44.68 8.75
C GLY A 16 0.69 -43.44 9.16
N HIS A 17 -0.12 -42.95 8.24
CA HIS A 17 -0.89 -41.74 8.43
C HIS A 17 -2.24 -41.97 7.76
N HIS A 18 -3.20 -41.14 8.11
CA HIS A 18 -4.54 -41.32 7.59
C HIS A 18 -4.67 -40.77 6.17
N ALA A 19 -5.80 -41.11 5.54
CA ALA A 19 -6.15 -40.57 4.24
C ALA A 19 -7.66 -40.56 4.18
N VAL A 20 -8.22 -39.76 3.28
CA VAL A 20 -9.67 -39.80 3.05
C VAL A 20 -9.94 -40.14 1.58
N ALA A 21 -11.14 -40.64 1.30
CA ALA A 21 -11.46 -41.11 -0.05
C ALA A 21 -11.47 -39.92 -1.01
N ASN A 22 -12.03 -38.81 -0.54
CA ASN A 22 -12.20 -37.62 -1.34
C ASN A 22 -11.46 -36.39 -0.79
N GLY A 23 -10.24 -36.19 -1.28
CA GLY A 23 -9.45 -35.05 -0.86
C GLY A 23 -9.87 -33.77 -1.54
N THR A 24 -9.06 -32.73 -1.40
CA THR A 24 -9.38 -31.46 -2.02
C THR A 24 -8.08 -30.76 -2.44
N LEU A 25 -8.15 -29.96 -3.51
CA LEU A 25 -6.94 -29.39 -4.09
C LEU A 25 -6.60 -28.01 -3.53
N VAL A 26 -5.32 -27.81 -3.20
CA VAL A 26 -4.81 -26.50 -2.76
C VAL A 26 -3.52 -26.12 -3.51
N LYS A 27 -3.16 -24.84 -3.43
CA LYS A 27 -1.91 -24.36 -4.02
C LYS A 27 -0.85 -24.11 -2.95
N THR A 28 0.40 -24.48 -3.24
CA THR A 28 1.53 -24.19 -2.35
C THR A 28 2.61 -23.42 -3.13
N ILE A 29 3.75 -23.14 -2.48
CA ILE A 29 4.94 -22.58 -3.13
C ILE A 29 5.52 -23.57 -4.16
N SER A 30 5.40 -24.86 -3.86
CA SER A 30 5.96 -25.94 -4.68
C SER A 30 5.09 -26.47 -5.83
N ASP A 31 3.77 -26.34 -5.67
CA ASP A 31 2.81 -27.05 -6.52
C ASP A 31 1.62 -26.17 -6.88
N ASP A 32 1.27 -26.15 -8.17
CA ASP A 32 0.08 -25.44 -8.62
C ASP A 32 -1.15 -26.04 -7.93
N GLN A 33 -1.22 -27.37 -7.89
CA GLN A 33 -2.33 -28.07 -7.24
CA GLN A 33 -2.35 -28.11 -7.30
C GLN A 33 -1.82 -29.33 -6.56
N ILE A 34 -2.21 -29.50 -5.31
CA ILE A 34 -1.86 -30.69 -4.56
C ILE A 34 -3.04 -31.07 -3.64
N GLU A 35 -3.33 -32.37 -3.57
CA GLU A 35 -4.50 -32.85 -2.84
C GLU A 35 -4.19 -33.01 -1.34
N VAL A 36 -5.01 -32.37 -0.51
CA VAL A 36 -4.92 -32.50 0.94
C VAL A 36 -6.20 -33.13 1.50
N THR A 37 -6.13 -33.58 2.75
CA THR A 37 -7.26 -34.26 3.37
C THR A 37 -8.44 -33.32 3.58
N ASN A 38 -8.14 -32.05 3.79
CA ASN A 38 -9.18 -31.06 4.07
C ASN A 38 -8.67 -29.66 3.83
N ALA A 39 -9.60 -28.76 3.50
CA ALA A 39 -9.27 -27.36 3.30
C ALA A 39 -10.43 -26.47 3.64
N THR A 40 -10.14 -25.20 3.88
CA THR A 40 -11.15 -24.21 4.23
C THR A 40 -11.13 -22.99 3.30
N GLU A 41 -12.31 -22.48 2.98
CA GLU A 41 -12.47 -21.31 2.14
C GLU A 41 -12.25 -20.01 2.92
N LEU A 42 -11.36 -19.16 2.42
CA LEU A 42 -11.01 -17.94 3.11
C LEU A 42 -11.70 -16.70 2.54
N VAL A 43 -12.39 -16.86 1.43
CA VAL A 43 -12.99 -15.69 0.78
C VAL A 43 -14.51 -15.75 0.85
N GLN A 44 -15.11 -14.75 1.49
CA GLN A 44 -16.56 -14.63 1.54
C GLN A 44 -17.06 -14.04 0.22
N SER A 45 -17.85 -14.81 -0.52
CA SER A 45 -18.28 -14.35 -1.85
C SER A 45 -19.80 -14.20 -1.93
N ILE A 46 -20.49 -14.61 -0.88
CA ILE A 46 -21.96 -14.55 -0.84
C ILE A 46 -22.37 -13.47 0.16
N SER A 47 -23.36 -12.66 -0.23
CA SER A 47 -23.95 -11.70 0.69
C SER A 47 -25.30 -12.22 1.19
N MET A 48 -25.84 -11.58 2.22
CA MET A 48 -27.15 -11.97 2.75
C MET A 48 -28.31 -11.39 1.92
N GLY A 49 -27.99 -10.61 0.90
CA GLY A 49 -29.00 -9.99 0.01
C GLY A 49 -29.89 -8.93 0.64
N LYS A 50 -29.60 -8.57 1.89
CA LYS A 50 -30.36 -7.56 2.63
C LYS A 50 -29.46 -6.95 3.69
N ILE A 51 -29.78 -5.73 4.11
CA ILE A 51 -29.00 -5.08 5.16
C ILE A 51 -29.61 -5.31 6.52
N CYS A 52 -28.84 -5.95 7.39
CA CYS A 52 -29.26 -6.25 8.74
C CYS A 52 -29.22 -5.02 9.62
N ASN A 53 -30.24 -4.82 10.43
CA ASN A 53 -30.31 -3.62 11.24
C ASN A 53 -30.23 -3.87 12.74
N ASN A 54 -29.72 -5.04 13.10
CA ASN A 54 -29.71 -5.47 14.49
C ASN A 54 -28.50 -5.06 15.30
N SER A 55 -27.38 -4.81 14.64
CA SER A 55 -26.18 -4.35 15.34
C SER A 55 -26.06 -2.83 15.21
N TYR A 56 -25.80 -2.35 14.00
CA TYR A 56 -25.71 -0.91 13.78
C TYR A 56 -27.08 -0.28 13.55
N ARG A 57 -27.23 0.97 13.99
CA ARG A 57 -28.41 1.73 13.64
C ARG A 57 -28.42 2.16 12.17
N ILE A 58 -29.27 1.50 11.40
CA ILE A 58 -29.41 1.74 9.97
C ILE A 58 -30.61 2.65 9.74
N LEU A 59 -30.39 3.74 9.02
CA LEU A 59 -31.48 4.65 8.65
C LEU A 59 -31.71 4.68 7.15
N ASP A 60 -32.89 4.28 6.74
CA ASP A 60 -33.25 4.24 5.33
C ASP A 60 -33.67 5.63 4.86
N GLY A 61 -32.92 6.18 3.90
CA GLY A 61 -33.24 7.51 3.37
C GLY A 61 -34.47 7.54 2.48
N ARG A 62 -34.92 6.36 2.04
CA ARG A 62 -36.06 6.22 1.12
C ARG A 62 -35.95 7.17 -0.08
N ASN A 63 -36.83 8.16 -0.16
CA ASN A 63 -36.82 9.13 -1.27
C ASN A 63 -35.92 10.34 -1.02
N CYS A 64 -35.18 10.34 0.08
CA CYS A 64 -34.38 11.50 0.47
C CYS A 64 -32.89 11.22 0.48
N THR A 65 -32.11 12.15 -0.07
CA THR A 65 -30.68 12.13 0.16
C THR A 65 -30.42 12.72 1.53
N LEU A 66 -29.22 12.45 2.05
CA LEU A 66 -28.83 12.98 3.34
C LEU A 66 -28.86 14.51 3.33
N ILE A 67 -28.36 15.09 2.23
CA ILE A 67 -28.31 16.54 2.07
C ILE A 67 -29.71 17.16 2.10
N ASP A 68 -30.62 16.56 1.35
CA ASP A 68 -31.99 17.06 1.33
C ASP A 68 -32.68 16.91 2.70
N ALA A 69 -32.34 15.85 3.42
CA ALA A 69 -32.89 15.68 4.78
C ALA A 69 -32.36 16.80 5.69
N MET A 70 -31.06 17.07 5.56
CA MET A 70 -30.42 18.15 6.30
C MET A 70 -31.06 19.54 6.01
N LEU A 71 -31.17 19.90 4.73
CA LEU A 71 -31.74 21.19 4.29
C LEU A 71 -33.20 21.40 4.70
N GLY A 72 -33.94 20.28 4.78
CA GLY A 72 -35.36 20.32 5.11
C GLY A 72 -36.29 20.48 3.92
N ASP A 73 -35.95 19.81 2.82
CA ASP A 73 -36.88 19.57 1.71
C ASP A 73 -38.16 18.97 2.34
N PRO A 74 -39.33 19.58 2.07
CA PRO A 74 -40.58 19.17 2.71
C PRO A 74 -40.85 17.68 2.73
N HIS A 75 -40.61 16.97 1.63
CA HIS A 75 -40.89 15.52 1.62
C HIS A 75 -39.92 14.75 2.52
N CYS A 76 -38.94 15.47 3.07
CA CYS A 76 -37.95 14.87 3.96
C CYS A 76 -38.19 15.24 5.43
N ASP A 77 -39.32 15.89 5.72
CA ASP A 77 -39.64 16.33 7.10
C ASP A 77 -39.56 15.22 8.16
N VAL A 78 -39.84 13.98 7.77
CA VAL A 78 -39.79 12.84 8.69
C VAL A 78 -38.38 12.64 9.28
N PHE A 79 -37.36 13.15 8.59
CA PHE A 79 -35.96 12.96 8.97
C PHE A 79 -35.41 13.96 9.98
N GLN A 80 -36.23 14.93 10.38
CA GLN A 80 -35.81 15.95 11.35
C GLN A 80 -35.27 15.33 12.64
N TYR A 81 -34.08 15.79 13.06
CA TYR A 81 -33.48 15.36 14.36
C TYR A 81 -33.02 13.89 14.43
N GLU A 82 -32.95 13.24 13.27
CA GLU A 82 -32.53 11.84 13.20
C GLU A 82 -31.05 11.62 13.50
N ASN A 83 -30.70 10.38 13.80
CA ASN A 83 -29.33 9.96 13.95
C ASN A 83 -29.14 8.54 13.41
N TRP A 84 -27.90 8.19 13.11
CA TRP A 84 -27.60 6.91 12.49
C TRP A 84 -26.16 6.50 12.71
N ASP A 85 -25.91 5.19 12.61
CA ASP A 85 -24.56 4.70 12.33
C ASP A 85 -24.37 4.71 10.81
N LEU A 86 -25.37 4.24 10.09
CA LEU A 86 -25.29 4.17 8.63
C LEU A 86 -26.58 4.65 7.97
N PHE A 87 -26.45 5.71 7.18
CA PHE A 87 -27.55 6.27 6.42
C PHE A 87 -27.55 5.62 5.05
N ILE A 88 -28.67 5.03 4.65
CA ILE A 88 -28.75 4.39 3.34
C ILE A 88 -29.40 5.32 2.32
N GLU A 89 -28.65 5.72 1.28
CA GLU A 89 -29.19 6.52 0.18
C GLU A 89 -29.64 5.63 -0.99
N ARG A 90 -30.85 5.87 -1.48
CA ARG A 90 -31.45 5.08 -2.55
C ARG A 90 -31.28 5.79 -3.90
N SER A 91 -31.13 5.02 -4.96
CA SER A 91 -30.99 5.57 -6.31
C SER A 91 -32.24 6.34 -6.74
N SER A 92 -33.40 6.02 -6.18
CA SER A 92 -34.64 6.66 -6.56
C SER A 92 -34.95 7.93 -5.76
N ALA A 93 -34.05 8.34 -4.87
CA ALA A 93 -34.24 9.60 -4.13
C ALA A 93 -34.35 10.77 -5.11
N PHE A 94 -35.10 11.80 -4.71
CA PHE A 94 -35.28 12.99 -5.55
C PHE A 94 -35.37 14.24 -4.68
N SER A 95 -35.04 15.39 -5.28
CA SER A 95 -35.25 16.70 -4.67
C SER A 95 -36.58 17.28 -5.12
N ASN A 96 -37.27 17.97 -4.21
CA ASN A 96 -38.56 18.52 -4.55
C ASN A 96 -38.78 19.90 -3.96
N CYS A 97 -37.72 20.69 -3.88
CA CYS A 97 -37.81 22.04 -3.33
C CYS A 97 -37.21 23.03 -4.33
N TYR A 98 -36.71 24.18 -3.86
CA TYR A 98 -36.09 25.17 -4.74
C TYR A 98 -34.82 24.60 -5.38
N PRO A 99 -34.63 24.77 -6.70
CA PRO A 99 -33.44 24.15 -7.32
C PRO A 99 -32.16 24.72 -6.72
N TYR A 100 -31.19 23.86 -6.47
CA TYR A 100 -30.00 24.30 -5.76
C TYR A 100 -28.76 23.55 -6.22
N ASP A 101 -27.61 24.10 -5.89
CA ASP A 101 -26.36 23.36 -6.00
C ASP A 101 -25.50 23.65 -4.79
N ILE A 102 -24.52 22.78 -4.55
CA ILE A 102 -23.60 22.94 -3.43
C ILE A 102 -22.19 22.81 -3.99
N PRO A 103 -21.47 23.93 -4.14
CA PRO A 103 -20.06 23.77 -4.51
C PRO A 103 -19.41 22.87 -3.46
N ASP A 104 -18.64 21.88 -3.88
CA ASP A 104 -18.10 20.88 -2.96
C ASP A 104 -19.20 20.14 -2.13
N TYR A 105 -20.29 19.79 -2.83
CA TYR A 105 -21.36 18.93 -2.31
C TYR A 105 -20.81 17.71 -1.57
N ALA A 106 -19.82 17.05 -2.18
CA ALA A 106 -19.28 15.79 -1.65
C ALA A 106 -18.69 15.96 -0.26
N SER A 107 -18.00 17.07 -0.02
CA SER A 107 -17.46 17.37 1.30
C SER A 107 -18.52 17.57 2.39
N LEU A 108 -19.58 18.30 2.07
CA LEU A 108 -20.64 18.53 3.04
C LEU A 108 -21.35 17.22 3.35
N ARG A 109 -21.58 16.42 2.32
CA ARG A 109 -22.21 15.13 2.50
C ARG A 109 -21.36 14.27 3.45
N SER A 110 -20.06 14.24 3.20
CA SER A 110 -19.13 13.49 4.03
C SER A 110 -19.15 13.94 5.49
N ILE A 111 -19.17 15.26 5.70
CA ILE A 111 -19.06 15.82 7.05
C ILE A 111 -20.28 15.43 7.85
N VAL A 112 -21.45 15.59 7.25
CA VAL A 112 -22.68 15.29 7.95
C VAL A 112 -22.80 13.77 8.19
N ALA A 113 -22.46 12.98 7.17
CA ALA A 113 -22.58 11.52 7.26
C ALA A 113 -21.72 10.98 8.37
N SER A 114 -20.50 11.50 8.45
CA SER A 114 -19.54 11.09 9.49
C SER A 114 -19.99 11.51 10.89
N SER A 115 -20.65 12.66 11.00
CA SER A 115 -21.14 13.17 12.27
C SER A 115 -22.27 12.31 12.84
N GLY A 116 -23.12 11.79 11.96
CA GLY A 116 -24.13 10.81 12.35
C GLY A 116 -25.42 11.37 12.95
N THR A 117 -25.65 12.68 12.82
CA THR A 117 -26.83 13.30 13.42
C THR A 117 -27.33 14.53 12.65
N LEU A 118 -28.64 14.76 12.73
CA LEU A 118 -29.24 15.97 12.21
C LEU A 118 -29.80 16.83 13.36
N GLU A 119 -29.22 16.67 14.55
CA GLU A 119 -29.58 17.50 15.69
C GLU A 119 -29.42 18.99 15.34
N PHE A 120 -30.55 19.66 15.18
CA PHE A 120 -30.61 21.07 14.81
C PHE A 120 -31.17 21.90 15.97
N THR A 121 -30.63 23.09 16.19
CA THR A 121 -31.13 24.01 17.21
C THR A 121 -31.32 25.38 16.59
N ALA A 122 -32.54 25.90 16.68
CA ALA A 122 -32.85 27.25 16.18
C ALA A 122 -32.12 28.29 17.03
N GLU A 123 -31.67 29.37 16.41
CA GLU A 123 -31.07 30.47 17.16
C GLU A 123 -31.81 31.77 16.87
N GLY A 124 -31.74 32.71 17.81
CA GLY A 124 -32.47 33.96 17.68
C GLY A 124 -31.75 34.99 16.82
N PHE A 125 -31.60 34.71 15.53
CA PHE A 125 -31.10 35.72 14.61
C PHE A 125 -32.12 36.83 14.46
N THR A 126 -31.65 38.07 14.41
CA THR A 126 -32.52 39.20 14.18
C THR A 126 -32.17 39.76 12.82
N TRP A 127 -33.18 39.92 11.98
CA TRP A 127 -32.96 40.36 10.61
C TRP A 127 -33.68 41.69 10.40
N THR A 128 -33.05 42.75 10.88
CA THR A 128 -33.68 44.07 10.89
C THR A 128 -33.96 44.60 9.50
N GLY A 129 -35.22 44.98 9.26
CA GLY A 129 -35.60 45.72 8.07
C GLY A 129 -35.80 44.88 6.84
N VAL A 130 -35.87 43.56 6.99
CA VAL A 130 -36.20 42.69 5.86
C VAL A 130 -37.43 41.83 6.14
N THR A 131 -37.98 41.26 5.08
CA THR A 131 -39.05 40.27 5.19
C THR A 131 -38.38 38.91 5.29
N GLN A 132 -38.85 38.10 6.23
CA GLN A 132 -38.33 36.73 6.44
C GLN A 132 -39.26 35.68 5.86
N ASN A 133 -38.77 34.45 5.81
CA ASN A 133 -39.60 33.29 5.47
C ASN A 133 -40.10 33.34 4.02
N GLY A 134 -39.20 33.70 3.10
CA GLY A 134 -39.49 33.64 1.68
C GLY A 134 -39.95 32.23 1.31
N ARG A 135 -40.86 32.15 0.35
CA ARG A 135 -41.37 30.85 -0.08
C ARG A 135 -41.50 30.79 -1.59
N SER A 136 -41.67 29.57 -2.12
CA SER A 136 -41.69 29.37 -3.56
C SER A 136 -42.64 28.25 -3.98
N GLY A 137 -43.25 28.40 -5.14
CA GLY A 137 -44.09 27.34 -5.73
C GLY A 137 -43.32 26.09 -6.12
N ALA A 138 -42.00 26.19 -6.21
CA ALA A 138 -41.12 25.04 -6.45
C ALA A 138 -41.04 24.09 -5.26
N CYS A 139 -41.53 24.54 -4.11
CA CYS A 139 -41.32 23.82 -2.87
C CYS A 139 -42.60 23.82 -2.05
N LYS A 140 -43.48 22.85 -2.29
CA LYS A 140 -44.76 22.80 -1.59
C LYS A 140 -44.63 22.03 -0.27
N ARG A 141 -45.25 22.57 0.79
CA ARG A 141 -45.33 21.88 2.07
C ARG A 141 -46.81 21.87 2.38
N GLY A 142 -47.43 20.71 2.15
CA GLY A 142 -48.88 20.62 2.01
C GLY A 142 -49.20 21.14 0.63
N SER A 143 -50.28 21.92 0.51
CA SER A 143 -50.62 22.55 -0.76
C SER A 143 -50.16 24.02 -0.80
N ALA A 144 -49.28 24.39 0.15
CA ALA A 144 -48.84 25.77 0.29
C ALA A 144 -47.42 25.93 -0.20
N ASP A 145 -47.16 27.04 -0.90
CA ASP A 145 -45.78 27.42 -1.25
C ASP A 145 -44.95 27.48 0.03
N SER A 146 -43.74 26.94 -0.03
CA SER A 146 -42.88 26.85 1.14
C SER A 146 -41.41 26.98 0.75
N PHE A 147 -40.53 26.42 1.60
CA PHE A 147 -39.10 26.51 1.40
C PHE A 147 -38.43 25.47 2.31
N PHE A 148 -37.15 25.21 2.08
CA PHE A 148 -36.33 24.39 2.99
C PHE A 148 -36.57 24.83 4.42
N SER A 149 -36.93 23.90 5.30
CA SER A 149 -37.30 24.26 6.66
C SER A 149 -36.13 24.87 7.44
N ARG A 150 -34.90 24.52 7.07
CA ARG A 150 -33.73 24.96 7.82
C ARG A 150 -33.11 26.28 7.36
N LEU A 151 -33.65 26.85 6.29
CA LEU A 151 -33.11 28.10 5.72
C LEU A 151 -34.18 29.18 5.73
N ASN A 152 -33.74 30.43 5.71
CA ASN A 152 -34.63 31.58 5.86
C ASN A 152 -34.37 32.54 4.71
N TRP A 153 -35.28 32.54 3.75
CA TRP A 153 -35.13 33.35 2.56
C TRP A 153 -35.57 34.78 2.82
N LEU A 154 -34.59 35.67 2.91
CA LEU A 154 -34.86 37.07 3.19
C LEU A 154 -35.09 37.85 1.91
N THR A 155 -36.00 38.81 1.98
CA THR A 155 -36.20 39.76 0.87
C THR A 155 -36.50 41.16 1.42
N LYS A 156 -36.59 42.13 0.52
CA LYS A 156 -36.77 43.53 0.89
C LYS A 156 -38.02 43.79 1.73
N SER A 157 -37.95 44.84 2.54
CA SER A 157 -39.14 45.34 3.19
C SER A 157 -39.35 46.74 2.67
N GLY A 158 -40.57 47.05 2.24
CA GLY A 158 -40.86 48.34 1.62
C GLY A 158 -40.03 48.56 0.37
N ASN A 159 -39.27 49.66 0.34
CA ASN A 159 -38.42 49.98 -0.81
C ASN A 159 -36.91 49.78 -0.56
N SER A 160 -36.59 49.07 0.50
CA SER A 160 -35.18 48.91 0.84
C SER A 160 -34.83 47.55 1.40
N TYR A 161 -33.55 47.21 1.22
CA TYR A 161 -32.97 46.04 1.81
C TYR A 161 -31.68 46.54 2.45
N PRO A 162 -31.68 46.68 3.78
CA PRO A 162 -30.54 47.28 4.45
C PRO A 162 -29.37 46.31 4.50
N THR A 163 -28.17 46.82 4.74
CA THR A 163 -27.03 45.95 4.95
C THR A 163 -27.23 45.15 6.24
N LEU A 164 -27.40 43.85 6.11
CA LEU A 164 -27.64 42.98 7.24
C LEU A 164 -26.31 42.68 7.94
N ASN A 165 -26.33 42.75 9.26
CA ASN A 165 -25.09 42.61 10.00
C ASN A 165 -25.35 41.97 11.35
N VAL A 166 -25.10 40.67 11.42
CA VAL A 166 -25.47 39.90 12.60
C VAL A 166 -24.32 39.06 13.14
N THR A 167 -24.44 38.69 14.41
CA THR A 167 -23.41 37.90 15.04
C THR A 167 -24.04 36.80 15.90
N MET A 168 -23.34 35.67 15.99
CA MET A 168 -23.75 34.57 16.86
C MET A 168 -22.53 33.91 17.46
N PRO A 169 -22.22 34.20 18.73
CA PRO A 169 -21.08 33.54 19.39
C PRO A 169 -21.35 32.07 19.70
N ASN A 170 -20.31 31.23 19.60
CA ASN A 170 -20.37 29.85 20.07
C ASN A 170 -19.81 29.72 21.50
N ASN A 171 -20.71 29.72 22.47
CA ASN A 171 -20.34 29.55 23.88
C ASN A 171 -20.62 28.14 24.38
N LYS A 172 -20.78 27.21 23.44
CA LYS A 172 -20.97 25.79 23.76
C LYS A 172 -19.60 25.10 23.77
N ASN A 173 -19.58 23.78 23.94
CA ASN A 173 -18.31 23.04 23.99
C ASN A 173 -18.08 22.13 22.79
N PHE A 174 -18.90 22.29 21.75
CA PHE A 174 -18.83 21.48 20.54
C PHE A 174 -18.83 22.37 19.31
N ASP A 175 -18.45 21.80 18.17
CA ASP A 175 -18.50 22.53 16.89
C ASP A 175 -19.94 22.76 16.45
N LYS A 176 -20.23 23.98 16.00
CA LYS A 176 -21.51 24.30 15.34
C LYS A 176 -21.34 24.28 13.83
N LEU A 177 -22.25 23.60 13.14
CA LEU A 177 -22.30 23.64 11.69
C LEU A 177 -23.46 24.54 11.26
N TYR A 178 -23.14 25.61 10.53
CA TYR A 178 -24.15 26.50 9.96
C TYR A 178 -24.26 26.31 8.47
N ILE A 179 -25.50 26.12 8.01
CA ILE A 179 -25.78 26.01 6.60
C ILE A 179 -26.53 27.27 6.18
N TRP A 180 -26.12 27.84 5.06
CA TRP A 180 -26.69 29.08 4.56
C TRP A 180 -26.52 29.11 3.06
N GLY A 181 -27.04 30.14 2.42
CA GLY A 181 -26.98 30.20 0.98
C GLY A 181 -27.03 31.58 0.40
N ILE A 182 -26.99 31.61 -0.93
CA ILE A 182 -27.18 32.81 -1.70
C ILE A 182 -28.15 32.50 -2.83
N HIS A 183 -29.06 33.43 -3.11
CA HIS A 183 -29.98 33.28 -4.21
C HIS A 183 -29.38 33.90 -5.46
N HIS A 184 -29.42 33.13 -6.55
CA HIS A 184 -28.95 33.56 -7.84
C HIS A 184 -30.17 33.87 -8.72
N PRO A 185 -30.51 35.17 -8.91
CA PRO A 185 -31.66 35.55 -9.74
C PRO A 185 -31.45 35.24 -11.23
N SER A 186 -32.52 35.36 -11.99
CA SER A 186 -32.49 35.06 -13.42
CA SER A 186 -32.49 35.06 -13.42
C SER A 186 -32.23 36.29 -14.29
N SER A 187 -32.29 37.48 -13.69
CA SER A 187 -32.11 38.73 -14.44
C SER A 187 -31.82 39.93 -13.53
N ASN A 188 -31.24 40.98 -14.11
CA ASN A 188 -31.00 42.23 -13.38
C ASN A 188 -32.29 42.79 -12.79
N GLN A 189 -33.35 42.72 -13.58
CA GLN A 189 -34.67 43.19 -13.16
C GLN A 189 -35.13 42.45 -11.90
N GLU A 190 -35.01 41.13 -11.90
CA GLU A 190 -35.40 40.32 -10.75
C GLU A 190 -34.53 40.64 -9.52
N GLN A 191 -33.22 40.83 -9.76
CA GLN A 191 -32.28 41.18 -8.70
C GLN A 191 -32.72 42.47 -7.98
N THR A 192 -32.97 43.54 -8.74
CA THR A 192 -33.37 44.81 -8.14
C THR A 192 -34.78 44.72 -7.55
N LYS A 193 -35.65 43.95 -8.18
CA LYS A 193 -36.99 43.73 -7.63
C LYS A 193 -36.98 43.11 -6.22
N LEU A 194 -36.18 42.07 -6.02
CA LEU A 194 -36.13 41.35 -4.76
C LEU A 194 -35.23 42.00 -3.71
N TYR A 195 -34.14 42.62 -4.16
CA TYR A 195 -33.08 42.99 -3.22
C TYR A 195 -32.63 44.44 -3.31
N ILE A 196 -33.20 45.19 -4.26
CA ILE A 196 -32.92 46.62 -4.43
C ILE A 196 -31.53 46.89 -5.00
N GLN A 197 -30.48 46.45 -4.29
CA GLN A 197 -29.12 46.61 -4.77
C GLN A 197 -28.92 45.80 -6.05
N GLU A 198 -28.30 46.45 -7.03
CA GLU A 198 -27.95 45.82 -8.28
C GLU A 198 -26.93 44.71 -8.07
N SER A 199 -25.99 44.93 -7.14
CA SER A 199 -24.92 43.97 -6.88
C SER A 199 -24.99 43.44 -5.45
N GLY A 200 -25.63 42.29 -5.29
CA GLY A 200 -25.71 41.61 -3.99
C GLY A 200 -24.35 41.10 -3.51
N ARG A 201 -24.27 40.81 -2.22
CA ARG A 201 -23.03 40.35 -1.59
CA ARG A 201 -23.04 40.33 -1.60
C ARG A 201 -23.39 39.58 -0.32
N VAL A 202 -22.73 38.44 -0.10
CA VAL A 202 -22.82 37.74 1.18
C VAL A 202 -21.41 37.46 1.71
N THR A 203 -21.13 37.96 2.91
CA THR A 203 -19.89 37.64 3.61
C THR A 203 -20.21 36.95 4.94
N VAL A 204 -19.75 35.71 5.07
CA VAL A 204 -19.88 34.96 6.30
C VAL A 204 -18.49 34.70 6.86
N SER A 205 -18.26 35.12 8.09
CA SER A 205 -16.93 35.03 8.66
C SER A 205 -16.91 34.49 10.08
N THR A 206 -15.72 34.04 10.48
CA THR A 206 -15.40 33.75 11.86
C THR A 206 -14.18 34.62 12.12
N LYS A 207 -13.57 34.53 13.31
CA LYS A 207 -12.38 35.33 13.63
C LYS A 207 -11.22 35.11 12.65
N ARG A 208 -11.07 33.88 12.15
CA ARG A 208 -9.89 33.50 11.37
C ARG A 208 -10.20 32.97 9.97
N SER A 209 -11.47 33.01 9.57
CA SER A 209 -11.85 32.56 8.24
C SER A 209 -12.97 33.44 7.69
N GLN A 210 -13.14 33.41 6.37
CA GLN A 210 -14.25 34.09 5.73
C GLN A 210 -14.61 33.44 4.40
N GLN A 211 -15.86 33.66 3.99
CA GLN A 211 -16.37 33.24 2.71
C GLN A 211 -17.13 34.43 2.17
N THR A 212 -16.71 34.88 0.99
CA THR A 212 -17.25 36.04 0.35
C THR A 212 -17.88 35.55 -0.96
N ILE A 213 -19.19 35.72 -1.10
CA ILE A 213 -19.94 35.22 -2.24
C ILE A 213 -20.73 36.35 -2.91
N ILE A 214 -20.76 36.32 -4.25
CA ILE A 214 -21.51 37.27 -5.09
CA ILE A 214 -21.61 37.26 -4.99
C ILE A 214 -22.64 36.49 -5.81
N PRO A 215 -23.80 37.12 -6.08
CA PRO A 215 -24.81 36.38 -6.85
C PRO A 215 -24.46 36.27 -8.32
N ASN A 216 -24.95 35.20 -8.95
CA ASN A 216 -24.81 34.95 -10.38
C ASN A 216 -26.13 35.24 -11.04
N ILE A 217 -26.13 36.07 -12.07
CA ILE A 217 -27.37 36.50 -12.69
C ILE A 217 -27.45 35.99 -14.13
N GLY A 218 -28.54 35.28 -14.45
CA GLY A 218 -28.81 34.87 -15.84
C GLY A 218 -29.93 33.83 -15.97
N SER A 219 -30.48 33.71 -17.18
CA SER A 219 -31.51 32.69 -17.47
C SER A 219 -30.92 31.30 -17.38
N ARG A 220 -31.66 30.39 -16.74
CA ARG A 220 -31.29 28.97 -16.65
C ARG A 220 -32.50 28.10 -16.96
N PRO A 221 -32.27 26.81 -17.26
CA PRO A 221 -33.40 25.91 -17.50
C PRO A 221 -34.36 25.87 -16.31
N TRP A 222 -35.65 26.05 -16.59
CA TRP A 222 -36.68 25.89 -15.57
C TRP A 222 -36.57 24.54 -14.85
N VAL A 223 -36.60 24.60 -13.53
CA VAL A 223 -36.71 23.41 -12.67
C VAL A 223 -37.84 23.75 -11.72
N ARG A 224 -38.91 22.96 -11.77
CA ARG A 224 -40.12 23.22 -10.99
C ARG A 224 -40.55 24.69 -11.10
N GLY A 225 -40.54 25.18 -12.33
CA GLY A 225 -40.99 26.53 -12.62
C GLY A 225 -39.98 27.62 -12.39
N GLN A 226 -38.76 27.26 -11.94
CA GLN A 226 -37.77 28.26 -11.53
C GLN A 226 -36.51 28.29 -12.40
N SER A 227 -36.15 29.49 -12.84
CA SER A 227 -34.89 29.71 -13.54
CA SER A 227 -34.90 29.75 -13.55
C SER A 227 -33.82 30.15 -12.55
N GLY A 228 -34.25 30.66 -11.40
CA GLY A 228 -33.33 31.04 -10.33
C GLY A 228 -32.74 29.82 -9.67
N ARG A 229 -31.73 30.03 -8.84
CA ARG A 229 -31.07 28.94 -8.11
C ARG A 229 -30.57 29.44 -6.78
N ILE A 230 -30.43 28.55 -5.81
CA ILE A 230 -29.67 28.88 -4.61
C ILE A 230 -28.39 28.04 -4.55
N SER A 231 -27.29 28.66 -4.16
CA SER A 231 -26.07 27.91 -3.89
C SER A 231 -25.90 27.82 -2.39
N ILE A 232 -25.60 26.61 -1.92
CA ILE A 232 -25.52 26.33 -0.51
C ILE A 232 -24.06 26.34 -0.05
N TYR A 233 -23.83 26.96 1.09
CA TYR A 233 -22.51 27.02 1.73
C TYR A 233 -22.64 26.64 3.19
N TRP A 234 -21.50 26.35 3.81
CA TRP A 234 -21.48 26.01 5.22
C TRP A 234 -20.29 26.61 5.93
N THR A 235 -20.42 26.70 7.24
CA THR A 235 -19.41 27.30 8.10
C THR A 235 -19.44 26.59 9.43
N ILE A 236 -18.26 26.15 9.89
CA ILE A 236 -18.11 25.51 11.18
C ILE A 236 -17.50 26.51 12.14
N VAL A 237 -18.19 26.72 13.26
CA VAL A 237 -17.73 27.65 14.27
C VAL A 237 -17.33 26.87 15.52
N LYS A 238 -16.04 26.91 15.85
CA LYS A 238 -15.49 26.22 17.02
C LYS A 238 -15.87 26.93 18.32
N PRO A 239 -15.79 26.23 19.47
CA PRO A 239 -16.06 26.89 20.75
C PRO A 239 -15.15 28.10 20.96
N GLY A 240 -15.70 29.20 21.46
CA GLY A 240 -14.93 30.43 21.65
C GLY A 240 -14.80 31.30 20.41
N ASP A 241 -15.21 30.77 19.26
CA ASP A 241 -15.24 31.55 18.04
C ASP A 241 -16.60 32.22 17.88
N ILE A 242 -16.75 33.04 16.85
CA ILE A 242 -18.00 33.77 16.63
C ILE A 242 -18.38 33.71 15.15
N LEU A 243 -19.68 33.64 14.86
CA LEU A 243 -20.15 33.71 13.49
C LEU A 243 -20.59 35.13 13.18
N MET A 244 -20.19 35.65 12.04
CA MET A 244 -20.68 36.96 11.59
C MET A 244 -21.20 36.84 10.17
N ILE A 245 -22.36 37.45 9.92
CA ILE A 245 -22.97 37.47 8.59
C ILE A 245 -23.26 38.90 8.22
N ASN A 246 -22.74 39.30 7.06
CA ASN A 246 -22.91 40.65 6.55
C ASN A 246 -23.36 40.57 5.10
N SER A 247 -24.52 41.16 4.79
CA SER A 247 -25.06 41.04 3.43
C SER A 247 -25.89 42.25 3.06
N ASN A 248 -25.75 42.70 1.82
CA ASN A 248 -26.62 43.73 1.28
C ASN A 248 -27.60 43.20 0.21
N GLY A 249 -27.81 41.88 0.19
CA GLY A 249 -28.84 41.26 -0.62
C GLY A 249 -28.56 39.81 -0.96
N ASN A 250 -29.63 39.05 -1.27
CA ASN A 250 -29.52 37.67 -1.79
C ASN A 250 -29.25 36.59 -0.73
N LEU A 251 -29.17 36.98 0.53
CA LEU A 251 -28.85 36.06 1.60
C LEU A 251 -29.98 35.06 1.84
N VAL A 252 -29.64 33.78 1.83
CA VAL A 252 -30.55 32.74 2.30
C VAL A 252 -29.99 32.37 3.67
N ALA A 253 -30.62 32.90 4.72
CA ALA A 253 -30.05 32.87 6.07
C ALA A 253 -30.21 31.53 6.79
N PRO A 254 -29.26 31.19 7.70
CA PRO A 254 -29.44 30.02 8.56
C PRO A 254 -30.48 30.32 9.63
N ARG A 255 -31.17 29.30 10.12
CA ARG A 255 -32.12 29.48 11.22
C ARG A 255 -31.53 29.06 12.56
N GLY A 256 -30.37 28.41 12.48
CA GLY A 256 -29.70 27.89 13.67
C GLY A 256 -28.54 27.03 13.23
N TYR A 257 -28.15 26.09 14.11
CA TYR A 257 -27.01 25.25 13.84
C TYR A 257 -27.32 23.77 14.02
N PHE A 258 -26.53 22.96 13.34
CA PHE A 258 -26.43 21.54 13.59
C PHE A 258 -25.28 21.27 14.55
N LYS A 259 -25.50 20.34 15.48
CA LYS A 259 -24.43 19.87 16.35
C LYS A 259 -23.52 18.94 15.54
N LEU A 260 -22.23 19.25 15.52
CA LEU A 260 -21.23 18.36 14.94
C LEU A 260 -20.60 17.48 16.00
N LYS A 261 -20.55 16.18 15.71
CA LYS A 261 -19.88 15.23 16.57
C LYS A 261 -18.73 14.61 15.79
N THR A 262 -17.72 14.12 16.52
CA THR A 262 -16.76 13.20 15.96
C THR A 262 -17.39 11.82 16.08
N GLY A 263 -17.87 11.30 14.96
CA GLY A 263 -18.59 10.03 14.98
C GLY A 263 -17.92 8.91 14.23
N LYS A 264 -18.50 7.72 14.37
CA LYS A 264 -18.12 6.55 13.58
C LYS A 264 -19.17 6.28 12.51
N SER A 265 -19.98 7.28 12.19
CA SER A 265 -21.08 7.09 11.26
C SER A 265 -20.65 7.24 9.82
N SER A 266 -21.48 6.76 8.90
CA SER A 266 -21.23 6.93 7.49
C SER A 266 -22.52 6.99 6.68
N VAL A 267 -22.36 7.04 5.36
CA VAL A 267 -23.48 7.01 4.44
C VAL A 267 -23.11 6.00 3.35
N MET A 268 -24.09 5.28 2.82
CA MET A 268 -23.81 4.30 1.78
C MET A 268 -24.94 4.27 0.76
N ARG A 269 -24.57 4.12 -0.51
CA ARG A 269 -25.55 4.01 -1.60
C ARG A 269 -25.88 2.54 -1.84
N SER A 270 -27.16 2.19 -1.74
CA SER A 270 -27.63 0.82 -1.96
C SER A 270 -29.12 0.79 -2.18
N ASP A 271 -29.59 -0.15 -3.00
CA ASP A 271 -31.01 -0.30 -3.27
C ASP A 271 -31.59 -1.57 -2.64
N VAL A 272 -30.74 -2.24 -1.87
CA VAL A 272 -31.07 -3.49 -1.19
C VAL A 272 -31.98 -3.24 0.03
N PRO A 273 -32.98 -4.13 0.27
CA PRO A 273 -33.86 -3.95 1.43
C PRO A 273 -33.15 -4.03 2.78
N ILE A 274 -33.70 -3.34 3.78
CA ILE A 274 -33.23 -3.46 5.16
C ILE A 274 -34.16 -4.41 5.94
N ASP A 275 -33.58 -5.37 6.66
CA ASP A 275 -34.39 -6.32 7.44
C ASP A 275 -33.74 -6.70 8.77
N ILE A 276 -34.50 -7.40 9.60
CA ILE A 276 -34.01 -7.96 10.86
C ILE A 276 -33.14 -9.19 10.60
N CYS A 277 -31.88 -9.12 11.02
CA CYS A 277 -30.94 -10.24 10.95
C CYS A 277 -29.65 -9.87 11.68
N VAL A 278 -28.74 -10.84 11.81
CA VAL A 278 -27.51 -10.64 12.56
C VAL A 278 -26.33 -10.50 11.60
N SER A 279 -25.74 -9.30 11.57
CA SER A 279 -24.48 -9.09 10.86
C SER A 279 -23.75 -7.86 11.40
N GLU A 280 -22.44 -7.90 11.31
CA GLU A 280 -21.56 -6.84 11.79
C GLU A 280 -20.85 -6.14 10.64
N CYS A 281 -21.17 -6.50 9.40
CA CYS A 281 -20.52 -5.92 8.22
C CYS A 281 -21.57 -5.66 7.16
N ILE A 282 -21.55 -4.47 6.58
CA ILE A 282 -22.54 -4.05 5.59
C ILE A 282 -21.85 -3.66 4.31
N THR A 283 -22.40 -4.11 3.18
CA THR A 283 -21.95 -3.67 1.86
C THR A 283 -23.18 -3.22 1.06
N PRO A 284 -22.98 -2.51 -0.08
CA PRO A 284 -24.11 -2.12 -0.91
C PRO A 284 -24.95 -3.30 -1.40
N ASN A 285 -24.37 -4.50 -1.38
CA ASN A 285 -25.06 -5.71 -1.78
C ASN A 285 -25.87 -6.30 -0.64
N GLY A 286 -25.71 -5.73 0.55
CA GLY A 286 -26.30 -6.28 1.76
C GLY A 286 -25.22 -6.67 2.76
N SER A 287 -25.67 -7.15 3.91
CA SER A 287 -24.76 -7.63 4.95
C SER A 287 -24.05 -8.91 4.52
N ILE A 288 -22.86 -9.12 5.08
CA ILE A 288 -22.11 -10.34 4.81
CA ILE A 288 -22.06 -10.30 4.80
C ILE A 288 -21.58 -10.90 6.13
N SER A 289 -21.30 -12.20 6.13
CA SER A 289 -20.60 -12.83 7.25
CA SER A 289 -20.60 -12.83 7.25
C SER A 289 -19.19 -12.29 7.36
N ASN A 290 -18.68 -12.20 8.58
CA ASN A 290 -17.30 -11.75 8.75
C ASN A 290 -16.45 -12.83 9.42
N GLU A 291 -16.86 -14.10 9.33
CA GLU A 291 -16.05 -15.24 9.80
C GLU A 291 -14.72 -15.33 9.05
N LYS A 292 -14.76 -15.11 7.73
CA LYS A 292 -13.58 -15.26 6.86
C LYS A 292 -12.70 -14.00 6.84
N PRO A 293 -11.38 -14.16 6.60
CA PRO A 293 -10.53 -12.98 6.61
C PRO A 293 -10.65 -12.09 5.35
N PHE A 294 -11.17 -12.64 4.27
CA PHE A 294 -11.27 -11.91 3.00
C PHE A 294 -12.67 -11.96 2.43
N GLN A 295 -12.97 -11.01 1.56
CA GLN A 295 -14.25 -11.00 0.87
C GLN A 295 -14.10 -10.44 -0.52
N ASN A 296 -14.96 -10.88 -1.42
CA ASN A 296 -14.93 -10.45 -2.79
C ASN A 296 -16.32 -9.89 -3.19
N VAL A 297 -17.10 -9.49 -2.18
CA VAL A 297 -18.43 -9.00 -2.44
C VAL A 297 -18.45 -7.53 -2.91
N ASN A 298 -17.77 -6.66 -2.17
CA ASN A 298 -17.73 -5.22 -2.51
C ASN A 298 -16.58 -4.52 -1.81
N LYS A 299 -15.88 -3.66 -2.53
CA LYS A 299 -14.86 -2.79 -1.94
C LYS A 299 -15.48 -1.77 -0.97
N VAL A 300 -16.77 -1.48 -1.16
CA VAL A 300 -17.45 -0.57 -0.25
C VAL A 300 -17.97 -1.36 0.93
N THR A 301 -17.50 -1.02 2.13
CA THR A 301 -17.92 -1.72 3.34
C THR A 301 -18.06 -0.75 4.49
N TYR A 302 -18.83 -1.17 5.48
CA TYR A 302 -18.92 -0.48 6.75
C TYR A 302 -19.02 -1.53 7.84
N GLY A 303 -18.28 -1.32 8.92
CA GLY A 303 -18.38 -2.17 10.10
C GLY A 303 -17.17 -3.07 10.29
N LYS A 304 -17.42 -4.25 10.86
CA LYS A 304 -16.38 -5.21 11.12
C LYS A 304 -16.26 -6.16 9.92
N CYS A 305 -15.41 -5.81 8.96
CA CYS A 305 -15.45 -6.43 7.64
C CYS A 305 -14.17 -7.17 7.27
N PRO A 306 -14.31 -8.28 6.52
CA PRO A 306 -13.14 -8.94 5.93
C PRO A 306 -12.51 -8.00 4.91
N LYS A 307 -11.23 -8.19 4.59
CA LYS A 307 -10.56 -7.33 3.59
C LYS A 307 -11.00 -7.69 2.18
N TYR A 308 -11.28 -6.66 1.39
CA TYR A 308 -11.69 -6.91 0.01
C TYR A 308 -10.47 -7.28 -0.81
N ILE A 309 -10.60 -8.38 -1.55
CA ILE A 309 -9.57 -8.78 -2.50
C ILE A 309 -10.22 -9.16 -3.83
N ARG A 310 -9.41 -9.25 -4.89
CA ARG A 310 -9.90 -9.58 -6.24
C ARG A 310 -10.31 -11.04 -6.40
N GLN A 311 -9.64 -11.93 -5.67
CA GLN A 311 -9.86 -13.36 -5.82
C GLN A 311 -11.26 -13.75 -5.32
N ASN A 312 -11.91 -14.69 -6.00
CA ASN A 312 -13.21 -15.16 -5.52
C ASN A 312 -13.13 -16.42 -4.65
N THR A 313 -11.96 -17.04 -4.60
CA THR A 313 -11.71 -18.21 -3.77
C THR A 313 -10.23 -18.33 -3.40
N LEU A 314 -9.96 -18.68 -2.15
CA LEU A 314 -8.62 -19.04 -1.71
C LEU A 314 -8.78 -20.19 -0.72
N LYS A 315 -8.19 -21.34 -1.04
CA LYS A 315 -8.32 -22.54 -0.19
C LYS A 315 -7.11 -22.75 0.70
N LEU A 316 -7.35 -22.75 2.01
CA LEU A 316 -6.29 -22.98 3.01
C LEU A 316 -6.31 -24.44 3.46
N ALA A 317 -5.20 -25.16 3.28
CA ALA A 317 -5.11 -26.55 3.78
C ALA A 317 -5.29 -26.64 5.29
N THR A 318 -6.15 -27.55 5.75
CA THR A 318 -6.28 -27.82 7.17
C THR A 318 -5.93 -29.28 7.50
N GLY A 319 -5.20 -29.91 6.60
CA GLY A 319 -4.80 -31.30 6.80
C GLY A 319 -3.61 -31.64 5.93
N MET A 320 -3.08 -32.84 6.12
CA MET A 320 -1.90 -33.27 5.38
C MET A 320 -2.22 -33.60 3.92
N ARG A 321 -1.17 -33.81 3.14
CA ARG A 321 -1.26 -34.40 1.83
C ARG A 321 -2.11 -35.67 1.84
N ASN A 322 -3.09 -35.75 0.94
CA ASN A 322 -3.97 -36.90 0.88
C ASN A 322 -3.48 -37.91 -0.14
N VAL A 323 -3.13 -39.10 0.32
CA VAL A 323 -2.59 -40.15 -0.55
C VAL A 323 -3.48 -41.39 -0.43
N PRO A 324 -4.52 -41.51 -1.28
CA PRO A 324 -5.48 -42.60 -1.07
C PRO A 324 -4.88 -43.96 -1.37
N GLU A 325 -5.46 -44.99 -0.78
CA GLU A 325 -5.04 -46.37 -0.98
C GLU A 325 -5.34 -46.89 -2.38
N LYS A 326 -4.75 -48.05 -2.70
CA LYS A 326 -4.92 -48.79 -3.96
C LYS A 326 -4.57 -47.92 -5.17
N GLY B 1 7.09 -34.13 -0.75
CA GLY B 1 7.43 -33.20 0.37
C GLY B 1 8.88 -33.36 0.80
N ILE B 2 9.38 -32.43 1.61
CA ILE B 2 10.83 -32.33 1.84
C ILE B 2 11.43 -33.45 2.68
N PHE B 3 10.64 -34.07 3.55
CA PHE B 3 11.18 -35.19 4.33
C PHE B 3 11.09 -36.52 3.61
N GLY B 4 10.22 -36.58 2.61
CA GLY B 4 10.06 -37.80 1.82
C GLY B 4 9.37 -38.95 2.53
N ALA B 5 8.57 -38.64 3.57
CA ALA B 5 7.81 -39.68 4.27
C ALA B 5 6.44 -39.85 3.63
N ILE B 6 5.61 -38.81 3.74
CA ILE B 6 4.26 -38.83 3.17
C ILE B 6 4.39 -38.72 1.66
N ALA B 7 3.72 -39.63 0.94
CA ALA B 7 3.84 -39.75 -0.51
C ALA B 7 5.30 -39.99 -0.91
N GLY B 8 5.98 -40.79 -0.11
CA GLY B 8 7.42 -40.99 -0.26
C GLY B 8 7.75 -42.39 0.18
N PHE B 9 8.55 -42.53 1.23
CA PHE B 9 8.84 -43.89 1.68
C PHE B 9 7.63 -44.60 2.32
N ILE B 10 6.62 -43.84 2.73
CA ILE B 10 5.31 -44.44 3.02
C ILE B 10 4.47 -44.29 1.76
N GLU B 11 4.12 -45.44 1.19
CA GLU B 11 3.45 -45.53 -0.11
CA GLU B 11 3.47 -45.47 -0.12
C GLU B 11 2.10 -44.79 -0.17
N ASN B 12 1.28 -44.97 0.86
CA ASN B 12 -0.02 -44.32 0.90
C ASN B 12 -0.59 -44.21 2.31
N GLY B 13 -1.66 -43.43 2.42
CA GLY B 13 -2.33 -43.26 3.69
C GLY B 13 -3.34 -44.37 3.94
N TRP B 14 -3.83 -44.44 5.17
CA TRP B 14 -4.79 -45.44 5.58
C TRP B 14 -6.15 -44.79 5.76
N GLU B 15 -7.06 -45.05 4.85
CA GLU B 15 -8.43 -44.53 4.98
C GLU B 15 -9.15 -45.13 6.18
N GLY B 16 -8.70 -46.32 6.60
CA GLY B 16 -9.26 -47.00 7.77
C GLY B 16 -8.79 -46.49 9.12
N MET B 17 -7.92 -45.47 9.16
CA MET B 17 -7.55 -44.87 10.44
CA MET B 17 -7.51 -44.85 10.43
C MET B 17 -8.33 -43.58 10.67
N VAL B 18 -9.34 -43.69 11.52
CA VAL B 18 -10.26 -42.57 11.76
C VAL B 18 -10.08 -41.84 13.10
N ASP B 19 -9.35 -42.45 14.04
CA ASP B 19 -9.15 -41.85 15.36
C ASP B 19 -7.78 -41.18 15.56
N GLY B 20 -7.12 -40.84 14.47
CA GLY B 20 -5.81 -40.21 14.56
C GLY B 20 -5.30 -39.89 13.17
N TRP B 21 -4.30 -39.03 13.11
CA TRP B 21 -3.68 -38.68 11.85
C TRP B 21 -2.50 -39.58 11.53
N TYR B 22 -1.88 -40.11 12.58
CA TYR B 22 -0.69 -40.95 12.44
C TYR B 22 -0.88 -42.13 13.36
N GLY B 23 -0.24 -43.24 13.04
CA GLY B 23 -0.44 -44.43 13.88
C GLY B 23 0.38 -45.61 13.44
N PHE B 24 -0.01 -46.78 13.98
CA PHE B 24 0.71 -48.00 13.79
C PHE B 24 -0.22 -49.11 13.34
N ARG B 25 0.29 -50.00 12.50
CA ARG B 25 -0.32 -51.30 12.26
C ARG B 25 0.75 -52.33 12.57
N TYR B 26 0.33 -53.48 13.07
CA TYR B 26 1.30 -54.48 13.50
C TYR B 26 0.75 -55.88 13.28
N GLN B 27 1.67 -56.82 13.19
CA GLN B 27 1.32 -58.23 13.04
C GLN B 27 2.30 -59.02 13.88
N ASN B 28 1.74 -59.87 14.74
CA ASN B 28 2.51 -60.79 15.55
C ASN B 28 1.75 -62.11 15.66
N SER B 29 2.16 -62.99 16.55
CA SER B 29 1.51 -64.30 16.69
C SER B 29 0.04 -64.22 17.16
N GLU B 30 -0.33 -63.08 17.77
CA GLU B 30 -1.68 -62.82 18.28
C GLU B 30 -2.61 -62.20 17.24
N GLY B 31 -2.08 -61.88 16.06
CA GLY B 31 -2.92 -61.36 14.98
C GLY B 31 -2.44 -60.02 14.47
N THR B 32 -3.33 -59.28 13.81
CA THR B 32 -2.98 -57.98 13.28
C THR B 32 -3.82 -56.94 13.99
N GLY B 33 -3.29 -55.72 14.07
CA GLY B 33 -4.03 -54.63 14.68
C GLY B 33 -3.58 -53.27 14.19
N GLN B 34 -4.24 -52.25 14.71
CA GLN B 34 -4.01 -50.88 14.32
C GLN B 34 -4.23 -49.99 15.54
N ALA B 35 -3.41 -48.95 15.72
CA ALA B 35 -3.62 -47.99 16.81
C ALA B 35 -3.10 -46.60 16.44
N ALA B 36 -3.88 -45.58 16.75
CA ALA B 36 -3.49 -44.19 16.47
C ALA B 36 -2.43 -43.72 17.45
N ASP B 37 -1.54 -42.85 16.96
CA ASP B 37 -0.59 -42.13 17.84
C ASP B 37 -1.09 -40.71 18.16
N LEU B 38 -1.48 -40.51 19.42
CA LEU B 38 -2.12 -39.27 19.84
CA LEU B 38 -2.12 -39.28 19.88
C LEU B 38 -1.20 -38.05 19.89
N LYS B 39 0.03 -38.22 20.35
CA LYS B 39 0.97 -37.08 20.47
C LYS B 39 1.35 -36.45 19.12
N SER B 40 1.70 -37.28 18.13
CA SER B 40 2.03 -36.78 16.78
CA SER B 40 2.03 -36.77 16.79
C SER B 40 0.81 -36.11 16.17
N THR B 41 -0.34 -36.73 16.37
CA THR B 41 -1.61 -36.21 15.88
C THR B 41 -1.85 -34.81 16.45
N GLN B 42 -1.73 -34.71 17.78
CA GLN B 42 -1.99 -33.44 18.45
C GLN B 42 -1.01 -32.33 18.03
N THR B 43 0.27 -32.68 17.90
CA THR B 43 1.30 -31.73 17.48
C THR B 43 0.93 -31.10 16.13
N ALA B 44 0.56 -31.95 15.16
CA ALA B 44 0.15 -31.45 13.85
C ALA B 44 -1.09 -30.56 13.93
N ILE B 45 -2.12 -31.04 14.60
CA ILE B 45 -3.36 -30.31 14.74
C ILE B 45 -3.16 -28.93 15.41
N ASP B 46 -2.36 -28.90 16.47
CA ASP B 46 -2.08 -27.65 17.20
C ASP B 46 -1.46 -26.59 16.29
N GLN B 47 -0.59 -27.03 15.39
CA GLN B 47 0.07 -26.10 14.48
C GLN B 47 -0.86 -25.63 13.40
N ILE B 48 -1.81 -26.48 13.01
CA ILE B 48 -2.63 -26.19 11.85
C ILE B 48 -3.84 -25.38 12.23
N ASN B 49 -4.41 -25.67 13.40
CA ASN B 49 -5.68 -25.08 13.79
C ASN B 49 -5.62 -23.56 13.96
N GLU B 50 -6.49 -22.87 13.23
CA GLU B 50 -6.57 -21.41 13.28
C GLU B 50 -5.20 -20.77 13.05
N LYS B 51 -4.39 -21.36 12.17
CA LYS B 51 -3.01 -20.90 12.02
C LYS B 51 -2.89 -19.47 11.55
N LEU B 52 -3.88 -18.99 10.79
CA LEU B 52 -3.87 -17.62 10.28
C LEU B 52 -3.95 -16.56 11.37
N ASN B 53 -4.56 -16.91 12.50
CA ASN B 53 -4.63 -16.01 13.63
C ASN B 53 -3.24 -15.54 14.09
N ARG B 54 -2.19 -16.27 13.72
CA ARG B 54 -0.84 -15.90 14.12
C ARG B 54 -0.31 -14.71 13.30
N VAL B 55 -0.91 -14.46 12.14
CA VAL B 55 -0.41 -13.41 11.27
C VAL B 55 -1.46 -12.36 10.93
N ILE B 56 -2.74 -12.75 10.96
CA ILE B 56 -3.84 -11.86 10.60
C ILE B 56 -4.52 -11.34 11.83
N GLU B 57 -4.44 -10.02 11.99
CA GLU B 57 -5.04 -9.32 13.12
C GLU B 57 -6.54 -9.62 13.19
N ARG B 58 -7.05 -9.68 14.41
CA ARG B 58 -8.49 -9.72 14.66
C ARG B 58 -9.13 -8.58 13.87
N THR B 59 -10.14 -8.94 13.07
CA THR B 59 -10.88 -7.98 12.28
C THR B 59 -11.42 -6.85 13.16
N ASN B 60 -11.11 -5.62 12.79
CA ASN B 60 -11.57 -4.45 13.54
C ASN B 60 -12.61 -3.68 12.74
N GLU B 61 -13.33 -2.80 13.43
CA GLU B 61 -14.33 -1.96 12.78
C GLU B 61 -13.66 -0.88 11.96
N LYS B 62 -14.14 -0.69 10.74
CA LYS B 62 -13.85 0.51 9.97
C LYS B 62 -15.16 1.21 9.62
N PHE B 63 -15.11 2.53 9.58
CA PHE B 63 -16.33 3.31 9.49
C PHE B 63 -16.36 4.16 8.22
N HIS B 64 -16.43 5.47 8.35
CA HIS B 64 -16.42 6.35 7.19
C HIS B 64 -15.08 6.29 6.47
N GLN B 65 -15.11 6.15 5.16
CA GLN B 65 -13.89 6.09 4.38
C GLN B 65 -13.98 7.05 3.20
N ILE B 66 -13.41 6.69 2.07
CA ILE B 66 -13.52 7.53 0.90
C ILE B 66 -14.58 6.94 -0.03
N GLU B 67 -15.10 7.78 -0.91
CA GLU B 67 -16.01 7.30 -1.95
C GLU B 67 -15.23 6.44 -2.93
N LYS B 68 -15.90 5.41 -3.45
CA LYS B 68 -15.26 4.46 -4.35
C LYS B 68 -16.03 4.21 -5.65
N GLU B 69 -17.20 4.83 -5.77
CA GLU B 69 -18.02 4.77 -6.98
C GLU B 69 -18.40 6.20 -7.27
N PHE B 70 -18.50 6.56 -8.55
CA PHE B 70 -18.73 7.94 -8.92
C PHE B 70 -19.71 8.02 -10.08
N SER B 71 -20.66 8.94 -10.00
CA SER B 71 -21.68 9.04 -11.03
C SER B 71 -21.39 10.04 -12.15
N GLU B 72 -20.44 10.95 -11.92
CA GLU B 72 -19.99 11.92 -12.95
C GLU B 72 -18.46 11.95 -13.05
N VAL B 73 -17.93 12.34 -14.22
CA VAL B 73 -16.49 12.55 -14.37
C VAL B 73 -16.10 13.86 -13.70
N GLU B 74 -14.91 13.89 -13.12
CA GLU B 74 -14.43 15.07 -12.39
C GLU B 74 -12.96 15.38 -12.68
N GLY B 75 -12.21 14.40 -13.15
CA GLY B 75 -10.80 14.61 -13.41
C GLY B 75 -9.94 14.33 -12.19
N ARG B 76 -9.09 15.28 -11.84
CA ARG B 76 -7.93 15.05 -10.99
C ARG B 76 -8.19 14.39 -9.62
N ILE B 77 -9.14 14.93 -8.85
CA ILE B 77 -9.37 14.38 -7.51
CA ILE B 77 -9.39 14.39 -7.51
C ILE B 77 -9.95 12.97 -7.60
N GLN B 78 -10.90 12.75 -8.50
CA GLN B 78 -11.49 11.44 -8.68
C GLN B 78 -10.45 10.42 -9.19
N ASP B 79 -9.56 10.85 -10.08
CA ASP B 79 -8.49 9.97 -10.59
C ASP B 79 -7.67 9.46 -9.41
N LEU B 80 -7.36 10.37 -8.48
CA LEU B 80 -6.57 10.00 -7.32
C LEU B 80 -7.32 9.07 -6.36
N GLU B 81 -8.57 9.39 -6.08
CA GLU B 81 -9.40 8.52 -5.24
C GLU B 81 -9.43 7.07 -5.80
N LYS B 82 -9.69 6.94 -7.10
CA LYS B 82 -9.74 5.63 -7.73
C LYS B 82 -8.40 4.91 -7.69
N TYR B 83 -7.32 5.65 -7.93
CA TYR B 83 -5.97 5.07 -7.94
C TYR B 83 -5.56 4.57 -6.57
N VAL B 84 -5.87 5.34 -5.53
CA VAL B 84 -5.60 4.94 -4.16
C VAL B 84 -6.31 3.61 -3.84
N GLU B 85 -7.57 3.52 -4.23
CA GLU B 85 -8.35 2.33 -3.91
C GLU B 85 -7.86 1.13 -4.72
N ASP B 86 -7.58 1.34 -6.00
CA ASP B 86 -7.05 0.27 -6.83
CA ASP B 86 -7.04 0.29 -6.87
C ASP B 86 -5.73 -0.25 -6.29
N THR B 87 -4.88 0.68 -5.84
CA THR B 87 -3.57 0.35 -5.30
C THR B 87 -3.71 -0.51 -4.03
N LYS B 88 -4.58 -0.06 -3.13
CA LYS B 88 -4.84 -0.78 -1.88
C LYS B 88 -5.29 -2.22 -2.17
N ILE B 89 -6.27 -2.36 -3.07
CA ILE B 89 -6.85 -3.67 -3.39
C ILE B 89 -5.81 -4.60 -3.97
N ASP B 90 -5.00 -4.10 -4.92
CA ASP B 90 -3.96 -4.93 -5.53
C ASP B 90 -2.94 -5.41 -4.51
N LEU B 91 -2.57 -4.54 -3.57
CA LEU B 91 -1.60 -4.94 -2.55
C LEU B 91 -2.20 -6.00 -1.58
N TRP B 92 -3.44 -5.81 -1.15
CA TRP B 92 -4.07 -6.82 -0.26
C TRP B 92 -4.31 -8.14 -0.98
N SER B 93 -4.71 -8.08 -2.25
CA SER B 93 -4.90 -9.29 -3.07
C SER B 93 -3.60 -10.10 -3.20
N TYR B 94 -2.47 -9.40 -3.42
CA TYR B 94 -1.17 -10.05 -3.42
C TYR B 94 -0.85 -10.65 -2.04
N ASN B 95 -1.07 -9.89 -0.98
CA ASN B 95 -0.80 -10.41 0.36
C ASN B 95 -1.55 -11.72 0.61
N ALA B 96 -2.84 -11.73 0.25
CA ALA B 96 -3.69 -12.91 0.44
C ALA B 96 -3.18 -14.14 -0.33
N GLU B 97 -2.84 -13.93 -1.62
CA GLU B 97 -2.30 -14.99 -2.48
C GLU B 97 -1.02 -15.58 -1.85
N LEU B 98 -0.09 -14.71 -1.50
CA LEU B 98 1.17 -15.14 -0.92
C LEU B 98 0.95 -15.87 0.40
N LEU B 99 0.13 -15.30 1.27
CA LEU B 99 -0.08 -15.90 2.59
C LEU B 99 -0.60 -17.36 2.49
N VAL B 100 -1.57 -17.55 1.62
CA VAL B 100 -2.20 -18.85 1.45
C VAL B 100 -1.19 -19.88 0.92
N ALA B 101 -0.36 -19.47 -0.03
CA ALA B 101 0.63 -20.38 -0.61
C ALA B 101 1.67 -20.74 0.43
N LEU B 102 2.11 -19.74 1.20
CA LEU B 102 3.11 -19.95 2.24
C LEU B 102 2.56 -20.86 3.35
N GLU B 103 1.35 -20.55 3.82
CA GLU B 103 0.70 -21.37 4.87
C GLU B 103 0.50 -22.81 4.44
N ASN B 104 0.08 -23.00 3.20
CA ASN B 104 -0.17 -24.34 2.66
C ASN B 104 1.10 -25.15 2.53
N GLN B 105 2.16 -24.52 2.01
CA GLN B 105 3.48 -25.11 2.02
C GLN B 105 3.92 -25.54 3.41
N HIS B 106 3.78 -24.63 4.37
CA HIS B 106 4.12 -24.93 5.75
C HIS B 106 3.28 -26.13 6.29
N THR B 107 2.00 -26.18 5.97
CA THR B 107 1.11 -27.28 6.44
C THR B 107 1.57 -28.65 5.91
N ILE B 108 1.85 -28.71 4.61
CA ILE B 108 2.34 -29.93 3.96
C ILE B 108 3.67 -30.34 4.58
N ASP B 109 4.56 -29.38 4.77
CA ASP B 109 5.87 -29.70 5.28
C ASP B 109 5.86 -30.16 6.75
N LEU B 110 5.05 -29.54 7.61
CA LEU B 110 5.02 -29.90 9.03
C LEU B 110 4.34 -31.27 9.28
N THR B 111 3.39 -31.64 8.42
CA THR B 111 2.71 -32.94 8.58
C THR B 111 3.60 -34.08 8.05
N ASP B 112 4.36 -33.79 7.00
CA ASP B 112 5.40 -34.72 6.52
C ASP B 112 6.47 -34.87 7.60
N ALA B 113 6.87 -33.77 8.23
CA ALA B 113 7.83 -33.82 9.33
C ALA B 113 7.36 -34.69 10.50
N GLU B 114 6.09 -34.56 10.89
CA GLU B 114 5.57 -35.37 12.01
C GLU B 114 5.65 -36.86 11.70
N MET B 115 5.29 -37.21 10.46
CA MET B 115 5.41 -38.60 10.00
C MET B 115 6.84 -39.11 10.13
N ASN B 116 7.80 -38.35 9.61
CA ASN B 116 9.18 -38.75 9.69
C ASN B 116 9.69 -38.83 11.13
N LYS B 117 9.28 -37.86 11.97
CA LYS B 117 9.69 -37.86 13.37
C LYS B 117 9.16 -39.08 14.14
N LEU B 118 7.93 -39.48 13.86
CA LEU B 118 7.36 -40.67 14.52
C LEU B 118 8.15 -41.92 14.11
N PHE B 119 8.53 -41.96 12.84
CA PHE B 119 9.32 -43.07 12.34
C PHE B 119 10.70 -43.12 13.01
N GLU B 120 11.39 -41.99 13.06
CA GLU B 120 12.68 -41.91 13.72
C GLU B 120 12.61 -42.22 15.21
N LYS B 121 11.57 -41.75 15.90
CA LYS B 121 11.35 -42.08 17.32
C LYS B 121 11.27 -43.61 17.53
N THR B 122 10.53 -44.28 16.66
CA THR B 122 10.33 -45.74 16.74
C THR B 122 11.64 -46.47 16.45
N ARG B 123 12.31 -46.06 15.37
CA ARG B 123 13.62 -46.60 15.03
C ARG B 123 14.58 -46.56 16.24
N ARG B 124 14.65 -45.40 16.89
CA ARG B 124 15.58 -45.23 18.01
C ARG B 124 15.25 -46.14 19.18
N GLN B 125 13.97 -46.32 19.50
CA GLN B 125 13.55 -47.26 20.56
C GLN B 125 14.05 -48.66 20.29
N LEU B 126 13.91 -49.11 19.05
CA LEU B 126 14.19 -50.49 18.70
C LEU B 126 15.68 -50.85 18.66
N ARG B 127 16.56 -49.84 18.49
CA ARG B 127 18.02 -50.07 18.48
C ARG B 127 18.40 -51.19 17.50
N GLU B 128 19.13 -52.19 17.99
CA GLU B 128 19.57 -53.31 17.14
C GLU B 128 18.56 -54.44 17.00
N ASN B 129 17.35 -54.28 17.53
CA ASN B 129 16.38 -55.38 17.60
C ASN B 129 15.47 -55.50 16.38
N ALA B 130 15.59 -54.53 15.48
CA ALA B 130 14.71 -54.45 14.31
C ALA B 130 15.45 -53.87 13.11
N GLU B 131 14.93 -54.12 11.91
CA GLU B 131 15.45 -53.52 10.68
C GLU B 131 14.34 -52.77 9.95
N ASP B 132 14.73 -51.71 9.25
CA ASP B 132 13.80 -50.92 8.46
C ASP B 132 13.57 -51.71 7.17
N MET B 133 12.35 -52.18 6.96
CA MET B 133 11.99 -52.97 5.78
C MET B 133 11.79 -52.13 4.53
N GLY B 134 11.69 -50.82 4.73
CA GLY B 134 11.18 -49.93 3.67
C GLY B 134 9.68 -49.84 3.85
N GLY B 135 9.06 -48.86 3.19
CA GLY B 135 7.62 -48.69 3.27
C GLY B 135 7.12 -48.20 4.62
N GLY B 136 8.05 -47.83 5.50
CA GLY B 136 7.69 -47.40 6.84
C GLY B 136 7.44 -48.56 7.79
N CYS B 137 7.91 -49.75 7.43
CA CYS B 137 7.72 -50.93 8.27
C CYS B 137 9.02 -51.41 8.89
N PHE B 138 8.91 -51.88 10.12
CA PHE B 138 9.99 -52.52 10.85
C PHE B 138 9.75 -54.00 10.99
N LYS B 139 10.79 -54.77 10.70
CA LYS B 139 10.86 -56.18 11.07
C LYS B 139 11.52 -56.27 12.44
N ILE B 140 10.77 -56.74 13.43
CA ILE B 140 11.27 -56.87 14.78
C ILE B 140 11.71 -58.33 14.95
N TYR B 141 12.98 -58.52 15.32
CA TYR B 141 13.58 -59.85 15.32
C TYR B 141 13.51 -60.60 16.64
N HIS B 142 12.46 -60.35 17.41
CA HIS B 142 12.18 -61.14 18.61
C HIS B 142 10.68 -61.33 18.80
N LYS B 143 10.31 -62.27 19.66
CA LYS B 143 8.90 -62.47 19.98
C LYS B 143 8.38 -61.18 20.59
N CYS B 144 7.30 -60.67 20.02
CA CYS B 144 6.84 -59.34 20.35
C CYS B 144 5.31 -59.35 20.38
N ASP B 145 4.76 -59.77 21.52
CA ASP B 145 3.30 -59.85 21.69
C ASP B 145 2.64 -58.47 21.83
N ASN B 146 1.33 -58.46 22.07
CA ASN B 146 0.56 -57.20 22.11
C ASN B 146 1.01 -56.23 23.20
N ALA B 147 1.38 -56.77 24.37
CA ALA B 147 1.93 -55.95 25.44
C ALA B 147 3.27 -55.32 25.02
N CYS B 148 4.08 -56.10 24.30
CA CYS B 148 5.38 -55.60 23.81
C CYS B 148 5.22 -54.50 22.76
N ILE B 149 4.35 -54.73 21.77
CA ILE B 149 3.95 -53.69 20.84
C ILE B 149 3.43 -52.45 21.58
N GLY B 150 2.64 -52.70 22.62
CA GLY B 150 2.14 -51.62 23.48
C GLY B 150 3.24 -50.79 24.12
N SER B 151 4.33 -51.44 24.53
CA SER B 151 5.46 -50.72 25.14
C SER B 151 6.19 -49.85 24.10
N ILE B 152 6.23 -50.30 22.85
CA ILE B 152 6.78 -49.47 21.77
C ILE B 152 5.88 -48.24 21.54
N ARG B 153 4.58 -48.48 21.47
CA ARG B 153 3.62 -47.40 21.24
C ARG B 153 3.63 -46.33 22.35
N ASN B 154 3.79 -46.74 23.60
CA ASN B 154 3.82 -45.76 24.68
C ASN B 154 5.23 -45.34 25.12
N GLY B 155 6.22 -45.74 24.33
CA GLY B 155 7.60 -45.29 24.50
C GLY B 155 8.36 -45.87 25.67
N THR B 156 7.96 -47.05 26.13
CA THR B 156 8.61 -47.67 27.27
C THR B 156 9.30 -48.98 26.89
N TYR B 157 9.45 -49.22 25.59
CA TYR B 157 10.10 -50.44 25.13
C TYR B 157 11.54 -50.52 25.62
N ASP B 158 11.90 -51.65 26.18
CA ASP B 158 13.26 -51.86 26.65
C ASP B 158 14.02 -52.82 25.74
N HIS B 159 14.89 -52.26 24.92
CA HIS B 159 15.58 -53.04 23.91
C HIS B 159 16.51 -54.06 24.55
N TYR B 160 17.03 -53.71 25.73
CA TYR B 160 18.04 -54.52 26.41
C TYR B 160 17.58 -55.94 26.70
N ILE B 161 16.31 -56.12 27.06
CA ILE B 161 15.87 -57.44 27.46
C ILE B 161 15.68 -58.40 26.28
N TYR B 162 15.51 -57.84 25.07
CA TYR B 162 15.33 -58.65 23.86
C TYR B 162 16.57 -58.70 22.95
N ARG B 163 17.61 -57.96 23.30
CA ARG B 163 18.76 -57.79 22.42
C ARG B 163 19.45 -59.10 22.04
N ASP B 164 19.74 -59.94 23.02
CA ASP B 164 20.43 -61.23 22.77
C ASP B 164 19.67 -62.08 21.76
N GLU B 165 18.36 -62.23 22.00
CA GLU B 165 17.46 -62.95 21.12
C GLU B 165 17.42 -62.33 19.73
N ALA B 166 17.28 -61.01 19.69
CA ALA B 166 17.15 -60.28 18.42
C ALA B 166 18.42 -60.39 17.57
N LEU B 167 19.59 -60.16 18.19
CA LEU B 167 20.87 -60.26 17.48
C LEU B 167 21.09 -61.64 16.89
N ASN B 168 20.73 -62.67 17.64
CA ASN B 168 20.89 -64.03 17.15
C ASN B 168 19.99 -64.33 15.94
N ASN B 169 18.75 -63.86 16.00
CA ASN B 169 17.83 -63.96 14.87
C ASN B 169 18.28 -63.15 13.64
N ARG B 170 18.77 -61.94 13.85
CA ARG B 170 19.21 -61.08 12.76
C ARG B 170 20.44 -61.64 12.04
N PHE B 171 21.40 -62.16 12.80
CA PHE B 171 22.72 -62.45 12.28
C PHE B 171 23.09 -63.93 12.18
N GLN B 172 22.20 -64.81 12.61
CA GLN B 172 22.46 -66.25 12.49
C GLN B 172 21.33 -67.00 11.80
N ASN C 7 39.11 -54.72 -5.77
CA ASN C 7 38.52 -55.85 -5.00
C ASN C 7 37.19 -56.32 -5.59
N ASN C 8 37.17 -57.56 -6.08
CA ASN C 8 35.99 -58.13 -6.74
C ASN C 8 34.82 -58.50 -5.83
N ASN C 9 35.07 -58.59 -4.52
CA ASN C 9 34.04 -59.01 -3.57
C ASN C 9 33.19 -57.87 -3.00
N THR C 10 33.44 -56.65 -3.48
CA THR C 10 32.73 -55.47 -3.01
C THR C 10 32.47 -54.50 -4.16
N ALA C 11 31.70 -53.46 -3.88
CA ALA C 11 31.47 -52.38 -4.84
C ALA C 11 31.29 -51.08 -4.07
N THR C 12 31.44 -49.98 -4.79
CA THR C 12 31.21 -48.67 -4.21
C THR C 12 30.15 -47.97 -5.05
N LEU C 13 29.15 -47.41 -4.38
CA LEU C 13 28.09 -46.65 -5.04
C LEU C 13 28.00 -45.26 -4.39
N CYS C 14 28.27 -44.22 -5.16
CA CYS C 14 28.29 -42.86 -4.67
C CYS C 14 27.11 -42.10 -5.21
N LEU C 15 26.49 -41.30 -4.36
CA LEU C 15 25.39 -40.46 -4.78
C LEU C 15 25.90 -39.04 -4.93
N GLY C 16 25.33 -38.30 -5.87
CA GLY C 16 25.80 -36.94 -6.08
C GLY C 16 24.80 -36.12 -6.84
N HIS C 17 25.20 -34.88 -7.09
CA HIS C 17 24.39 -33.90 -7.78
C HIS C 17 25.31 -33.12 -8.74
N HIS C 18 24.72 -32.43 -9.71
CA HIS C 18 25.53 -31.76 -10.70
C HIS C 18 26.08 -30.44 -10.18
N ALA C 19 27.06 -29.90 -10.89
CA ALA C 19 27.60 -28.58 -10.64
C ALA C 19 28.04 -28.00 -11.98
N VAL C 20 28.21 -26.69 -12.01
CA VAL C 20 28.73 -26.04 -13.22
C VAL C 20 30.00 -25.27 -12.90
N ALA C 21 30.88 -25.13 -13.87
CA ALA C 21 32.11 -24.35 -13.68
C ALA C 21 31.77 -22.90 -13.36
N ASN C 22 30.76 -22.36 -14.03
CA ASN C 22 30.39 -20.97 -13.84
C ASN C 22 28.98 -20.79 -13.29
N GLY C 23 28.89 -20.61 -11.97
CA GLY C 23 27.62 -20.38 -11.31
C GLY C 23 27.28 -18.91 -11.21
N THR C 24 26.31 -18.60 -10.36
CA THR C 24 25.81 -17.25 -10.23
C THR C 24 25.31 -16.98 -8.80
N LEU C 25 25.49 -15.74 -8.32
CA LEU C 25 25.19 -15.41 -6.93
C LEU C 25 23.76 -14.92 -6.73
N VAL C 26 23.08 -15.47 -5.73
CA VAL C 26 21.73 -15.01 -5.34
C VAL C 26 21.64 -14.77 -3.82
N LYS C 27 20.57 -14.11 -3.41
CA LYS C 27 20.31 -13.85 -2.00
C LYS C 27 19.17 -14.73 -1.51
N THR C 28 19.30 -15.23 -0.28
CA THR C 28 18.22 -16.00 0.37
C THR C 28 17.92 -15.38 1.72
N ILE C 29 16.97 -15.96 2.43
CA ILE C 29 16.67 -15.58 3.82
C ILE C 29 17.86 -15.86 4.73
N SER C 30 18.60 -16.92 4.42
CA SER C 30 19.77 -17.38 5.18
C SER C 30 21.09 -16.67 4.86
N ASP C 31 21.27 -16.27 3.60
CA ASP C 31 22.59 -15.82 3.10
C ASP C 31 22.48 -14.56 2.27
N ASP C 32 23.37 -13.60 2.52
CA ASP C 32 23.46 -12.40 1.68
C ASP C 32 23.79 -12.77 0.22
N GLN C 33 24.72 -13.71 0.04
CA GLN C 33 25.06 -14.19 -1.30
C GLN C 33 25.41 -15.66 -1.21
N ILE C 34 24.86 -16.43 -2.12
CA ILE C 34 25.17 -17.84 -2.18
C ILE C 34 25.16 -18.22 -3.66
N GLU C 35 26.08 -19.09 -4.06
CA GLU C 35 26.22 -19.44 -5.47
C GLU C 35 25.32 -20.59 -5.86
N VAL C 36 24.49 -20.36 -6.89
CA VAL C 36 23.66 -21.40 -7.46
C VAL C 36 24.07 -21.68 -8.91
N THR C 37 23.57 -22.79 -9.45
CA THR C 37 23.95 -23.25 -10.80
C THR C 37 23.35 -22.37 -11.87
N ASN C 38 22.28 -21.66 -11.54
CA ASN C 38 21.53 -20.92 -12.54
C ASN C 38 20.55 -19.95 -11.87
N ALA C 39 20.39 -18.79 -12.48
CA ALA C 39 19.46 -17.80 -11.97
C ALA C 39 18.91 -16.98 -13.11
N THR C 40 17.87 -16.23 -12.83
CA THR C 40 17.28 -15.37 -13.85
C THR C 40 16.90 -14.01 -13.29
N GLU C 41 17.08 -12.98 -14.12
CA GLU C 41 16.79 -11.60 -13.76
C GLU C 41 15.30 -11.32 -13.75
N LEU C 42 14.78 -10.69 -12.70
CA LEU C 42 13.34 -10.43 -12.63
C LEU C 42 12.96 -8.98 -12.86
N VAL C 43 13.96 -8.11 -13.00
CA VAL C 43 13.69 -6.69 -13.15
C VAL C 43 14.07 -6.25 -14.58
N GLN C 44 13.09 -5.72 -15.32
CA GLN C 44 13.35 -5.14 -16.63
C GLN C 44 13.97 -3.75 -16.46
N SER C 45 15.23 -3.60 -16.89
CA SER C 45 15.87 -2.30 -16.73
C SER C 45 16.22 -1.62 -18.06
N ILE C 46 15.97 -2.30 -19.16
CA ILE C 46 16.29 -1.79 -20.50
C ILE C 46 14.98 -1.53 -21.25
N SER C 47 14.88 -0.38 -21.93
CA SER C 47 13.72 -0.08 -22.78
C SER C 47 14.10 -0.26 -24.23
N MET C 48 13.10 -0.24 -25.12
CA MET C 48 13.37 -0.35 -26.55
C MET C 48 13.81 0.98 -27.15
N GLY C 49 13.73 2.05 -26.35
CA GLY C 49 14.16 3.39 -26.80
C GLY C 49 13.19 4.01 -27.80
N LYS C 50 12.12 3.28 -28.09
CA LYS C 50 11.10 3.75 -29.01
C LYS C 50 9.74 3.30 -28.49
N ILE C 51 8.70 4.04 -28.83
CA ILE C 51 7.33 3.63 -28.49
C ILE C 51 6.77 2.83 -29.66
N CYS C 52 6.44 1.57 -29.40
CA CYS C 52 5.85 0.67 -30.38
C CYS C 52 4.38 0.98 -30.60
N ASN C 53 3.94 0.97 -31.86
CA ASN C 53 2.58 1.39 -32.15
C ASN C 53 1.64 0.30 -32.66
N ASN C 54 1.98 -0.95 -32.37
CA ASN C 54 1.29 -2.10 -32.96
C ASN C 54 0.17 -2.72 -32.13
N SER C 55 0.26 -2.60 -30.81
CA SER C 55 -0.76 -3.18 -29.94
C SER C 55 -1.81 -2.15 -29.57
N TYR C 56 -1.37 -0.98 -29.12
CA TYR C 56 -2.30 0.10 -28.82
C TYR C 56 -2.26 1.16 -29.91
N ARG C 57 -3.37 1.89 -30.08
CA ARG C 57 -3.38 3.01 -31.02
C ARG C 57 -2.70 4.20 -30.35
N ILE C 58 -1.53 4.53 -30.89
CA ILE C 58 -0.69 5.60 -30.40
C ILE C 58 -0.84 6.80 -31.34
N LEU C 59 -1.19 7.96 -30.77
CA LEU C 59 -1.31 9.20 -31.54
C LEU C 59 -0.18 10.13 -31.11
N ASP C 60 0.70 10.47 -32.05
CA ASP C 60 1.78 11.41 -31.77
C ASP C 60 1.23 12.84 -31.84
N GLY C 61 1.35 13.57 -30.73
CA GLY C 61 0.88 14.95 -30.66
C GLY C 61 1.72 15.93 -31.45
N ARG C 62 2.98 15.55 -31.73
CA ARG C 62 3.95 16.40 -32.44
C ARG C 62 4.10 17.77 -31.74
N ASN C 63 3.73 18.86 -32.40
CA ASN C 63 3.83 20.19 -31.77
C ASN C 63 2.57 20.62 -31.03
N CYS C 64 1.67 19.66 -30.78
CA CYS C 64 0.39 20.00 -30.19
C CYS C 64 0.18 19.30 -28.85
N THR C 65 -0.39 20.02 -27.89
CA THR C 65 -0.93 19.39 -26.69
C THR C 65 -2.32 18.87 -27.04
N LEU C 66 -2.82 17.98 -26.19
CA LEU C 66 -4.14 17.42 -26.36
C LEU C 66 -5.18 18.54 -26.31
N ILE C 67 -5.02 19.45 -25.35
CA ILE C 67 -5.91 20.59 -25.18
C ILE C 67 -5.95 21.48 -26.43
N ASP C 68 -4.78 21.77 -27.00
CA ASP C 68 -4.71 22.60 -28.21
C ASP C 68 -5.33 21.91 -29.41
N ALA C 69 -5.14 20.59 -29.51
CA ALA C 69 -5.84 19.82 -30.53
C ALA C 69 -7.35 19.87 -30.32
N MET C 70 -7.79 19.79 -29.06
CA MET C 70 -9.19 19.89 -28.73
C MET C 70 -9.79 21.25 -29.17
N LEU C 71 -9.13 22.35 -28.81
CA LEU C 71 -9.63 23.69 -29.12
C LEU C 71 -9.58 24.03 -30.61
N GLY C 72 -8.63 23.44 -31.33
CA GLY C 72 -8.47 23.73 -32.73
C GLY C 72 -7.53 24.89 -33.01
N ASP C 73 -6.41 24.92 -32.29
CA ASP C 73 -5.28 25.78 -32.65
C ASP C 73 -4.89 25.43 -34.12
N PRO C 74 -4.74 26.45 -34.99
CA PRO C 74 -4.45 26.21 -36.42
C PRO C 74 -3.39 25.17 -36.74
N HIS C 75 -2.26 25.17 -36.04
CA HIS C 75 -1.22 24.19 -36.36
C HIS C 75 -1.58 22.76 -35.88
N CYS C 76 -2.72 22.64 -35.21
CA CYS C 76 -3.22 21.37 -34.71
C CYS C 76 -4.38 20.83 -35.54
N ASP C 77 -4.77 21.56 -36.57
CA ASP C 77 -5.87 21.15 -37.46
C ASP C 77 -5.80 19.70 -37.97
N VAL C 78 -4.60 19.14 -38.11
CA VAL C 78 -4.46 17.72 -38.52
C VAL C 78 -5.10 16.73 -37.53
N PHE C 79 -5.26 17.17 -36.27
CA PHE C 79 -5.75 16.32 -35.18
C PHE C 79 -7.26 16.22 -35.07
N GLN C 80 -7.96 16.99 -35.90
CA GLN C 80 -9.43 16.97 -35.95
C GLN C 80 -10.00 15.55 -36.00
N TYR C 81 -10.95 15.27 -35.12
CA TYR C 81 -11.72 14.00 -35.09
C TYR C 81 -10.89 12.74 -34.85
N GLU C 82 -9.70 12.89 -34.29
CA GLU C 82 -8.83 11.75 -34.00
C GLU C 82 -9.31 10.93 -32.79
N ASN C 83 -8.84 9.67 -32.72
CA ASN C 83 -9.01 8.87 -31.53
C ASN C 83 -7.72 8.10 -31.22
N TRP C 84 -7.60 7.63 -29.98
CA TRP C 84 -6.35 7.04 -29.50
C TRP C 84 -6.59 6.10 -28.32
N ASP C 85 -5.63 5.19 -28.13
CA ASP C 85 -5.46 4.53 -26.84
C ASP C 85 -4.52 5.38 -25.99
N LEU C 86 -3.46 5.87 -26.62
CA LEU C 86 -2.51 6.72 -25.94
C LEU C 86 -2.10 7.92 -26.80
N PHE C 87 -2.46 9.10 -26.32
CA PHE C 87 -2.01 10.36 -26.89
C PHE C 87 -0.62 10.68 -26.30
N ILE C 88 0.36 10.94 -27.17
CA ILE C 88 1.71 11.29 -26.71
C ILE C 88 1.95 12.80 -26.87
N GLU C 89 2.24 13.49 -25.77
CA GLU C 89 2.59 14.91 -25.81
C GLU C 89 4.11 15.08 -25.76
N ARG C 90 4.65 15.92 -26.64
CA ARG C 90 6.07 16.17 -26.73
C ARG C 90 6.41 17.39 -25.89
N SER C 91 7.61 17.44 -25.36
CA SER C 91 7.99 18.57 -24.51
C SER C 91 8.17 19.85 -25.33
N SER C 92 8.34 19.70 -26.64
CA SER C 92 8.49 20.86 -27.52
C SER C 92 7.15 21.36 -28.11
N ALA C 93 6.03 20.79 -27.68
CA ALA C 93 4.71 21.28 -28.09
C ALA C 93 4.51 22.76 -27.69
N PHE C 94 3.79 23.52 -28.50
CA PHE C 94 3.57 24.93 -28.23
C PHE C 94 2.17 25.39 -28.67
N SER C 95 1.67 26.44 -28.03
CA SER C 95 0.42 27.09 -28.42
C SER C 95 0.73 28.20 -29.41
N ASN C 96 -0.16 28.39 -30.36
CA ASN C 96 0.09 29.39 -31.40
C ASN C 96 -1.18 30.14 -31.79
N CYS C 97 -2.08 30.32 -30.84
CA CYS C 97 -3.33 30.99 -31.11
C CYS C 97 -3.52 32.11 -30.07
N TYR C 98 -4.75 32.52 -29.81
CA TYR C 98 -5.00 33.56 -28.81
C TYR C 98 -4.56 33.05 -27.42
N PRO C 99 -3.83 33.87 -26.64
CA PRO C 99 -3.38 33.42 -25.33
C PRO C 99 -4.57 33.10 -24.43
N TYR C 100 -4.51 31.96 -23.75
CA TYR C 100 -5.65 31.49 -22.97
C TYR C 100 -5.19 30.87 -21.67
N ASP C 101 -6.14 30.69 -20.76
CA ASP C 101 -5.95 29.86 -19.61
C ASP C 101 -7.22 29.02 -19.38
N ILE C 102 -7.05 27.91 -18.68
CA ILE C 102 -8.16 27.04 -18.34
C ILE C 102 -8.04 26.73 -16.85
N PRO C 103 -8.91 27.35 -16.01
CA PRO C 103 -9.00 26.89 -14.62
C PRO C 103 -9.22 25.37 -14.61
N ASP C 104 -8.48 24.64 -13.80
CA ASP C 104 -8.61 23.17 -13.77
C ASP C 104 -8.26 22.53 -15.11
N TYR C 105 -7.27 23.11 -15.78
CA TYR C 105 -6.66 22.55 -16.98
C TYR C 105 -6.40 21.04 -16.80
N ALA C 106 -5.79 20.67 -15.68
CA ALA C 106 -5.35 19.28 -15.46
C ALA C 106 -6.54 18.32 -15.50
N SER C 107 -7.66 18.75 -14.94
CA SER C 107 -8.86 17.93 -14.95
C SER C 107 -9.47 17.78 -16.36
N LEU C 108 -9.58 18.88 -17.10
CA LEU C 108 -10.08 18.80 -18.49
C LEU C 108 -9.20 17.86 -19.32
N ARG C 109 -7.89 18.03 -19.22
CA ARG C 109 -6.95 17.21 -19.98
C ARG C 109 -7.17 15.73 -19.62
N SER C 110 -7.34 15.44 -18.33
CA SER C 110 -7.55 14.05 -17.88
C SER C 110 -8.86 13.47 -18.41
N ILE C 111 -9.93 14.24 -18.33
CA ILE C 111 -11.24 13.79 -18.77
C ILE C 111 -11.19 13.43 -20.25
N VAL C 112 -10.56 14.29 -21.04
CA VAL C 112 -10.48 14.11 -22.49
C VAL C 112 -9.54 12.95 -22.84
N ALA C 113 -8.39 12.90 -22.17
CA ALA C 113 -7.39 11.86 -22.42
C ALA C 113 -8.00 10.50 -22.19
N SER C 114 -8.77 10.39 -21.10
CA SER C 114 -9.42 9.15 -20.68
C SER C 114 -10.51 8.73 -21.65
N SER C 115 -11.28 9.70 -22.13
CA SER C 115 -12.36 9.43 -23.08
C SER C 115 -11.80 8.87 -24.39
N GLY C 116 -10.66 9.39 -24.84
CA GLY C 116 -9.91 8.81 -25.95
C GLY C 116 -10.35 9.21 -27.35
N THR C 117 -11.12 10.29 -27.45
CA THR C 117 -11.63 10.75 -28.74
C THR C 117 -11.81 12.27 -28.78
N LEU C 118 -11.66 12.85 -29.97
CA LEU C 118 -11.93 14.26 -30.18
C LEU C 118 -13.08 14.45 -31.16
N GLU C 119 -13.91 13.42 -31.28
CA GLU C 119 -15.07 13.45 -32.16
C GLU C 119 -15.95 14.66 -31.85
N PHE C 120 -16.03 15.57 -32.81
CA PHE C 120 -16.74 16.84 -32.65
C PHE C 120 -17.94 16.90 -33.60
N THR C 121 -19.05 17.45 -33.12
CA THR C 121 -20.24 17.63 -33.96
C THR C 121 -20.73 19.06 -33.86
N ALA C 122 -20.70 19.78 -34.97
CA ALA C 122 -21.23 21.13 -35.03
C ALA C 122 -22.73 21.14 -34.72
N GLU C 123 -23.18 22.21 -34.06
CA GLU C 123 -24.60 22.41 -33.82
C GLU C 123 -25.06 23.77 -34.31
N GLY C 124 -26.33 23.84 -34.69
CA GLY C 124 -26.89 25.04 -35.27
C GLY C 124 -27.34 26.08 -34.26
N PHE C 125 -26.39 26.59 -33.49
CA PHE C 125 -26.64 27.75 -32.63
C PHE C 125 -26.97 28.98 -33.49
N THR C 126 -28.02 29.69 -33.11
CA THR C 126 -28.37 30.95 -33.77
C THR C 126 -27.93 32.06 -32.84
N TRP C 127 -27.15 33.01 -33.35
CA TRP C 127 -26.67 34.10 -32.52
C TRP C 127 -27.21 35.41 -33.07
N THR C 128 -28.46 35.71 -32.71
CA THR C 128 -29.17 36.85 -33.28
C THR C 128 -28.56 38.19 -32.88
N GLY C 129 -28.24 39.03 -33.86
CA GLY C 129 -27.81 40.39 -33.62
C GLY C 129 -26.35 40.60 -33.24
N VAL C 130 -25.52 39.58 -33.40
CA VAL C 130 -24.08 39.74 -33.21
C VAL C 130 -23.27 39.30 -34.44
N THR C 131 -22.05 39.81 -34.55
CA THR C 131 -21.09 39.36 -35.56
C THR C 131 -20.41 38.07 -35.10
N GLN C 132 -20.36 37.07 -35.98
CA GLN C 132 -19.73 35.79 -35.66
C GLN C 132 -18.31 35.69 -36.23
N ASN C 133 -17.59 34.65 -35.84
CA ASN C 133 -16.30 34.30 -36.46
C ASN C 133 -15.20 35.36 -36.26
N GLY C 134 -15.14 35.91 -35.05
CA GLY C 134 -14.08 36.83 -34.67
C GLY C 134 -12.71 36.19 -34.86
N ARG C 135 -11.72 37.04 -35.10
CA ARG C 135 -10.39 36.54 -35.45
C ARG C 135 -9.33 37.45 -34.87
N SER C 136 -8.09 36.98 -34.88
CA SER C 136 -7.00 37.70 -34.25
C SER C 136 -5.67 37.50 -34.97
N GLY C 137 -4.83 38.53 -34.91
CA GLY C 137 -3.44 38.42 -35.37
C GLY C 137 -2.61 37.45 -34.55
N ALA C 138 -3.11 37.08 -33.37
CA ALA C 138 -2.42 36.11 -32.52
C ALA C 138 -2.55 34.67 -33.04
N CYS C 139 -3.46 34.46 -33.98
CA CYS C 139 -3.87 33.11 -34.38
C CYS C 139 -4.01 33.10 -35.90
N LYS C 140 -2.89 32.89 -36.59
CA LYS C 140 -2.91 32.95 -38.04
C LYS C 140 -3.17 31.58 -38.64
N ARG C 141 -4.02 31.55 -39.67
CA ARG C 141 -4.33 30.34 -40.40
C ARG C 141 -4.25 30.70 -41.87
N GLY C 142 -3.38 30.02 -42.60
CA GLY C 142 -3.11 30.35 -44.01
C GLY C 142 -2.56 31.77 -44.18
N SER C 143 -1.83 32.23 -43.16
CA SER C 143 -1.22 33.56 -43.10
C SER C 143 -2.21 34.70 -42.89
N ALA C 144 -3.43 34.38 -42.49
CA ALA C 144 -4.44 35.40 -42.24
C ALA C 144 -4.93 35.29 -40.81
N ASP C 145 -5.42 36.40 -40.25
CA ASP C 145 -5.98 36.39 -38.89
C ASP C 145 -7.07 35.34 -38.79
N SER C 146 -7.06 34.59 -37.69
CA SER C 146 -8.03 33.52 -37.50
C SER C 146 -8.30 33.29 -36.01
N PHE C 147 -8.80 32.11 -35.66
CA PHE C 147 -9.18 31.77 -34.29
C PHE C 147 -9.26 30.26 -34.13
N PHE C 148 -9.42 29.79 -32.88
CA PHE C 148 -9.63 28.37 -32.58
C PHE C 148 -10.78 27.84 -33.42
N SER C 149 -10.55 26.73 -34.10
CA SER C 149 -11.58 26.19 -35.00
C SER C 149 -12.88 25.81 -34.25
N ARG C 150 -12.76 25.45 -32.97
CA ARG C 150 -13.93 24.92 -32.23
C ARG C 150 -14.68 25.97 -31.46
N LEU C 151 -14.21 27.21 -31.54
CA LEU C 151 -14.81 28.28 -30.77
C LEU C 151 -15.28 29.37 -31.73
N ASN C 152 -16.26 30.15 -31.28
CA ASN C 152 -16.89 31.16 -32.12
C ASN C 152 -16.91 32.48 -31.38
N TRP C 153 -15.97 33.35 -31.73
CA TRP C 153 -15.81 34.63 -31.04
C TRP C 153 -16.86 35.63 -31.53
N LEU C 154 -17.82 35.95 -30.68
CA LEU C 154 -18.91 36.87 -31.05
C LEU C 154 -18.57 38.30 -30.67
N THR C 155 -18.96 39.24 -31.53
CA THR C 155 -18.75 40.68 -31.25
C THR C 155 -20.00 41.47 -31.67
N LYS C 156 -20.04 42.75 -31.36
CA LYS C 156 -21.17 43.63 -31.71
C LYS C 156 -21.52 43.57 -33.20
N SER C 157 -22.79 43.81 -33.50
CA SER C 157 -23.23 44.04 -34.88
C SER C 157 -23.80 45.45 -34.92
N GLY C 158 -23.29 46.27 -35.83
CA GLY C 158 -23.63 47.68 -35.89
C GLY C 158 -23.11 48.37 -34.64
N ASN C 159 -24.02 48.96 -33.87
CA ASN C 159 -23.66 49.58 -32.60
C ASN C 159 -24.34 48.86 -31.45
N SER C 160 -24.67 47.59 -31.65
CA SER C 160 -25.40 46.82 -30.65
C SER C 160 -24.81 45.45 -30.37
N TYR C 161 -25.02 44.99 -29.15
CA TYR C 161 -24.73 43.62 -28.76
C TYR C 161 -25.85 43.22 -27.80
N PRO C 162 -26.90 42.58 -28.34
CA PRO C 162 -28.06 42.23 -27.52
C PRO C 162 -27.73 41.13 -26.53
N THR C 163 -28.58 40.95 -25.52
CA THR C 163 -28.44 39.82 -24.61
C THR C 163 -28.70 38.56 -25.43
N LEU C 164 -27.67 37.74 -25.59
CA LEU C 164 -27.83 36.44 -26.22
C LEU C 164 -28.46 35.46 -25.24
N ASN C 165 -29.39 34.66 -25.74
CA ASN C 165 -30.09 33.70 -24.90
C ASN C 165 -30.55 32.52 -25.73
N VAL C 166 -29.74 31.46 -25.73
CA VAL C 166 -29.95 30.32 -26.60
C VAL C 166 -29.96 29.02 -25.81
N THR C 167 -30.57 28.00 -26.43
CA THR C 167 -30.75 26.73 -25.78
C THR C 167 -30.45 25.55 -26.73
N MET C 168 -29.91 24.48 -26.18
CA MET C 168 -29.58 23.28 -26.95
C MET C 168 -29.88 22.00 -26.17
N PRO C 169 -31.00 21.35 -26.47
CA PRO C 169 -31.38 20.10 -25.80
C PRO C 169 -30.46 18.94 -26.16
N ASN C 170 -30.18 18.06 -25.20
CA ASN C 170 -29.48 16.81 -25.50
C ASN C 170 -30.48 15.68 -25.66
N ASN C 171 -30.91 15.47 -26.89
CA ASN C 171 -31.85 14.39 -27.19
C ASN C 171 -31.14 13.11 -27.64
N LYS C 172 -29.84 13.04 -27.36
CA LYS C 172 -29.01 11.88 -27.66
C LYS C 172 -29.01 10.93 -26.46
N ASN C 173 -28.31 9.81 -26.58
CA ASN C 173 -28.17 8.86 -25.49
C ASN C 173 -26.76 8.80 -24.87
N PHE C 174 -25.96 9.82 -25.15
CA PHE C 174 -24.63 9.95 -24.56
C PHE C 174 -24.44 11.36 -24.02
N ASP C 175 -23.40 11.54 -23.22
CA ASP C 175 -23.09 12.83 -22.61
C ASP C 175 -22.35 13.73 -23.58
N LYS C 176 -22.76 14.99 -23.65
CA LYS C 176 -22.11 15.98 -24.51
C LYS C 176 -21.15 16.82 -23.68
N LEU C 177 -20.00 17.11 -24.26
CA LEU C 177 -19.01 17.99 -23.67
C LEU C 177 -18.92 19.27 -24.49
N TYR C 178 -19.23 20.39 -23.84
CA TYR C 178 -19.22 21.69 -24.48
C TYR C 178 -18.05 22.49 -23.92
N ILE C 179 -17.22 23.02 -24.83
CA ILE C 179 -16.08 23.85 -24.47
C ILE C 179 -16.43 25.27 -24.92
N TRP C 180 -16.27 26.23 -24.02
CA TRP C 180 -16.66 27.60 -24.31
C TRP C 180 -15.76 28.51 -23.50
N GLY C 181 -15.90 29.81 -23.72
CA GLY C 181 -14.99 30.75 -23.10
C GLY C 181 -15.51 32.14 -22.91
N ILE C 182 -14.68 32.95 -22.29
CA ILE C 182 -14.97 34.37 -22.09
C ILE C 182 -13.71 35.15 -22.47
N HIS C 183 -13.89 36.27 -23.14
CA HIS C 183 -12.76 37.14 -23.46
C HIS C 183 -12.54 38.19 -22.36
N HIS C 184 -11.31 38.28 -21.87
CA HIS C 184 -10.91 39.35 -20.97
C HIS C 184 -10.13 40.38 -21.80
N PRO C 185 -10.77 41.53 -22.13
CA PRO C 185 -10.05 42.55 -22.92
C PRO C 185 -8.98 43.30 -22.09
N SER C 186 -8.04 43.91 -22.81
CA SER C 186 -6.92 44.58 -22.17
C SER C 186 -7.28 45.99 -21.68
N SER C 187 -8.40 46.54 -22.15
CA SER C 187 -8.79 47.91 -21.83
C SER C 187 -10.30 48.12 -21.94
N ASN C 188 -10.79 49.16 -21.26
CA ASN C 188 -12.20 49.56 -21.37
C ASN C 188 -12.59 49.95 -22.79
N GLN C 189 -11.63 50.52 -23.52
CA GLN C 189 -11.83 50.92 -24.91
C GLN C 189 -12.16 49.69 -25.76
N GLU C 190 -11.36 48.64 -25.60
CA GLU C 190 -11.58 47.41 -26.35
C GLU C 190 -12.90 46.75 -25.96
N GLN C 191 -13.20 46.74 -24.66
CA GLN C 191 -14.45 46.17 -24.15
C GLN C 191 -15.66 46.78 -24.87
N THR C 192 -15.74 48.11 -24.85
CA THR C 192 -16.89 48.81 -25.44
C THR C 192 -16.87 48.74 -26.97
N LYS C 193 -15.67 48.74 -27.55
CA LYS C 193 -15.52 48.59 -29.00
C LYS C 193 -16.06 47.26 -29.51
N LEU C 194 -15.74 46.19 -28.79
CA LEU C 194 -16.15 44.85 -29.19
C LEU C 194 -17.57 44.47 -28.78
N TYR C 195 -17.99 44.91 -27.59
CA TYR C 195 -19.21 44.35 -26.97
C TYR C 195 -20.27 45.38 -26.56
N ILE C 196 -20.01 46.66 -26.82
CA ILE C 196 -20.88 47.79 -26.42
C ILE C 196 -20.98 47.97 -24.90
N GLN C 197 -21.48 46.96 -24.20
CA GLN C 197 -21.60 46.98 -22.74
C GLN C 197 -20.25 47.17 -22.07
N GLU C 198 -20.22 47.98 -21.02
CA GLU C 198 -18.99 48.27 -20.27
C GLU C 198 -18.49 47.06 -19.49
N SER C 199 -19.42 46.15 -19.17
CA SER C 199 -19.08 44.91 -18.48
C SER C 199 -19.95 43.77 -18.98
N GLY C 200 -19.30 42.71 -19.46
CA GLY C 200 -19.98 41.52 -19.96
C GLY C 200 -20.28 40.51 -18.87
N ARG C 201 -20.83 39.38 -19.29
CA ARG C 201 -21.24 38.31 -18.38
C ARG C 201 -21.63 37.14 -19.24
N VAL C 202 -21.18 35.95 -18.84
CA VAL C 202 -21.54 34.71 -19.51
C VAL C 202 -22.12 33.73 -18.48
N THR C 203 -23.36 33.30 -18.71
CA THR C 203 -23.98 32.28 -17.87
C THR C 203 -24.28 31.05 -18.72
N VAL C 204 -23.69 29.93 -18.35
CA VAL C 204 -23.88 28.66 -19.03
C VAL C 204 -24.41 27.71 -17.99
N SER C 205 -25.57 27.13 -18.25
CA SER C 205 -26.21 26.29 -17.26
C SER C 205 -26.91 25.09 -17.88
N THR C 206 -27.29 24.17 -17.01
CA THR C 206 -28.18 23.08 -17.32
C THR C 206 -29.19 23.02 -16.17
N LYS C 207 -29.92 21.91 -16.07
CA LYS C 207 -30.85 21.71 -14.95
C LYS C 207 -30.13 21.44 -13.63
N ARG C 208 -28.88 20.98 -13.68
CA ARG C 208 -28.18 20.57 -12.46
C ARG C 208 -26.90 21.34 -12.15
N SER C 209 -26.50 22.23 -13.04
CA SER C 209 -25.30 23.04 -12.81
C SER C 209 -25.42 24.41 -13.48
N GLN C 210 -24.71 25.39 -12.94
CA GLN C 210 -24.63 26.73 -13.52
C GLN C 210 -23.23 27.30 -13.33
N GLN C 211 -22.77 28.06 -14.32
CA GLN C 211 -21.50 28.77 -14.23
C GLN C 211 -21.74 30.18 -14.75
N THR C 212 -21.35 31.18 -13.97
CA THR C 212 -21.42 32.58 -14.42
C THR C 212 -20.04 33.21 -14.27
N ILE C 213 -19.51 33.71 -15.38
CA ILE C 213 -18.17 34.30 -15.40
C ILE C 213 -18.27 35.75 -15.82
N ILE C 214 -17.52 36.60 -15.10
CA ILE C 214 -17.42 38.03 -15.42
C ILE C 214 -16.01 38.29 -15.93
N PRO C 215 -15.91 39.04 -17.03
CA PRO C 215 -14.56 39.31 -17.55
C PRO C 215 -13.85 40.25 -16.61
N ASN C 216 -12.53 40.17 -16.59
CA ASN C 216 -11.74 41.12 -15.83
C ASN C 216 -10.86 41.90 -16.80
N ILE C 217 -11.08 43.20 -16.86
CA ILE C 217 -10.41 44.05 -17.84
C ILE C 217 -9.04 44.45 -17.33
N GLY C 218 -8.03 44.33 -18.19
CA GLY C 218 -6.67 44.79 -17.89
C GLY C 218 -5.59 44.07 -18.67
N SER C 219 -4.37 44.57 -18.58
CA SER C 219 -3.22 43.99 -19.27
C SER C 219 -2.66 42.75 -18.60
N ARG C 220 -2.48 41.71 -19.40
CA ARG C 220 -1.63 40.58 -19.03
C ARG C 220 -0.39 40.66 -19.93
N PRO C 221 0.67 39.88 -19.65
CA PRO C 221 1.83 40.02 -20.54
C PRO C 221 1.53 39.70 -22.02
N TRP C 222 2.11 40.55 -22.88
CA TRP C 222 2.04 40.44 -24.32
C TRP C 222 2.39 39.02 -24.77
N VAL C 223 1.49 38.41 -25.53
CA VAL C 223 1.74 37.10 -26.14
C VAL C 223 1.14 37.21 -27.54
N ARG C 224 2.00 37.16 -28.56
CA ARG C 224 1.60 37.21 -29.96
C ARG C 224 0.72 38.42 -30.29
N GLY C 225 1.13 39.59 -29.82
CA GLY C 225 0.42 40.83 -30.06
C GLY C 225 -0.69 41.12 -29.07
N GLN C 226 -1.01 40.16 -28.20
CA GLN C 226 -2.21 40.27 -27.37
C GLN C 226 -1.90 40.43 -25.90
N SER C 227 -2.51 41.43 -25.27
CA SER C 227 -2.41 41.56 -23.81
C SER C 227 -3.72 41.16 -23.10
N GLY C 228 -4.76 40.88 -23.88
CA GLY C 228 -5.99 40.28 -23.35
C GLY C 228 -5.83 38.77 -23.23
N ARG C 229 -6.87 38.10 -22.72
CA ARG C 229 -6.86 36.66 -22.55
C ARG C 229 -8.22 36.07 -22.79
N ILE C 230 -8.25 34.81 -23.21
CA ILE C 230 -9.50 34.04 -23.15
C ILE C 230 -9.42 33.03 -22.02
N SER C 231 -10.47 32.93 -21.21
CA SER C 231 -10.57 31.85 -20.21
C SER C 231 -11.53 30.80 -20.71
N ILE C 232 -11.11 29.55 -20.57
CA ILE C 232 -11.83 28.42 -21.14
C ILE C 232 -12.52 27.63 -20.03
N TYR C 233 -13.76 27.25 -20.29
CA TYR C 233 -14.61 26.51 -19.35
C TYR C 233 -15.27 25.36 -20.09
N TRP C 234 -15.82 24.42 -19.33
CA TRP C 234 -16.51 23.31 -19.94
C TRP C 234 -17.78 22.94 -19.20
N THR C 235 -18.72 22.35 -19.93
CA THR C 235 -19.98 21.92 -19.39
C THR C 235 -20.37 20.59 -20.04
N ILE C 236 -20.82 19.65 -19.20
CA ILE C 236 -21.29 18.35 -19.67
C ILE C 236 -22.81 18.33 -19.60
N VAL C 237 -23.44 17.94 -20.69
CA VAL C 237 -24.89 17.90 -20.76
C VAL C 237 -25.30 16.45 -20.96
N LYS C 238 -26.00 15.90 -19.96
CA LYS C 238 -26.46 14.53 -19.96
C LYS C 238 -27.73 14.37 -20.81
N PRO C 239 -27.99 13.15 -21.29
CA PRO C 239 -29.21 12.86 -22.04
C PRO C 239 -30.46 13.35 -21.29
N GLY C 240 -31.35 14.04 -21.98
CA GLY C 240 -32.57 14.57 -21.38
C GLY C 240 -32.41 15.97 -20.81
N ASP C 241 -31.17 16.37 -20.57
CA ASP C 241 -30.87 17.71 -20.08
C ASP C 241 -30.71 18.68 -21.24
N ILE C 242 -30.61 19.97 -20.93
CA ILE C 242 -30.55 21.01 -21.93
C ILE C 242 -29.46 22.00 -21.55
N LEU C 243 -28.69 22.43 -22.55
CA LEU C 243 -27.70 23.47 -22.36
C LEU C 243 -28.36 24.82 -22.61
N MET C 244 -28.10 25.78 -21.73
CA MET C 244 -28.54 27.15 -21.93
C MET C 244 -27.34 28.07 -21.84
N ILE C 245 -27.28 29.02 -22.77
CA ILE C 245 -26.26 30.06 -22.78
C ILE C 245 -26.90 31.45 -22.76
N ASN C 246 -26.50 32.24 -21.78
CA ASN C 246 -27.02 33.59 -21.62
C ASN C 246 -25.84 34.56 -21.47
N SER C 247 -25.79 35.60 -22.30
CA SER C 247 -24.66 36.52 -22.27
C SER C 247 -25.00 37.91 -22.79
N ASN C 248 -24.51 38.94 -22.12
CA ASN C 248 -24.62 40.28 -22.67
C ASN C 248 -23.26 40.87 -23.08
N GLY C 249 -22.29 39.98 -23.29
CA GLY C 249 -21.01 40.38 -23.91
C GLY C 249 -19.87 39.47 -23.51
N ASN C 250 -18.84 39.37 -24.37
CA ASN C 250 -17.58 38.69 -24.02
C ASN C 250 -17.63 37.16 -24.18
N LEU C 251 -18.76 36.63 -24.64
CA LEU C 251 -18.88 35.20 -24.89
C LEU C 251 -17.96 34.74 -26.05
N VAL C 252 -17.17 33.71 -25.80
CA VAL C 252 -16.49 32.94 -26.85
C VAL C 252 -17.29 31.64 -26.91
N ALA C 253 -18.14 31.53 -27.92
CA ALA C 253 -19.18 30.52 -27.96
C ALA C 253 -18.70 29.16 -28.46
N PRO C 254 -19.35 28.07 -28.02
CA PRO C 254 -19.07 26.77 -28.61
C PRO C 254 -19.66 26.70 -30.02
N ARG C 255 -19.15 25.80 -30.84
CA ARG C 255 -19.71 25.57 -32.18
C ARG C 255 -20.45 24.25 -32.22
N GLY C 256 -20.31 23.48 -31.16
CA GLY C 256 -20.97 22.19 -31.06
C GLY C 256 -20.42 21.46 -29.86
N TYR C 257 -20.43 20.15 -29.91
CA TYR C 257 -20.04 19.35 -28.76
C TYR C 257 -19.08 18.25 -29.13
N PHE C 258 -18.31 17.84 -28.13
CA PHE C 258 -17.52 16.62 -28.16
C PHE C 258 -18.29 15.46 -27.52
N LYS C 259 -18.16 14.29 -28.12
CA LYS C 259 -18.76 13.08 -27.61
C LYS C 259 -17.85 12.56 -26.50
N LEU C 260 -18.42 12.37 -25.31
CA LEU C 260 -17.70 11.76 -24.22
C LEU C 260 -18.05 10.28 -24.17
N LYS C 261 -17.05 9.44 -24.00
CA LYS C 261 -17.28 8.03 -23.79
C LYS C 261 -16.48 7.52 -22.61
N THR C 262 -16.90 6.37 -22.06
CA THR C 262 -16.13 5.71 -21.02
C THR C 262 -14.97 5.02 -21.72
N GLY C 263 -13.76 5.54 -21.52
CA GLY C 263 -12.61 5.03 -22.23
C GLY C 263 -11.60 4.33 -21.35
N LYS C 264 -10.70 3.60 -22.00
CA LYS C 264 -9.52 3.03 -21.37
C LYS C 264 -8.27 3.72 -21.94
N SER C 265 -8.45 4.95 -22.38
CA SER C 265 -7.37 5.73 -22.99
C SER C 265 -6.63 6.58 -21.99
N SER C 266 -5.46 7.06 -22.40
CA SER C 266 -4.68 7.98 -21.60
C SER C 266 -3.85 8.93 -22.47
N VAL C 267 -3.03 9.73 -21.79
CA VAL C 267 -2.11 10.67 -22.39
C VAL C 267 -0.79 10.46 -21.65
N MET C 268 0.33 10.59 -22.36
CA MET C 268 1.64 10.45 -21.76
C MET C 268 2.62 11.46 -22.35
N ARG C 269 3.48 12.01 -21.50
CA ARG C 269 4.56 12.90 -21.94
C ARG C 269 5.82 12.09 -22.28
N SER C 270 6.32 12.26 -23.49
CA SER C 270 7.52 11.55 -23.95
C SER C 270 8.10 12.25 -25.16
N ASP C 271 9.41 12.11 -25.33
CA ASP C 271 10.11 12.68 -26.45
C ASP C 271 10.72 11.62 -27.36
N VAL C 272 10.54 10.34 -27.01
CA VAL C 272 11.12 9.26 -27.82
C VAL C 272 10.31 9.03 -29.11
N PRO C 273 10.97 8.51 -30.16
CA PRO C 273 10.26 8.28 -31.41
C PRO C 273 9.19 7.20 -31.29
N ILE C 274 8.16 7.31 -32.12
CA ILE C 274 7.14 6.29 -32.25
C ILE C 274 7.43 5.51 -33.53
N ASP C 275 7.40 4.18 -33.45
CA ASP C 275 7.74 3.31 -34.59
C ASP C 275 7.04 1.96 -34.51
N ILE C 276 7.19 1.15 -35.56
CA ILE C 276 6.63 -0.19 -35.59
C ILE C 276 7.54 -1.15 -34.83
N CYS C 277 6.97 -1.81 -33.83
CA CYS C 277 7.64 -2.88 -33.09
C CYS C 277 6.63 -3.64 -32.22
N VAL C 278 7.09 -4.71 -31.60
CA VAL C 278 6.24 -5.57 -30.79
C VAL C 278 6.44 -5.23 -29.33
N SER C 279 5.36 -4.80 -28.69
CA SER C 279 5.34 -4.50 -27.25
C SER C 279 3.94 -4.20 -26.76
N GLU C 280 3.71 -4.46 -25.47
CA GLU C 280 2.41 -4.28 -24.85
C GLU C 280 2.47 -3.32 -23.65
N CYS C 281 3.63 -2.71 -23.42
CA CYS C 281 3.84 -1.81 -22.27
C CYS C 281 4.61 -0.57 -22.70
N ILE C 282 4.00 0.59 -22.49
CA ILE C 282 4.62 1.86 -22.87
C ILE C 282 5.04 2.67 -21.66
N THR C 283 6.25 3.22 -21.74
CA THR C 283 6.75 4.16 -20.74
C THR C 283 7.29 5.38 -21.50
N PRO C 284 7.52 6.52 -20.80
CA PRO C 284 8.10 7.70 -21.40
C PRO C 284 9.46 7.43 -22.03
N ASN C 285 10.19 6.43 -21.52
CA ASN C 285 11.47 6.02 -22.09
C ASN C 285 11.34 5.13 -23.33
N GLY C 286 10.12 4.75 -23.67
CA GLY C 286 9.91 3.82 -24.77
C GLY C 286 9.16 2.60 -24.28
N SER C 287 8.78 1.75 -25.23
CA SER C 287 8.17 0.48 -24.89
C SER C 287 9.18 -0.40 -24.19
N ILE C 288 8.68 -1.28 -23.33
CA ILE C 288 9.54 -2.24 -22.64
C ILE C 288 8.95 -3.64 -22.75
N SER C 289 9.80 -4.66 -22.74
CA SER C 289 9.32 -6.03 -22.70
CA SER C 289 9.37 -6.05 -22.67
C SER C 289 8.57 -6.28 -21.40
N ASN C 290 7.57 -7.15 -21.46
CA ASN C 290 6.80 -7.41 -20.25
C ASN C 290 6.92 -8.86 -19.75
N GLU C 291 7.99 -9.55 -20.14
CA GLU C 291 8.25 -10.93 -19.72
C GLU C 291 8.53 -11.05 -18.23
N LYS C 292 9.24 -10.07 -17.69
CA LYS C 292 9.63 -10.06 -16.28
C LYS C 292 8.52 -9.45 -15.41
N PRO C 293 8.41 -9.87 -14.13
CA PRO C 293 7.37 -9.34 -13.24
C PRO C 293 7.60 -7.90 -12.78
N PHE C 294 8.86 -7.43 -12.83
CA PHE C 294 9.23 -6.12 -12.31
C PHE C 294 10.01 -5.32 -13.34
N GLN C 295 10.00 -4.00 -13.13
CA GLN C 295 10.74 -3.08 -13.99
C GLN C 295 11.19 -1.87 -13.20
N ASN C 296 12.30 -1.29 -13.63
CA ASN C 296 12.89 -0.14 -12.98
C ASN C 296 13.15 0.95 -14.05
N VAL C 297 12.39 0.90 -15.15
CA VAL C 297 12.54 1.85 -16.24
C VAL C 297 11.84 3.17 -15.91
N ASN C 298 10.58 3.08 -15.48
CA ASN C 298 9.81 4.28 -15.18
C ASN C 298 8.54 3.98 -14.41
N LYS C 299 8.21 4.81 -13.43
CA LYS C 299 6.98 4.65 -12.66
C LYS C 299 5.73 5.01 -13.49
N VAL C 300 5.94 5.80 -14.56
CA VAL C 300 4.88 6.11 -15.54
C VAL C 300 4.78 5.00 -16.59
N THR C 301 3.64 4.32 -16.65
CA THR C 301 3.43 3.26 -17.65
C THR C 301 1.99 3.24 -18.17
N TYR C 302 1.83 2.61 -19.33
CA TYR C 302 0.51 2.35 -19.86
C TYR C 302 0.57 0.98 -20.50
N GLY C 303 -0.48 0.19 -20.29
CA GLY C 303 -0.60 -1.13 -20.91
C GLY C 303 -0.40 -2.30 -19.95
N LYS C 304 0.06 -3.43 -20.49
CA LYS C 304 0.30 -4.63 -19.68
C LYS C 304 1.73 -4.59 -19.21
N CYS C 305 1.95 -4.03 -18.03
CA CYS C 305 3.28 -3.63 -17.60
C CYS C 305 3.77 -4.35 -16.35
N PRO C 306 5.08 -4.67 -16.30
CA PRO C 306 5.67 -5.14 -15.04
C PRO C 306 5.50 -4.06 -13.98
N LYS C 307 5.57 -4.45 -12.71
CA LYS C 307 5.43 -3.52 -11.61
C LYS C 307 6.71 -2.73 -11.46
N TYR C 308 6.58 -1.41 -11.26
CA TYR C 308 7.76 -0.57 -11.01
C TYR C 308 8.22 -0.76 -9.56
N ILE C 309 9.51 -1.03 -9.40
CA ILE C 309 10.16 -1.14 -8.09
C ILE C 309 11.46 -0.36 -8.09
N ARG C 310 12.00 -0.09 -6.91
CA ARG C 310 13.25 0.67 -6.78
C ARG C 310 14.50 -0.09 -7.22
N GLN C 311 14.50 -1.41 -7.07
CA GLN C 311 15.69 -2.21 -7.35
C GLN C 311 15.97 -2.30 -8.85
N ASN C 312 17.24 -2.20 -9.24
CA ASN C 312 17.59 -2.38 -10.66
C ASN C 312 17.90 -3.84 -11.06
N THR C 313 17.97 -4.72 -10.07
CA THR C 313 18.25 -6.13 -10.29
C THR C 313 17.71 -7.00 -9.15
N LEU C 314 17.11 -8.11 -9.51
CA LEU C 314 16.69 -9.13 -8.55
C LEU C 314 16.85 -10.47 -9.22
N LYS C 315 17.68 -11.33 -8.63
CA LYS C 315 18.01 -12.62 -9.23
C LYS C 315 17.28 -13.76 -8.53
N LEU C 316 16.50 -14.49 -9.32
CA LEU C 316 15.76 -15.66 -8.83
C LEU C 316 16.53 -16.94 -9.16
N ALA C 317 16.87 -17.74 -8.14
CA ALA C 317 17.55 -19.02 -8.36
C ALA C 317 16.68 -19.94 -9.22
N THR C 318 17.27 -20.60 -10.21
CA THR C 318 16.55 -21.57 -11.03
C THR C 318 17.27 -22.91 -10.94
N GLY C 319 18.13 -23.05 -9.94
CA GLY C 319 18.92 -24.26 -9.82
C GLY C 319 19.49 -24.36 -8.43
N MET C 320 20.12 -25.50 -8.14
CA MET C 320 20.58 -25.79 -6.79
C MET C 320 21.83 -25.01 -6.43
N ARG C 321 22.21 -25.06 -5.16
CA ARG C 321 23.51 -24.57 -4.74
C ARG C 321 24.61 -25.19 -5.65
N ASN C 322 25.50 -24.32 -6.15
CA ASN C 322 26.61 -24.75 -6.98
C ASN C 322 27.88 -24.94 -6.14
N VAL C 323 28.40 -26.16 -6.12
CA VAL C 323 29.56 -26.47 -5.32
C VAL C 323 30.59 -27.06 -6.27
N PRO C 324 31.40 -26.20 -6.91
CA PRO C 324 32.33 -26.67 -7.95
C PRO C 324 33.35 -27.65 -7.41
N GLU C 325 33.87 -28.48 -8.30
CA GLU C 325 35.00 -29.36 -7.98
C GLU C 325 36.27 -28.50 -7.90
N LYS C 326 37.28 -29.00 -7.17
CA LYS C 326 38.54 -28.27 -6.96
C LYS C 326 39.32 -28.01 -8.25
N GLY D 1 22.81 -26.08 3.67
CA GLY D 1 21.32 -26.25 3.63
C GLY D 1 20.84 -27.05 4.83
N ILE D 2 19.54 -27.01 5.09
CA ILE D 2 18.98 -27.61 6.31
C ILE D 2 19.14 -29.13 6.37
N PHE D 3 19.19 -29.79 5.21
CA PHE D 3 19.37 -31.23 5.18
C PHE D 3 20.83 -31.64 5.28
N GLY D 4 21.73 -30.71 4.99
CA GLY D 4 23.15 -30.98 5.12
C GLY D 4 23.69 -32.01 4.13
N ALA D 5 23.03 -32.16 2.98
CA ALA D 5 23.51 -33.08 1.94
C ALA D 5 24.37 -32.30 0.93
N ILE D 6 23.75 -31.40 0.17
CA ILE D 6 24.47 -30.51 -0.75
C ILE D 6 25.29 -29.53 0.07
N ALA D 7 26.57 -29.40 -0.26
CA ALA D 7 27.54 -28.60 0.52
C ALA D 7 27.56 -29.08 1.97
N GLY D 8 27.42 -30.39 2.14
CA GLY D 8 27.28 -31.01 3.44
C GLY D 8 27.99 -32.33 3.38
N PHE D 9 27.27 -33.42 3.63
CA PHE D 9 27.93 -34.73 3.64
C PHE D 9 28.36 -35.15 2.23
N ILE D 10 27.79 -34.51 1.22
CA ILE D 10 28.32 -34.60 -0.14
C ILE D 10 29.26 -33.43 -0.37
N GLU D 11 30.56 -33.71 -0.51
CA GLU D 11 31.59 -32.67 -0.55
C GLU D 11 31.45 -31.64 -1.68
N ASN D 12 31.09 -32.09 -2.89
CA ASN D 12 30.95 -31.18 -4.02
C ASN D 12 30.07 -31.73 -5.13
N GLY D 13 29.68 -30.86 -6.06
CA GLY D 13 28.92 -31.30 -7.21
C GLY D 13 29.80 -31.96 -8.26
N TRP D 14 29.16 -32.59 -9.23
CA TRP D 14 29.84 -33.23 -10.35
C TRP D 14 29.58 -32.45 -11.64
N GLU D 15 30.60 -31.79 -12.16
CA GLU D 15 30.48 -31.10 -13.44
C GLU D 15 30.22 -32.05 -14.61
N GLY D 16 30.74 -33.27 -14.50
CA GLY D 16 30.57 -34.28 -15.54
C GLY D 16 29.21 -34.99 -15.55
N MET D 17 28.33 -34.67 -14.59
CA MET D 17 26.97 -35.21 -14.59
CA MET D 17 26.99 -35.22 -14.64
C MET D 17 26.07 -34.30 -15.44
N VAL D 18 26.02 -34.58 -16.73
CA VAL D 18 25.33 -33.73 -17.69
C VAL D 18 23.88 -34.08 -17.99
N ASP D 19 23.47 -35.33 -17.74
CA ASP D 19 22.12 -35.75 -18.13
C ASP D 19 21.13 -35.85 -16.96
N GLY D 20 21.44 -35.17 -15.86
CA GLY D 20 20.59 -35.15 -14.68
C GLY D 20 21.13 -34.20 -13.64
N TRP D 21 20.28 -33.85 -12.69
CA TRP D 21 20.68 -32.97 -11.61
C TRP D 21 21.23 -33.78 -10.45
N TYR D 22 20.79 -35.04 -10.37
CA TYR D 22 21.20 -35.97 -9.33
C TYR D 22 21.51 -37.29 -9.98
N GLY D 23 22.42 -38.06 -9.37
CA GLY D 23 22.74 -39.34 -9.96
C GLY D 23 23.73 -40.16 -9.17
N PHE D 24 24.31 -41.14 -9.85
CA PHE D 24 25.13 -42.17 -9.22
C PHE D 24 26.44 -42.29 -9.91
N ARG D 25 27.48 -42.56 -9.13
CA ARG D 25 28.74 -43.07 -9.67
C ARG D 25 29.08 -44.33 -8.90
N TYR D 26 29.70 -45.27 -9.61
CA TYR D 26 29.93 -46.59 -9.03
C TYR D 26 31.16 -47.26 -9.57
N GLN D 27 31.76 -48.08 -8.71
CA GLN D 27 32.89 -48.90 -9.08
C GLN D 27 32.59 -50.32 -8.64
N ASN D 28 32.72 -51.26 -9.57
CA ASN D 28 32.50 -52.67 -9.29
C ASN D 28 33.45 -53.52 -10.10
N SER D 29 33.19 -54.83 -10.14
CA SER D 29 33.99 -55.80 -10.90
C SER D 29 34.13 -55.45 -12.38
N GLU D 30 33.14 -54.73 -12.92
CA GLU D 30 33.10 -54.42 -14.36
C GLU D 30 33.73 -53.07 -14.72
N GLY D 31 34.22 -52.35 -13.71
CA GLY D 31 34.84 -51.05 -13.91
C GLY D 31 34.08 -49.95 -13.19
N THR D 32 34.11 -48.75 -13.75
CA THR D 32 33.44 -47.61 -13.17
C THR D 32 32.37 -47.10 -14.11
N GLY D 33 31.32 -46.51 -13.54
CA GLY D 33 30.23 -45.97 -14.34
C GLY D 33 29.52 -44.82 -13.66
N GLN D 34 28.61 -44.20 -14.40
CA GLN D 34 27.82 -43.07 -13.90
C GLN D 34 26.43 -43.17 -14.52
N ALA D 35 25.42 -42.78 -13.77
CA ALA D 35 24.04 -42.71 -14.28
C ALA D 35 23.26 -41.60 -13.60
N ALA D 36 22.46 -40.87 -14.38
CA ALA D 36 21.57 -39.86 -13.81
C ALA D 36 20.33 -40.50 -13.18
N ASP D 37 19.76 -39.84 -12.17
CA ASP D 37 18.49 -40.26 -11.60
C ASP D 37 17.36 -39.32 -12.06
N LEU D 38 16.47 -39.85 -12.90
CA LEU D 38 15.44 -39.04 -13.59
CA LEU D 38 15.49 -38.99 -13.57
C LEU D 38 14.38 -38.47 -12.65
N LYS D 39 13.86 -39.32 -11.76
CA LYS D 39 12.74 -38.92 -10.90
C LYS D 39 13.09 -37.76 -9.97
N SER D 40 14.24 -37.87 -9.29
CA SER D 40 14.70 -36.80 -8.40
CA SER D 40 14.71 -36.80 -8.40
C SER D 40 14.90 -35.51 -9.18
N THR D 41 15.52 -35.63 -10.36
CA THR D 41 15.75 -34.49 -11.23
C THR D 41 14.40 -33.84 -11.59
N GLN D 42 13.48 -34.64 -12.09
CA GLN D 42 12.16 -34.11 -12.50
C GLN D 42 11.39 -33.45 -11.35
N THR D 43 11.46 -34.04 -10.16
CA THR D 43 10.77 -33.49 -8.99
C THR D 43 11.29 -32.07 -8.65
N ALA D 44 12.60 -31.89 -8.71
CA ALA D 44 13.15 -30.56 -8.44
C ALA D 44 12.76 -29.57 -9.54
N ILE D 45 12.90 -29.98 -10.78
CA ILE D 45 12.59 -29.11 -11.92
C ILE D 45 11.13 -28.66 -11.87
N ASP D 46 10.23 -29.60 -11.57
CA ASP D 46 8.81 -29.30 -11.56
C ASP D 46 8.47 -28.26 -10.50
N GLN D 47 9.12 -28.34 -9.35
CA GLN D 47 8.90 -27.33 -8.32
C GLN D 47 9.53 -25.97 -8.64
N ILE D 48 10.65 -26.00 -9.36
CA ILE D 48 11.34 -24.75 -9.68
C ILE D 48 10.70 -24.05 -10.88
N ASN D 49 10.26 -24.83 -11.86
CA ASN D 49 9.74 -24.27 -13.10
C ASN D 49 8.57 -23.33 -12.90
N GLU D 50 8.74 -22.11 -13.41
CA GLU D 50 7.70 -21.07 -13.36
C GLU D 50 7.12 -20.90 -11.96
N LYS D 51 7.98 -21.02 -10.94
CA LYS D 51 7.48 -21.02 -9.58
C LYS D 51 6.82 -19.69 -9.19
N LEU D 52 7.26 -18.59 -9.78
CA LEU D 52 6.64 -17.30 -9.45
C LEU D 52 5.20 -17.19 -9.90
N ASN D 53 4.85 -17.91 -10.96
CA ASN D 53 3.47 -17.94 -11.45
C ASN D 53 2.47 -18.39 -10.39
N ARG D 54 2.96 -19.02 -9.32
CA ARG D 54 2.09 -19.51 -8.23
C ARG D 54 1.68 -18.39 -7.30
N VAL D 55 2.45 -17.31 -7.31
CA VAL D 55 2.24 -16.23 -6.38
C VAL D 55 1.88 -14.93 -7.12
N ILE D 56 2.55 -14.68 -8.25
CA ILE D 56 2.32 -13.45 -9.02
C ILE D 56 1.29 -13.66 -10.11
N GLU D 57 0.18 -12.95 -10.00
CA GLU D 57 -0.88 -12.94 -11.01
C GLU D 57 -0.31 -12.55 -12.37
N ARG D 58 -0.86 -13.15 -13.44
CA ARG D 58 -0.53 -12.79 -14.80
C ARG D 58 -0.70 -11.28 -14.97
N THR D 59 0.33 -10.61 -15.49
CA THR D 59 0.33 -9.17 -15.69
C THR D 59 -0.92 -8.71 -16.44
N ASN D 60 -1.69 -7.81 -15.83
CA ASN D 60 -2.90 -7.30 -16.48
C ASN D 60 -2.77 -5.83 -16.91
N GLU D 61 -3.64 -5.42 -17.81
CA GLU D 61 -3.64 -4.06 -18.33
C GLU D 61 -4.00 -3.02 -17.29
N LYS D 62 -3.17 -1.98 -17.19
CA LYS D 62 -3.57 -0.74 -16.53
C LYS D 62 -3.58 0.42 -17.55
N PHE D 63 -4.50 1.35 -17.36
CA PHE D 63 -4.73 2.37 -18.36
C PHE D 63 -4.47 3.76 -17.76
N HIS D 64 -5.47 4.63 -17.75
CA HIS D 64 -5.30 5.97 -17.18
C HIS D 64 -5.12 5.92 -15.68
N GLN D 65 -4.11 6.61 -15.17
CA GLN D 65 -3.79 6.57 -13.76
C GLN D 65 -3.72 8.00 -13.22
N ILE D 66 -2.78 8.29 -12.35
CA ILE D 66 -2.57 9.66 -11.89
C ILE D 66 -1.28 10.17 -12.52
N GLU D 67 -1.13 11.48 -12.58
CA GLU D 67 0.14 12.09 -12.98
C GLU D 67 1.20 11.84 -11.92
N LYS D 68 2.43 11.62 -12.36
CA LYS D 68 3.51 11.25 -11.45
C LYS D 68 4.74 12.16 -11.60
N GLU D 69 4.66 13.08 -12.56
CA GLU D 69 5.68 14.09 -12.80
C GLU D 69 4.97 15.43 -12.96
N PHE D 70 5.55 16.49 -12.41
CA PHE D 70 4.89 17.79 -12.36
C PHE D 70 5.84 18.93 -12.77
N SER D 71 5.34 19.85 -13.59
CA SER D 71 6.15 20.96 -14.10
C SER D 71 5.92 22.27 -13.33
N GLU D 72 4.91 22.30 -12.46
CA GLU D 72 4.64 23.46 -11.60
C GLU D 72 4.62 23.04 -10.14
N VAL D 73 5.00 23.97 -9.27
CA VAL D 73 4.86 23.78 -7.83
C VAL D 73 3.41 24.09 -7.45
N GLU D 74 2.77 23.20 -6.69
CA GLU D 74 1.32 23.29 -6.42
C GLU D 74 0.87 23.11 -4.96
N GLY D 75 1.69 22.51 -4.12
CA GLY D 75 1.32 22.29 -2.72
C GLY D 75 0.46 21.05 -2.50
N ARG D 76 -0.63 21.21 -1.76
CA ARG D 76 -1.33 20.09 -1.12
C ARG D 76 -1.74 18.88 -1.98
N ILE D 77 -2.44 19.11 -3.10
CA ILE D 77 -2.89 18.01 -3.95
CA ILE D 77 -2.89 18.01 -3.94
C ILE D 77 -1.70 17.30 -4.58
N GLN D 78 -0.72 18.07 -5.05
CA GLN D 78 0.47 17.47 -5.61
C GLN D 78 1.24 16.66 -4.56
N ASP D 79 1.36 17.20 -3.34
CA ASP D 79 2.02 16.47 -2.24
C ASP D 79 1.36 15.09 -2.09
N LEU D 80 0.02 15.07 -2.15
CA LEU D 80 -0.71 13.81 -1.94
C LEU D 80 -0.49 12.84 -3.11
N GLU D 81 -0.51 13.36 -4.33
CA GLU D 81 -0.24 12.50 -5.49
C GLU D 81 1.16 11.87 -5.39
N LYS D 82 2.16 12.67 -5.03
CA LYS D 82 3.53 12.15 -4.89
C LYS D 82 3.65 11.15 -3.75
N TYR D 83 3.01 11.45 -2.63
CA TYR D 83 3.00 10.54 -1.49
C TYR D 83 2.35 9.19 -1.81
N VAL D 84 1.20 9.22 -2.46
CA VAL D 84 0.50 8.01 -2.87
C VAL D 84 1.42 7.12 -3.72
N GLU D 85 2.10 7.75 -4.68
CA GLU D 85 2.94 7.00 -5.62
C GLU D 85 4.18 6.42 -4.92
N ASP D 86 4.83 7.23 -4.10
CA ASP D 86 5.97 6.76 -3.33
C ASP D 86 5.61 5.62 -2.37
N THR D 87 4.45 5.75 -1.74
CA THR D 87 3.92 4.71 -0.84
C THR D 87 3.77 3.38 -1.57
N LYS D 88 3.09 3.41 -2.71
CA LYS D 88 2.91 2.26 -3.58
C LYS D 88 4.25 1.60 -3.97
N ILE D 89 5.16 2.42 -4.48
CA ILE D 89 6.43 1.91 -4.99
C ILE D 89 7.23 1.25 -3.87
N ASP D 90 7.26 1.88 -2.70
CA ASP D 90 8.00 1.31 -1.59
C ASP D 90 7.37 -0.02 -1.13
N LEU D 91 6.05 -0.10 -1.16
CA LEU D 91 5.38 -1.36 -0.80
C LEU D 91 5.65 -2.50 -1.78
N TRP D 92 5.57 -2.20 -3.09
CA TRP D 92 5.91 -3.20 -4.10
C TRP D 92 7.38 -3.61 -4.07
N SER D 93 8.27 -2.65 -3.81
CA SER D 93 9.71 -2.94 -3.71
C SER D 93 10.00 -3.88 -2.54
N TYR D 94 9.32 -3.66 -1.42
CA TYR D 94 9.44 -4.60 -0.31
C TYR D 94 8.91 -5.99 -0.72
N ASN D 95 7.73 -6.04 -1.36
CA ASN D 95 7.16 -7.33 -1.78
C ASN D 95 8.13 -8.10 -2.69
N ALA D 96 8.73 -7.39 -3.65
CA ALA D 96 9.67 -7.99 -4.58
C ALA D 96 10.88 -8.59 -3.85
N GLU D 97 11.47 -7.83 -2.95
CA GLU D 97 12.65 -8.26 -2.20
C GLU D 97 12.33 -9.49 -1.34
N LEU D 98 11.23 -9.44 -0.60
CA LEU D 98 10.85 -10.57 0.24
C LEU D 98 10.59 -11.82 -0.60
N LEU D 99 9.80 -11.67 -1.67
CA LEU D 99 9.42 -12.81 -2.50
C LEU D 99 10.64 -13.53 -3.05
N VAL D 100 11.58 -12.76 -3.62
CA VAL D 100 12.77 -13.34 -4.15
C VAL D 100 13.61 -14.06 -3.07
N ALA D 101 13.79 -13.44 -1.92
CA ALA D 101 14.53 -14.11 -0.86
C ALA D 101 13.85 -15.41 -0.38
N LEU D 102 12.53 -15.38 -0.20
CA LEU D 102 11.74 -16.57 0.19
C LEU D 102 11.77 -17.67 -0.86
N GLU D 103 11.55 -17.29 -2.13
CA GLU D 103 11.60 -18.26 -3.21
C GLU D 103 12.99 -18.89 -3.38
N ASN D 104 14.03 -18.07 -3.25
CA ASN D 104 15.39 -18.58 -3.34
C ASN D 104 15.71 -19.57 -2.20
N GLN D 105 15.27 -19.22 -0.99
CA GLN D 105 15.42 -20.10 0.17
C GLN D 105 14.73 -21.44 -0.09
N HIS D 106 13.51 -21.38 -0.59
CA HIS D 106 12.75 -22.57 -0.94
C HIS D 106 13.44 -23.45 -2.02
N THR D 107 14.02 -22.81 -3.04
CA THR D 107 14.75 -23.51 -4.08
C THR D 107 15.99 -24.24 -3.52
N ILE D 108 16.76 -23.55 -2.68
CA ILE D 108 17.96 -24.12 -2.03
C ILE D 108 17.55 -25.30 -1.15
N ASP D 109 16.50 -25.10 -0.37
CA ASP D 109 16.03 -26.18 0.50
C ASP D 109 15.49 -27.40 -0.24
N LEU D 110 14.67 -27.19 -1.27
CA LEU D 110 14.04 -28.32 -1.95
C LEU D 110 15.06 -29.16 -2.73
N THR D 111 16.10 -28.49 -3.24
CA THR D 111 17.10 -29.23 -4.01
C THR D 111 17.99 -30.05 -3.07
N ASP D 112 18.28 -29.50 -1.89
CA ASP D 112 19.00 -30.22 -0.83
C ASP D 112 18.13 -31.40 -0.37
N ALA D 113 16.83 -31.16 -0.26
CA ALA D 113 15.90 -32.22 0.17
C ALA D 113 15.89 -33.40 -0.80
N GLU D 114 15.82 -33.12 -2.12
CA GLU D 114 15.86 -34.17 -3.11
C GLU D 114 17.13 -35.01 -3.03
N MET D 115 18.26 -34.36 -2.77
CA MET D 115 19.51 -35.08 -2.67
C MET D 115 19.45 -36.04 -1.47
N ASN D 116 19.01 -35.52 -0.34
CA ASN D 116 18.88 -36.34 0.84
C ASN D 116 17.93 -37.54 0.65
N LYS D 117 16.78 -37.28 0.04
CA LYS D 117 15.78 -38.30 -0.24
C LYS D 117 16.33 -39.44 -1.09
N LEU D 118 17.12 -39.09 -2.11
CA LEU D 118 17.69 -40.11 -3.01
C LEU D 118 18.68 -40.98 -2.25
N PHE D 119 19.43 -40.35 -1.36
CA PHE D 119 20.36 -41.05 -0.52
C PHE D 119 19.65 -42.03 0.41
N GLU D 120 18.62 -41.55 1.10
CA GLU D 120 17.83 -42.37 2.03
C GLU D 120 17.13 -43.52 1.32
N LYS D 121 16.61 -43.23 0.13
CA LYS D 121 15.95 -44.24 -0.71
C LYS D 121 16.92 -45.38 -1.02
N THR D 122 18.14 -45.01 -1.39
CA THR D 122 19.19 -45.96 -1.73
C THR D 122 19.61 -46.75 -0.49
N ARG D 123 19.76 -46.04 0.63
CA ARG D 123 20.10 -46.69 1.87
C ARG D 123 19.05 -47.75 2.26
N ARG D 124 17.77 -47.42 2.13
CA ARG D 124 16.71 -48.39 2.53
C ARG D 124 16.74 -49.63 1.66
N GLN D 125 17.01 -49.45 0.36
CA GLN D 125 17.11 -50.59 -0.55
C GLN D 125 18.21 -51.56 -0.11
N LEU D 126 19.35 -51.01 0.30
CA LEU D 126 20.54 -51.82 0.54
C LEU D 126 20.49 -52.61 1.86
N ARG D 127 19.63 -52.16 2.76
CA ARG D 127 19.35 -52.87 4.01
C ARG D 127 20.67 -53.15 4.78
N GLU D 128 20.96 -54.41 5.06
CA GLU D 128 22.16 -54.74 5.82
C GLU D 128 23.37 -55.09 4.95
N ASN D 129 23.25 -54.85 3.64
CA ASN D 129 24.27 -55.26 2.69
C ASN D 129 25.31 -54.18 2.38
N ALA D 130 25.16 -53.03 2.99
CA ALA D 130 26.04 -51.90 2.73
C ALA D 130 26.22 -51.03 3.95
N GLU D 131 27.30 -50.25 3.93
CA GLU D 131 27.55 -49.26 4.96
C GLU D 131 27.78 -47.91 4.30
N ASP D 132 27.34 -46.87 5.01
CA ASP D 132 27.57 -45.49 4.64
C ASP D 132 29.02 -45.15 4.96
N MET D 133 29.82 -44.86 3.94
CA MET D 133 31.24 -44.56 4.08
C MET D 133 31.47 -43.09 4.39
N GLY D 134 30.42 -42.29 4.29
CA GLY D 134 30.56 -40.83 4.33
C GLY D 134 30.77 -40.31 2.91
N GLY D 135 30.58 -39.02 2.73
CA GLY D 135 30.79 -38.41 1.43
C GLY D 135 29.71 -38.75 0.42
N GLY D 136 28.63 -39.37 0.90
CA GLY D 136 27.55 -39.82 0.03
C GLY D 136 27.82 -41.16 -0.64
N CYS D 137 28.81 -41.89 -0.17
CA CYS D 137 29.15 -43.19 -0.77
C CYS D 137 28.78 -44.38 0.11
N PHE D 138 28.28 -45.44 -0.53
CA PHE D 138 28.03 -46.72 0.11
C PHE D 138 29.08 -47.73 -0.31
N LYS D 139 29.62 -48.43 0.68
CA LYS D 139 30.40 -49.62 0.44
C LYS D 139 29.41 -50.79 0.44
N ILE D 140 29.27 -51.43 -0.72
CA ILE D 140 28.41 -52.59 -0.89
C ILE D 140 29.27 -53.84 -0.69
N TYR D 141 28.92 -54.65 0.30
CA TYR D 141 29.76 -55.75 0.74
C TYR D 141 29.52 -57.06 0.02
N HIS D 142 29.25 -56.98 -1.27
CA HIS D 142 29.15 -58.16 -2.09
C HIS D 142 29.50 -57.82 -3.53
N LYS D 143 29.77 -58.86 -4.30
CA LYS D 143 29.97 -58.72 -5.73
C LYS D 143 28.70 -58.12 -6.33
N CYS D 144 28.86 -57.01 -7.05
CA CYS D 144 27.72 -56.22 -7.47
C CYS D 144 28.01 -55.65 -8.85
N ASP D 145 27.86 -56.48 -9.88
CA ASP D 145 28.13 -56.08 -11.26
C ASP D 145 27.10 -55.06 -11.77
N ASN D 146 27.19 -54.71 -13.05
CA ASN D 146 26.36 -53.62 -13.61
C ASN D 146 24.86 -53.86 -13.56
N ALA D 147 24.44 -55.13 -13.70
CA ALA D 147 23.04 -55.50 -13.61
C ALA D 147 22.53 -55.31 -12.18
N CYS D 148 23.39 -55.64 -11.22
CA CYS D 148 23.04 -55.44 -9.83
C CYS D 148 22.97 -53.94 -9.51
N ILE D 149 23.95 -53.17 -9.98
CA ILE D 149 23.90 -51.71 -9.83
C ILE D 149 22.62 -51.18 -10.47
N GLY D 150 22.32 -51.67 -11.67
CA GLY D 150 21.10 -51.33 -12.38
C GLY D 150 19.85 -51.61 -11.55
N SER D 151 19.85 -52.70 -10.79
CA SER D 151 18.69 -53.05 -9.97
C SER D 151 18.48 -52.01 -8.85
N ILE D 152 19.58 -51.46 -8.34
CA ILE D 152 19.50 -50.37 -7.38
C ILE D 152 18.95 -49.11 -8.03
N ARG D 153 19.48 -48.77 -9.20
CA ARG D 153 19.01 -47.61 -9.96
C ARG D 153 17.51 -47.62 -10.21
N ASN D 154 16.95 -48.76 -10.62
CA ASN D 154 15.51 -48.83 -10.91
C ASN D 154 14.64 -49.33 -9.73
N GLY D 155 15.21 -49.35 -8.53
CA GLY D 155 14.47 -49.70 -7.31
C GLY D 155 13.99 -51.14 -7.19
N THR D 156 14.72 -52.08 -7.78
CA THR D 156 14.32 -53.49 -7.74
C THR D 156 15.35 -54.38 -7.05
N TYR D 157 16.41 -53.79 -6.50
CA TYR D 157 17.42 -54.55 -5.78
C TYR D 157 16.80 -55.39 -4.65
N ASP D 158 17.13 -56.67 -4.61
CA ASP D 158 16.59 -57.57 -3.60
C ASP D 158 17.70 -57.94 -2.62
N HIS D 159 17.69 -57.29 -1.46
CA HIS D 159 18.75 -57.47 -0.47
C HIS D 159 18.93 -58.92 -0.01
N TYR D 160 17.84 -59.69 0.02
CA TYR D 160 17.89 -61.07 0.54
C TYR D 160 18.82 -61.96 -0.24
N ILE D 161 18.88 -61.75 -1.56
CA ILE D 161 19.79 -62.48 -2.45
C ILE D 161 21.25 -62.41 -1.98
N TYR D 162 21.66 -61.27 -1.45
CA TYR D 162 23.07 -61.05 -1.15
C TYR D 162 23.37 -61.03 0.34
N ARG D 163 22.32 -61.12 1.17
CA ARG D 163 22.46 -60.84 2.60
C ARG D 163 23.51 -61.72 3.31
N ASP D 164 23.54 -63.01 2.99
CA ASP D 164 24.49 -63.92 3.65
C ASP D 164 25.94 -63.58 3.30
N GLU D 165 26.19 -63.37 2.01
CA GLU D 165 27.50 -62.91 1.52
C GLU D 165 27.90 -61.60 2.22
N ALA D 166 27.00 -60.61 2.21
CA ALA D 166 27.28 -59.29 2.75
C ALA D 166 27.51 -59.27 4.24
N LEU D 167 26.66 -59.98 4.99
CA LEU D 167 26.80 -60.06 6.43
C LEU D 167 28.13 -60.67 6.84
N ASN D 168 28.52 -61.72 6.12
CA ASN D 168 29.79 -62.38 6.31
C ASN D 168 30.97 -61.43 6.05
N ASN D 169 30.92 -60.69 4.94
CA ASN D 169 31.96 -59.69 4.63
C ASN D 169 32.02 -58.51 5.59
N ARG D 170 30.86 -58.12 6.12
CA ARG D 170 30.80 -57.01 7.05
C ARG D 170 31.33 -57.38 8.42
N PHE D 171 30.93 -58.56 8.92
CA PHE D 171 31.11 -58.87 10.34
C PHE D 171 32.03 -60.04 10.65
N GLN D 172 32.71 -60.56 9.63
CA GLN D 172 33.88 -61.42 9.83
C GLN D 172 35.12 -60.55 10.07
N SER E 1 22.05 -51.76 31.96
CA SER E 1 23.51 -51.45 31.95
C SER E 1 23.95 -50.72 33.22
N GLN E 2 23.93 -51.44 34.35
CA GLN E 2 24.23 -50.84 35.66
C GLN E 2 25.70 -50.41 35.80
N ASN E 3 26.54 -51.31 36.31
CA ASN E 3 27.96 -51.04 36.60
CA ASN E 3 27.96 -51.05 36.61
C ASN E 3 28.27 -49.62 37.10
N PRO E 4 28.31 -49.43 38.44
CA PRO E 4 28.50 -48.11 39.06
C PRO E 4 29.70 -47.32 38.52
N ILE E 5 30.81 -48.01 38.28
CA ILE E 5 31.98 -47.39 37.66
C ILE E 5 32.05 -47.83 36.21
N SER E 6 32.04 -46.84 35.31
CA SER E 6 32.01 -47.10 33.87
C SER E 6 33.21 -47.92 33.43
N ASN E 7 33.01 -48.63 32.32
CA ASN E 7 34.01 -49.52 31.77
C ASN E 7 35.13 -48.75 31.09
N ASN E 8 36.37 -49.11 31.40
CA ASN E 8 37.53 -48.49 30.77
C ASN E 8 37.61 -48.66 29.25
N ASN E 9 37.03 -49.75 28.74
CA ASN E 9 37.10 -50.06 27.32
CA ASN E 9 37.11 -50.04 27.31
C ASN E 9 35.87 -49.64 26.50
N THR E 10 35.09 -48.70 27.04
CA THR E 10 34.00 -48.07 26.30
C THR E 10 34.02 -46.58 26.61
N ALA E 11 33.24 -45.81 25.85
CA ALA E 11 33.09 -44.40 26.13
C ALA E 11 31.68 -43.99 25.79
N THR E 12 31.25 -42.87 26.34
CA THR E 12 29.97 -42.29 26.00
C THR E 12 30.22 -40.91 25.42
N LEU E 13 29.57 -40.61 24.31
CA LEU E 13 29.65 -39.31 23.68
C LEU E 13 28.25 -38.77 23.42
N CYS E 14 27.92 -37.65 24.07
CA CYS E 14 26.61 -37.06 23.92
C CYS E 14 26.71 -35.75 23.18
N LEU E 15 25.72 -35.53 22.32
CA LEU E 15 25.64 -34.30 21.56
CA LEU E 15 25.62 -34.31 21.54
C LEU E 15 24.52 -33.43 22.09
N GLY E 16 24.74 -32.13 22.11
CA GLY E 16 23.76 -31.26 22.66
C GLY E 16 23.87 -29.83 22.20
N HIS E 17 23.03 -29.00 22.79
CA HIS E 17 22.95 -27.61 22.44
C HIS E 17 22.80 -26.83 23.72
N HIS E 18 23.03 -25.52 23.65
CA HIS E 18 23.01 -24.73 24.88
C HIS E 18 21.58 -24.35 25.24
N ALA E 19 21.43 -23.79 26.43
CA ALA E 19 20.15 -23.28 26.93
C ALA E 19 20.48 -22.19 27.94
N VAL E 20 19.53 -21.32 28.24
CA VAL E 20 19.70 -20.30 29.28
C VAL E 20 18.60 -20.50 30.32
N ALA E 21 18.83 -20.03 31.55
CA ALA E 21 17.82 -20.18 32.61
C ALA E 21 16.55 -19.38 32.28
N ASN E 22 16.72 -18.15 31.78
CA ASN E 22 15.60 -17.27 31.48
C ASN E 22 15.44 -17.00 29.99
N GLY E 23 14.61 -17.80 29.34
CA GLY E 23 14.33 -17.60 27.92
C GLY E 23 13.35 -16.46 27.70
N THR E 24 12.91 -16.32 26.45
CA THR E 24 11.98 -15.28 26.09
C THR E 24 11.01 -15.84 25.04
N LEU E 25 9.76 -15.39 25.09
CA LEU E 25 8.73 -15.94 24.21
C LEU E 25 8.62 -15.17 22.89
N VAL E 26 8.53 -15.91 21.79
CA VAL E 26 8.29 -15.29 20.48
C VAL E 26 7.16 -16.02 19.75
N LYS E 27 6.67 -15.42 18.67
CA LYS E 27 5.64 -16.04 17.86
C LYS E 27 6.23 -16.56 16.54
N THR E 28 5.80 -17.75 16.12
CA THR E 28 6.16 -18.26 14.80
C THR E 28 4.91 -18.54 13.96
N ILE E 29 5.12 -18.98 12.73
CA ILE E 29 4.04 -19.54 11.88
C ILE E 29 3.37 -20.75 12.56
N SER E 30 4.16 -21.53 13.29
CA SER E 30 3.74 -22.79 13.92
C SER E 30 3.18 -22.67 15.33
N ASP E 31 3.61 -21.64 16.07
CA ASP E 31 3.27 -21.53 17.49
C ASP E 31 2.92 -20.11 17.86
N ASP E 32 1.84 -19.97 18.63
CA ASP E 32 1.49 -18.69 19.24
C ASP E 32 2.64 -18.16 20.08
N GLN E 33 3.24 -19.03 20.89
CA GLN E 33 4.33 -18.65 21.79
C GLN E 33 5.30 -19.81 21.95
N ILE E 34 6.57 -19.54 21.73
CA ILE E 34 7.60 -20.53 21.90
C ILE E 34 8.79 -19.83 22.55
N GLU E 35 9.38 -20.49 23.53
CA GLU E 35 10.51 -19.94 24.27
C GLU E 35 11.82 -20.10 23.49
N VAL E 36 12.54 -19.00 23.31
CA VAL E 36 13.86 -18.99 22.66
C VAL E 36 14.94 -18.43 23.61
N THR E 37 16.21 -18.69 23.29
CA THR E 37 17.31 -18.30 24.19
C THR E 37 17.45 -16.79 24.30
N ASN E 38 17.10 -16.07 23.24
CA ASN E 38 17.13 -14.61 23.23
C ASN E 38 16.36 -14.05 22.04
N ALA E 39 15.87 -12.83 22.22
CA ALA E 39 15.12 -12.13 21.19
C ALA E 39 15.42 -10.63 21.28
N THR E 40 15.18 -9.95 20.17
CA THR E 40 15.37 -8.52 20.10
C THR E 40 14.05 -7.82 19.73
N GLU E 41 13.76 -6.72 20.43
CA GLU E 41 12.58 -5.91 20.17
C GLU E 41 12.77 -5.10 18.89
N LEU E 42 11.79 -5.18 17.99
CA LEU E 42 11.90 -4.51 16.69
C LEU E 42 11.10 -3.22 16.58
N VAL E 43 10.30 -2.91 17.60
CA VAL E 43 9.46 -1.72 17.58
C VAL E 43 9.98 -0.69 18.58
N GLN E 44 10.36 0.49 18.07
CA GLN E 44 10.79 1.59 18.92
C GLN E 44 9.54 2.24 19.48
N SER E 45 9.39 2.24 20.81
CA SER E 45 8.19 2.78 21.41
C SER E 45 8.48 3.94 22.37
N ILE E 46 9.77 4.23 22.55
CA ILE E 46 10.24 5.25 23.47
C ILE E 46 10.84 6.37 22.66
N SER E 47 10.49 7.62 22.96
CA SER E 47 11.18 8.77 22.39
C SER E 47 12.15 9.37 23.40
N MET E 48 13.03 10.25 22.92
CA MET E 48 13.96 11.00 23.78
C MET E 48 13.28 12.17 24.49
N GLY E 49 12.03 12.45 24.12
CA GLY E 49 11.26 13.48 24.82
C GLY E 49 11.71 14.89 24.47
N LYS E 50 12.58 14.98 23.48
CA LYS E 50 13.09 16.25 23.00
C LYS E 50 13.58 16.09 21.57
N ILE E 51 13.63 17.21 20.84
CA ILE E 51 14.10 17.22 19.47
C ILE E 51 15.60 17.54 19.47
N CYS E 52 16.39 16.65 18.88
CA CYS E 52 17.85 16.84 18.78
C CYS E 52 18.22 17.85 17.70
N ASN E 53 19.16 18.74 18.02
CA ASN E 53 19.52 19.86 17.13
C ASN E 53 20.76 19.61 16.24
N ASN E 54 21.32 18.41 16.29
CA ASN E 54 22.70 18.20 15.81
C ASN E 54 22.94 17.55 14.44
N SER E 55 21.98 16.78 13.95
CA SER E 55 22.09 16.19 12.61
C SER E 55 21.47 17.13 11.58
N TYR E 56 20.20 17.46 11.78
CA TYR E 56 19.50 18.36 10.88
C TYR E 56 19.43 19.76 11.47
N ARG E 57 19.35 20.75 10.60
CA ARG E 57 19.17 22.13 11.04
C ARG E 57 17.71 22.34 11.46
N ILE E 58 17.51 22.43 12.77
CA ILE E 58 16.17 22.59 13.34
C ILE E 58 15.95 24.06 13.68
N LEU E 59 14.83 24.61 13.23
CA LEU E 59 14.50 25.99 13.54
C LEU E 59 13.23 26.02 14.37
N ASP E 60 13.33 26.57 15.58
CA ASP E 60 12.22 26.69 16.50
C ASP E 60 11.41 27.93 16.14
N GLY E 61 10.17 27.75 15.70
CA GLY E 61 9.31 28.89 15.39
C GLY E 61 8.90 29.74 16.60
N ARG E 62 9.06 29.19 17.80
CA ARG E 62 8.68 29.86 19.03
C ARG E 62 7.25 30.39 18.97
N ASN E 63 7.08 31.70 18.99
CA ASN E 63 5.75 32.32 18.92
C ASN E 63 5.21 32.53 17.50
N CYS E 64 5.97 32.08 16.49
CA CYS E 64 5.62 32.33 15.09
C CYS E 64 5.33 31.08 14.27
N THR E 65 4.28 31.15 13.46
CA THR E 65 4.07 30.18 12.41
C THR E 65 5.04 30.49 11.28
N LEU E 66 5.30 29.49 10.45
CA LEU E 66 6.12 29.66 9.27
C LEU E 66 5.53 30.76 8.35
N ILE E 67 4.21 30.74 8.19
CA ILE E 67 3.52 31.75 7.38
C ILE E 67 3.73 33.17 7.92
N ASP E 68 3.55 33.37 9.23
CA ASP E 68 3.82 34.69 9.84
C ASP E 68 5.27 35.17 9.72
N ALA E 69 6.23 34.26 9.82
CA ALA E 69 7.61 34.60 9.54
C ALA E 69 7.84 34.99 8.07
N MET E 70 7.12 34.33 7.16
CA MET E 70 7.23 34.63 5.73
C MET E 70 6.66 36.02 5.44
N LEU E 71 5.46 36.29 5.98
CA LEU E 71 4.80 37.57 5.77
C LEU E 71 5.57 38.74 6.41
N GLY E 72 6.26 38.46 7.50
CA GLY E 72 7.01 39.49 8.22
C GLY E 72 6.16 40.23 9.24
N ASP E 73 5.32 39.48 9.95
CA ASP E 73 4.64 39.94 11.16
C ASP E 73 5.75 40.44 12.09
N PRO E 74 5.66 41.69 12.60
CA PRO E 74 6.75 42.27 13.40
C PRO E 74 7.39 41.38 14.46
N HIS E 75 6.61 40.62 15.22
CA HIS E 75 7.20 39.82 16.29
C HIS E 75 7.99 38.61 15.74
N CYS E 76 7.95 38.44 14.42
CA CYS E 76 8.67 37.37 13.73
C CYS E 76 9.87 37.88 12.92
N ASP E 77 10.23 39.14 13.11
CA ASP E 77 11.34 39.76 12.39
C ASP E 77 12.68 39.01 12.49
N VAL E 78 12.90 38.36 13.64
CA VAL E 78 14.10 37.55 13.87
C VAL E 78 14.26 36.39 12.85
N PHE E 79 13.17 36.03 12.19
CA PHE E 79 13.20 34.89 11.26
C PHE E 79 13.52 35.29 9.81
N GLN E 80 13.80 36.57 9.59
CA GLN E 80 14.15 37.06 8.24
C GLN E 80 15.35 36.30 7.66
N TYR E 81 15.24 35.92 6.39
CA TYR E 81 16.30 35.21 5.67
C TYR E 81 16.77 33.92 6.33
N GLU E 82 15.94 33.35 7.20
CA GLU E 82 16.29 32.08 7.84
C GLU E 82 16.22 30.91 6.85
N ASN E 83 16.89 29.83 7.21
CA ASN E 83 16.75 28.58 6.49
C ASN E 83 16.73 27.40 7.48
N TRP E 84 16.25 26.25 7.03
CA TRP E 84 16.01 25.13 7.93
C TRP E 84 15.93 23.83 7.15
N ASP E 85 16.24 22.73 7.82
CA ASP E 85 15.81 21.41 7.35
C ASP E 85 14.41 21.15 7.89
N LEU E 86 14.17 21.49 9.17
CA LEU E 86 12.88 21.29 9.80
C LEU E 86 12.46 22.50 10.66
N PHE E 87 11.34 23.10 10.29
CA PHE E 87 10.77 24.22 11.03
C PHE E 87 9.77 23.67 12.04
N ILE E 88 9.94 24.05 13.31
CA ILE E 88 9.04 23.57 14.35
C ILE E 88 8.02 24.65 14.72
N GLU E 89 6.74 24.36 14.51
CA GLU E 89 5.67 25.27 14.89
C GLU E 89 5.09 24.83 16.23
N ARG E 90 5.01 25.78 17.17
CA ARG E 90 4.49 25.55 18.51
C ARG E 90 3.01 25.88 18.55
N SER E 91 2.26 25.20 19.42
CA SER E 91 0.83 25.45 19.54
C SER E 91 0.51 26.79 20.21
N SER E 92 1.48 27.38 20.89
CA SER E 92 1.30 28.69 21.51
C SER E 92 1.55 29.85 20.52
N ALA E 93 1.95 29.55 19.29
CA ALA E 93 2.18 30.59 18.28
C ALA E 93 0.92 31.45 18.08
N PHE E 94 1.11 32.72 17.73
CA PHE E 94 -0.01 33.62 17.49
C PHE E 94 0.37 34.64 16.42
N SER E 95 -0.65 35.21 15.78
CA SER E 95 -0.49 36.34 14.87
C SER E 95 -0.68 37.63 15.64
N ASN E 96 0.04 38.68 15.24
CA ASN E 96 -0.07 39.97 15.90
C ASN E 96 0.01 41.15 14.93
N CYS E 97 -0.53 40.97 13.73
CA CYS E 97 -0.49 42.03 12.71
C CYS E 97 -1.92 42.30 12.21
N TYR E 98 -2.09 42.80 11.00
CA TYR E 98 -3.44 43.00 10.46
C TYR E 98 -4.11 41.63 10.25
N PRO E 99 -5.38 41.48 10.67
CA PRO E 99 -5.99 40.15 10.52
C PRO E 99 -6.09 39.77 9.06
N TYR E 100 -5.80 38.52 8.75
CA TYR E 100 -5.72 38.08 7.39
C TYR E 100 -6.22 36.64 7.25
N ASP E 101 -6.49 36.24 6.02
CA ASP E 101 -6.73 34.84 5.71
C ASP E 101 -5.96 34.51 4.44
N ILE E 102 -5.65 33.23 4.26
CA ILE E 102 -5.03 32.75 3.04
C ILE E 102 -5.90 31.60 2.49
N PRO E 103 -6.65 31.85 1.40
CA PRO E 103 -7.29 30.71 0.73
C PRO E 103 -6.22 29.66 0.38
N ASP E 104 -6.46 28.40 0.73
CA ASP E 104 -5.45 27.34 0.52
C ASP E 104 -4.14 27.62 1.28
N TYR E 105 -4.29 28.13 2.49
CA TYR E 105 -3.20 28.28 3.44
C TYR E 105 -2.29 27.05 3.49
N ALA E 106 -2.89 25.85 3.59
CA ALA E 106 -2.10 24.61 3.69
C ALA E 106 -1.10 24.45 2.55
N SER E 107 -1.51 24.82 1.34
CA SER E 107 -0.64 24.70 0.18
C SER E 107 0.56 25.62 0.23
N LEU E 108 0.31 26.88 0.59
CA LEU E 108 1.39 27.85 0.68
C LEU E 108 2.38 27.46 1.77
N ARG E 109 1.85 27.00 2.90
CA ARG E 109 2.67 26.53 4.00
C ARG E 109 3.56 25.36 3.56
N SER E 110 2.97 24.41 2.84
CA SER E 110 3.71 23.26 2.31
C SER E 110 4.85 23.68 1.36
N ILE E 111 4.53 24.57 0.43
CA ILE E 111 5.50 25.03 -0.57
C ILE E 111 6.72 25.70 0.08
N VAL E 112 6.45 26.58 1.04
CA VAL E 112 7.52 27.30 1.72
C VAL E 112 8.32 26.31 2.56
N ALA E 113 7.63 25.47 3.31
CA ALA E 113 8.28 24.51 4.20
C ALA E 113 9.28 23.64 3.46
N SER E 114 8.85 23.13 2.31
CA SER E 114 9.63 22.23 1.47
C SER E 114 10.85 22.92 0.86
N SER E 115 10.66 24.17 0.46
CA SER E 115 11.74 24.97 -0.07
C SER E 115 12.85 25.18 0.97
N GLY E 116 12.45 25.38 2.23
CA GLY E 116 13.41 25.44 3.35
C GLY E 116 14.14 26.75 3.55
N THR E 117 13.65 27.83 2.94
CA THR E 117 14.30 29.14 3.10
C THR E 117 13.32 30.29 3.01
N LEU E 118 13.60 31.33 3.79
CA LEU E 118 12.90 32.61 3.63
C LEU E 118 13.78 33.69 2.97
N GLU E 119 14.75 33.25 2.17
CA GLU E 119 15.55 34.17 1.37
C GLU E 119 14.62 35.07 0.56
N PHE E 120 14.71 36.37 0.79
CA PHE E 120 13.84 37.35 0.15
C PHE E 120 14.71 38.41 -0.53
N THR E 121 14.35 38.77 -1.76
CA THR E 121 15.03 39.84 -2.48
C THR E 121 14.04 40.91 -2.91
N ALA E 122 14.28 42.12 -2.42
CA ALA E 122 13.47 43.29 -2.78
C ALA E 122 13.62 43.54 -4.27
N GLU E 123 12.55 44.02 -4.90
CA GLU E 123 12.61 44.44 -6.29
C GLU E 123 12.06 45.84 -6.50
N GLY E 124 12.61 46.54 -7.50
CA GLY E 124 12.22 47.91 -7.78
C GLY E 124 10.89 48.11 -8.48
N PHE E 125 9.82 47.63 -7.87
CA PHE E 125 8.48 47.92 -8.35
C PHE E 125 8.25 49.43 -8.34
N THR E 126 7.65 49.94 -9.40
CA THR E 126 7.35 51.36 -9.52
C THR E 126 5.85 51.55 -9.33
N TRP E 127 5.45 52.22 -8.25
CA TRP E 127 4.03 52.39 -7.93
C TRP E 127 3.55 53.81 -8.17
N THR E 128 3.33 54.12 -9.45
CA THR E 128 2.98 55.46 -9.90
C THR E 128 1.62 55.94 -9.43
N GLY E 129 1.63 57.09 -8.75
CA GLY E 129 0.42 57.82 -8.41
C GLY E 129 -0.29 57.35 -7.16
N VAL E 130 0.38 56.49 -6.38
CA VAL E 130 -0.15 56.03 -5.10
C VAL E 130 0.82 56.30 -3.93
N THR E 131 0.29 56.23 -2.72
CA THR E 131 1.11 56.31 -1.51
C THR E 131 1.52 54.89 -1.12
N GLN E 132 2.81 54.70 -0.83
CA GLN E 132 3.32 53.38 -0.45
C GLN E 132 3.46 53.29 1.06
N ASN E 133 3.76 52.09 1.54
CA ASN E 133 4.12 51.84 2.95
C ASN E 133 3.03 52.18 3.97
N GLY E 134 1.79 51.84 3.64
CA GLY E 134 0.67 51.91 4.58
C GLY E 134 0.97 51.20 5.89
N ARG E 135 0.49 51.79 6.99
CA ARG E 135 0.70 51.27 8.34
C ARG E 135 -0.65 51.08 9.02
N SER E 136 -0.67 50.30 10.10
CA SER E 136 -1.88 50.04 10.87
C SER E 136 -1.55 49.94 12.34
N GLY E 137 -2.46 50.46 13.17
CA GLY E 137 -2.42 50.27 14.61
C GLY E 137 -2.59 48.81 15.03
N ALA E 138 -3.06 47.97 14.10
CA ALA E 138 -3.21 46.53 14.36
C ALA E 138 -1.86 45.80 14.33
N CYS E 139 -0.81 46.48 13.86
CA CYS E 139 0.47 45.85 13.56
C CYS E 139 1.65 46.71 14.00
N LYS E 140 1.82 46.88 15.31
CA LYS E 140 2.92 47.69 15.85
C LYS E 140 4.26 46.98 15.61
N ARG E 141 5.25 47.73 15.16
CA ARG E 141 6.63 47.28 15.16
C ARG E 141 7.37 48.27 16.07
N GLY E 142 7.77 47.80 17.25
CA GLY E 142 8.30 48.68 18.30
C GLY E 142 7.19 49.66 18.71
N SER E 143 7.48 50.95 18.72
CA SER E 143 6.47 51.93 19.11
C SER E 143 5.62 52.49 17.96
N ALA E 144 5.89 52.05 16.74
CA ALA E 144 5.23 52.65 15.58
C ALA E 144 4.16 51.73 14.97
N ASP E 145 3.08 52.33 14.46
CA ASP E 145 2.16 51.61 13.56
C ASP E 145 3.00 51.08 12.41
N SER E 146 2.72 49.85 11.98
CA SER E 146 3.52 49.23 10.95
C SER E 146 2.68 48.28 10.12
N PHE E 147 3.34 47.37 9.42
CA PHE E 147 2.68 46.43 8.54
C PHE E 147 3.59 45.21 8.34
N PHE E 148 3.06 44.17 7.71
CA PHE E 148 3.89 43.01 7.31
C PHE E 148 5.11 43.54 6.55
N SER E 149 6.30 43.12 6.93
CA SER E 149 7.51 43.69 6.32
C SER E 149 7.62 43.37 4.83
N ARG E 150 7.06 42.26 4.39
CA ARG E 150 7.26 41.82 3.01
C ARG E 150 6.15 42.31 2.08
N LEU E 151 5.20 43.05 2.63
CA LEU E 151 4.10 43.56 1.81
C LEU E 151 4.10 45.09 1.85
N ASN E 152 3.48 45.67 0.83
CA ASN E 152 3.47 47.12 0.64
C ASN E 152 2.02 47.59 0.45
N TRP E 153 1.46 48.16 1.52
CA TRP E 153 0.08 48.58 1.50
C TRP E 153 -0.03 49.93 0.78
N LEU E 154 -0.64 49.89 -0.39
CA LEU E 154 -0.82 51.06 -1.24
C LEU E 154 -2.16 51.71 -0.95
N THR E 155 -2.18 53.04 -0.94
CA THR E 155 -3.42 53.80 -0.83
C THR E 155 -3.34 55.01 -1.77
N LYS E 156 -4.39 55.81 -1.80
CA LYS E 156 -4.48 56.96 -2.70
C LYS E 156 -3.34 57.97 -2.47
N SER E 157 -3.01 58.72 -3.52
CA SER E 157 -2.18 59.91 -3.40
C SER E 157 -2.99 61.09 -3.93
N GLY E 158 -3.12 62.14 -3.12
CA GLY E 158 -3.95 63.28 -3.47
C GLY E 158 -5.40 62.85 -3.35
N ASN E 159 -6.15 62.97 -4.44
CA ASN E 159 -7.53 62.48 -4.47
C ASN E 159 -7.73 61.45 -5.58
N SER E 160 -6.65 60.74 -5.91
CA SER E 160 -6.68 59.76 -7.00
C SER E 160 -5.90 58.48 -6.72
N TYR E 161 -6.42 57.40 -7.29
CA TYR E 161 -5.76 56.10 -7.28
C TYR E 161 -5.91 55.62 -8.70
N PRO E 162 -4.85 55.75 -9.52
CA PRO E 162 -4.97 55.36 -10.92
C PRO E 162 -4.85 53.87 -11.07
N THR E 163 -5.16 53.37 -12.26
CA THR E 163 -5.05 51.96 -12.53
C THR E 163 -3.56 51.63 -12.60
N LEU E 164 -3.11 50.84 -11.64
CA LEU E 164 -1.72 50.43 -11.56
C LEU E 164 -1.44 49.34 -12.58
N ASN E 165 -0.28 49.45 -13.22
CA ASN E 165 0.13 48.46 -14.21
C ASN E 165 1.63 48.29 -14.16
N VAL E 166 2.07 47.23 -13.50
CA VAL E 166 3.49 47.02 -13.28
C VAL E 166 3.93 45.66 -13.72
N THR E 167 5.20 45.58 -14.10
CA THR E 167 5.75 44.34 -14.57
C THR E 167 7.05 44.04 -13.85
N MET E 168 7.44 42.77 -13.86
CA MET E 168 8.71 42.30 -13.31
C MET E 168 9.07 40.98 -13.98
N PRO E 169 10.04 40.99 -14.92
CA PRO E 169 10.50 39.77 -15.58
C PRO E 169 11.34 38.89 -14.65
N ASN E 170 11.31 37.59 -14.86
CA ASN E 170 12.18 36.65 -14.16
C ASN E 170 13.29 36.17 -15.07
N ASN E 171 14.44 36.83 -14.95
CA ASN E 171 15.62 36.48 -15.77
C ASN E 171 16.61 35.61 -15.03
N LYS E 172 16.17 35.06 -13.90
CA LYS E 172 16.98 34.15 -13.11
C LYS E 172 16.79 32.72 -13.60
N ASN E 173 17.44 31.75 -12.93
CA ASN E 173 17.32 30.36 -13.34
C ASN E 173 16.48 29.52 -12.37
N PHE E 174 15.82 30.19 -11.43
CA PHE E 174 14.97 29.55 -10.44
C PHE E 174 13.57 30.18 -10.42
N ASP E 175 12.61 29.46 -9.84
CA ASP E 175 11.25 29.94 -9.65
C ASP E 175 11.24 31.02 -8.57
N LYS E 176 10.56 32.13 -8.84
CA LYS E 176 10.35 33.18 -7.87
C LYS E 176 8.96 33.03 -7.27
N LEU E 177 8.87 33.16 -5.96
CA LEU E 177 7.58 33.18 -5.26
C LEU E 177 7.22 34.61 -4.86
N TYR E 178 6.09 35.10 -5.38
CA TYR E 178 5.57 36.40 -4.99
C TYR E 178 4.36 36.27 -4.08
N ILE E 179 4.41 36.96 -2.96
CA ILE E 179 3.29 36.97 -2.05
C ILE E 179 2.65 38.34 -2.14
N TRP E 180 1.32 38.37 -2.23
CA TRP E 180 0.60 39.61 -2.41
C TRP E 180 -0.78 39.47 -1.81
N GLY E 181 -1.52 40.56 -1.75
CA GLY E 181 -2.80 40.51 -1.08
C GLY E 181 -3.80 41.53 -1.53
N ILE E 182 -4.95 41.48 -0.90
CA ILE E 182 -6.01 42.41 -1.18
C ILE E 182 -6.69 42.75 0.14
N HIS E 183 -7.01 44.03 0.31
CA HIS E 183 -7.67 44.52 1.50
C HIS E 183 -9.19 44.52 1.29
N HIS E 184 -9.89 43.86 2.21
CA HIS E 184 -11.34 43.96 2.28
C HIS E 184 -11.70 44.97 3.37
N PRO E 185 -12.08 46.21 2.98
CA PRO E 185 -12.43 47.23 3.99
C PRO E 185 -13.71 46.84 4.69
N SER E 186 -13.93 47.40 5.88
CA SER E 186 -15.07 47.00 6.69
C SER E 186 -16.31 47.82 6.32
N SER E 187 -16.09 48.92 5.59
CA SER E 187 -17.16 49.85 5.25
C SER E 187 -16.90 50.53 3.91
N ASN E 188 -17.96 51.06 3.30
CA ASN E 188 -17.87 51.85 2.08
C ASN E 188 -17.05 53.12 2.27
N GLN E 189 -17.22 53.76 3.43
CA GLN E 189 -16.50 54.98 3.77
C GLN E 189 -14.99 54.73 3.74
N GLU E 190 -14.58 53.62 4.36
CA GLU E 190 -13.17 53.27 4.37
C GLU E 190 -12.69 52.94 2.95
N GLN E 191 -13.52 52.24 2.18
CA GLN E 191 -13.18 51.90 0.78
C GLN E 191 -12.79 53.13 0.00
N THR E 192 -13.66 54.14 0.00
CA THR E 192 -13.42 55.36 -0.80
C THR E 192 -12.34 56.25 -0.22
N LYS E 193 -12.23 56.27 1.11
CA LYS E 193 -11.19 57.02 1.78
C LYS E 193 -9.80 56.55 1.33
N LEU E 194 -9.60 55.24 1.31
CA LEU E 194 -8.27 54.69 1.02
C LEU E 194 -7.99 54.58 -0.46
N TYR E 195 -9.01 54.21 -1.25
CA TYR E 195 -8.80 53.82 -2.64
C TYR E 195 -9.60 54.58 -3.71
N ILE E 196 -10.40 55.57 -3.29
CA ILE E 196 -11.24 56.40 -4.18
C ILE E 196 -12.36 55.60 -4.87
N GLN E 197 -11.97 54.61 -5.67
CA GLN E 197 -12.92 53.75 -6.35
C GLN E 197 -13.87 53.09 -5.35
N GLU E 198 -15.12 52.89 -5.76
CA GLU E 198 -16.13 52.28 -4.91
C GLU E 198 -15.92 50.78 -4.81
N SER E 199 -15.22 50.23 -5.79
CA SER E 199 -14.86 48.82 -5.82
C SER E 199 -13.46 48.70 -6.42
N GLY E 200 -12.55 48.06 -5.71
CA GLY E 200 -11.22 47.81 -6.24
C GLY E 200 -11.14 46.47 -6.95
N ARG E 201 -9.93 46.10 -7.37
CA ARG E 201 -9.70 44.84 -8.07
C ARG E 201 -8.21 44.67 -8.25
N VAL E 202 -7.75 43.43 -8.12
CA VAL E 202 -6.36 43.08 -8.37
C VAL E 202 -6.31 41.92 -9.36
N THR E 203 -5.57 42.10 -10.46
CA THR E 203 -5.27 41.00 -11.36
C THR E 203 -3.76 40.78 -11.41
N VAL E 204 -3.33 39.60 -11.01
CA VAL E 204 -1.92 39.26 -11.08
C VAL E 204 -1.77 38.17 -12.11
N SER E 205 -0.90 38.40 -13.10
CA SER E 205 -0.75 37.47 -14.20
C SER E 205 0.68 37.16 -14.58
N THR E 206 0.83 36.05 -15.29
CA THR E 206 2.04 35.71 -16.03
C THR E 206 1.66 35.43 -17.48
N LYS E 207 2.59 34.88 -18.26
CA LYS E 207 2.30 34.52 -19.64
C LYS E 207 1.20 33.47 -19.72
N ARG E 208 1.19 32.57 -18.75
CA ARG E 208 0.36 31.37 -18.79
C ARG E 208 -0.67 31.24 -17.66
N SER E 209 -0.69 32.19 -16.72
CA SER E 209 -1.63 32.13 -15.59
C SER E 209 -2.18 33.51 -15.24
N GLN E 210 -3.31 33.52 -14.54
CA GLN E 210 -3.85 34.78 -14.02
C GLN E 210 -4.79 34.52 -12.85
N GLN E 211 -4.81 35.47 -11.92
CA GLN E 211 -5.68 35.41 -10.75
C GLN E 211 -6.31 36.79 -10.62
N THR E 212 -7.61 36.86 -10.49
CA THR E 212 -8.28 38.14 -10.24
C THR E 212 -9.11 38.03 -8.97
N ILE E 213 -8.94 39.01 -8.08
CA ILE E 213 -9.67 39.06 -6.82
C ILE E 213 -10.36 40.40 -6.71
N ILE E 214 -11.64 40.38 -6.36
CA ILE E 214 -12.43 41.59 -6.07
C ILE E 214 -12.67 41.63 -4.56
N PRO E 215 -12.50 42.80 -3.94
CA PRO E 215 -12.74 42.85 -2.50
C PRO E 215 -14.22 42.79 -2.19
N ASN E 216 -14.52 42.40 -0.96
CA ASN E 216 -15.88 42.38 -0.47
C ASN E 216 -15.95 43.21 0.80
N ILE E 217 -16.66 44.32 0.69
CA ILE E 217 -16.74 45.30 1.77
C ILE E 217 -17.72 44.80 2.83
N GLY E 218 -17.31 44.86 4.11
CA GLY E 218 -18.21 44.47 5.20
C GLY E 218 -17.49 44.08 6.47
N SER E 219 -18.26 43.96 7.54
CA SER E 219 -17.70 43.62 8.87
C SER E 219 -17.35 42.16 9.02
N ARG E 220 -16.14 41.92 9.49
CA ARG E 220 -15.74 40.63 10.03
C ARG E 220 -15.53 40.83 11.55
N PRO E 221 -15.44 39.73 12.33
CA PRO E 221 -15.26 39.94 13.78
C PRO E 221 -14.03 40.80 14.09
N TRP E 222 -14.23 41.79 14.95
CA TRP E 222 -13.18 42.68 15.44
C TRP E 222 -11.98 41.85 15.91
N VAL E 223 -10.82 42.10 15.30
CA VAL E 223 -9.56 41.47 15.72
C VAL E 223 -8.48 42.56 15.75
N ARG E 224 -7.95 42.83 16.94
CA ARG E 224 -6.92 43.87 17.13
C ARG E 224 -7.29 45.21 16.51
N GLY E 225 -8.52 45.64 16.74
CA GLY E 225 -9.00 46.93 16.25
C GLY E 225 -9.58 46.95 14.84
N GLN E 226 -9.61 45.81 14.18
CA GLN E 226 -9.98 45.76 12.75
C GLN E 226 -11.15 44.82 12.44
N SER E 227 -12.15 45.34 11.75
CA SER E 227 -13.26 44.52 11.30
CA SER E 227 -13.28 44.54 11.28
C SER E 227 -13.10 44.20 9.81
N GLY E 228 -12.09 44.82 9.19
CA GLY E 228 -11.69 44.48 7.84
C GLY E 228 -10.69 43.33 7.85
N ARG E 229 -10.26 42.90 6.65
CA ARG E 229 -9.34 41.76 6.53
C ARG E 229 -8.40 41.94 5.35
N ILE E 230 -7.24 41.30 5.41
CA ILE E 230 -6.46 41.12 4.20
C ILE E 230 -6.50 39.66 3.77
N SER E 231 -6.74 39.42 2.49
CA SER E 231 -6.60 38.08 1.92
C SER E 231 -5.30 38.00 1.14
N ILE E 232 -4.55 36.94 1.41
CA ILE E 232 -3.23 36.73 0.85
C ILE E 232 -3.26 35.67 -0.23
N TYR E 233 -2.53 35.94 -1.32
CA TYR E 233 -2.42 35.08 -2.49
C TYR E 233 -0.95 34.97 -2.89
N TRP E 234 -0.64 34.01 -3.75
CA TRP E 234 0.73 33.89 -4.25
C TRP E 234 0.77 33.55 -5.72
N THR E 235 1.91 33.87 -6.34
CA THR E 235 2.15 33.59 -7.73
C THR E 235 3.59 33.13 -7.83
N ILE E 236 3.79 32.02 -8.54
CA ILE E 236 5.14 31.51 -8.78
C ILE E 236 5.49 31.76 -10.23
N VAL E 237 6.56 32.51 -10.43
CA VAL E 237 6.98 32.89 -11.77
C VAL E 237 8.23 32.08 -12.15
N LYS E 238 8.12 31.34 -13.25
CA LYS E 238 9.19 30.47 -13.71
C LYS E 238 10.20 31.30 -14.50
N PRO E 239 11.44 30.80 -14.66
CA PRO E 239 12.45 31.49 -15.46
C PRO E 239 11.95 31.76 -16.88
N GLY E 240 12.16 32.98 -17.37
CA GLY E 240 11.76 33.35 -18.72
C GLY E 240 10.33 33.88 -18.76
N ASP E 241 9.62 33.77 -17.64
CA ASP E 241 8.26 34.27 -17.54
C ASP E 241 8.31 35.65 -16.89
N ILE E 242 7.17 36.29 -16.76
CA ILE E 242 7.09 37.68 -16.37
C ILE E 242 5.85 37.96 -15.52
N LEU E 243 6.06 38.62 -14.38
CA LEU E 243 4.96 38.98 -13.53
C LEU E 243 4.32 40.28 -13.98
N MET E 244 3.00 40.29 -14.03
CA MET E 244 2.26 41.53 -14.27
C MET E 244 1.23 41.77 -13.18
N ILE E 245 1.16 43.00 -12.69
CA ILE E 245 0.20 43.36 -11.66
C ILE E 245 -0.66 44.53 -12.13
N ASN E 246 -1.96 44.34 -12.03
CA ASN E 246 -2.95 45.30 -12.46
C ASN E 246 -3.94 45.55 -11.34
N SER E 247 -4.13 46.81 -10.95
CA SER E 247 -5.07 47.14 -9.86
C SER E 247 -5.62 48.56 -9.94
N ASN E 248 -6.92 48.69 -9.71
CA ASN E 248 -7.49 50.02 -9.52
C ASN E 248 -7.98 50.20 -8.09
N GLY E 249 -7.33 49.50 -7.17
CA GLY E 249 -7.62 49.69 -5.76
C GLY E 249 -7.48 48.41 -4.95
N ASN E 250 -7.19 48.61 -3.66
CA ASN E 250 -7.17 47.55 -2.65
C ASN E 250 -5.97 46.62 -2.71
N LEU E 251 -5.04 46.86 -3.63
CA LEU E 251 -3.83 46.04 -3.73
C LEU E 251 -2.92 46.16 -2.49
N VAL E 252 -2.56 45.01 -1.92
CA VAL E 252 -1.47 44.91 -0.97
C VAL E 252 -0.31 44.29 -1.75
N ALA E 253 0.65 45.12 -2.10
CA ALA E 253 1.65 44.78 -3.09
C ALA E 253 2.82 43.97 -2.54
N PRO E 254 3.42 43.10 -3.39
CA PRO E 254 4.70 42.47 -3.04
C PRO E 254 5.82 43.49 -3.03
N ARG E 255 6.88 43.22 -2.28
CA ARG E 255 8.09 44.07 -2.29
C ARG E 255 9.22 43.42 -3.06
N GLY E 256 9.03 42.17 -3.44
CA GLY E 256 10.08 41.39 -4.06
C GLY E 256 9.66 39.94 -4.03
N TYR E 257 10.63 39.05 -4.12
CA TYR E 257 10.29 37.65 -4.23
C TYR E 257 11.08 36.82 -3.24
N PHE E 258 10.53 35.64 -2.95
CA PHE E 258 11.25 34.58 -2.27
C PHE E 258 11.81 33.65 -3.31
N LYS E 259 13.08 33.30 -3.14
CA LYS E 259 13.70 32.25 -3.94
C LYS E 259 13.13 30.91 -3.52
N LEU E 260 12.59 30.17 -4.49
CA LEU E 260 12.18 28.78 -4.23
C LEU E 260 13.34 27.83 -4.53
N LYS E 261 13.56 26.89 -3.62
CA LYS E 261 14.53 25.80 -3.85
C LYS E 261 13.78 24.47 -3.95
N THR E 262 14.36 23.52 -4.69
CA THR E 262 13.86 22.15 -4.67
C THR E 262 14.56 21.54 -3.46
N GLY E 263 13.85 21.47 -2.34
CA GLY E 263 14.50 21.16 -1.08
C GLY E 263 14.14 19.82 -0.47
N LYS E 264 14.83 19.51 0.62
CA LYS E 264 14.56 18.33 1.41
C LYS E 264 14.07 18.77 2.79
N SER E 265 13.48 19.97 2.85
CA SER E 265 13.04 20.57 4.10
C SER E 265 11.57 20.30 4.39
N SER E 266 11.17 20.55 5.63
CA SER E 266 9.77 20.39 6.04
C SER E 266 9.45 21.28 7.25
N VAL E 267 8.25 21.11 7.76
CA VAL E 267 7.75 21.81 8.91
C VAL E 267 6.98 20.76 9.74
N MET E 268 7.06 20.88 11.06
CA MET E 268 6.41 19.93 11.93
C MET E 268 5.83 20.65 13.14
N ARG E 269 4.65 20.23 13.56
CA ARG E 269 4.01 20.78 14.74
C ARG E 269 4.44 19.94 15.94
N SER E 270 5.08 20.58 16.90
CA SER E 270 5.51 19.93 18.13
C SER E 270 5.65 20.95 19.25
N ASP E 271 5.34 20.53 20.46
CA ASP E 271 5.55 21.35 21.65
C ASP E 271 6.69 20.86 22.58
N VAL E 272 7.46 19.87 22.14
CA VAL E 272 8.58 19.40 22.99
C VAL E 272 9.81 20.30 22.80
N PRO E 273 10.71 20.34 23.81
CA PRO E 273 11.86 21.22 23.66
C PRO E 273 12.88 20.71 22.65
N ILE E 274 13.70 21.63 22.14
CA ILE E 274 14.82 21.33 21.23
C ILE E 274 16.11 21.40 22.03
N ASP E 275 17.02 20.45 21.84
CA ASP E 275 18.26 20.42 22.63
C ASP E 275 19.45 19.75 21.91
N ILE E 276 20.63 19.89 22.49
CA ILE E 276 21.82 19.16 22.07
C ILE E 276 21.69 17.66 22.30
N CYS E 277 21.75 16.94 21.19
CA CYS E 277 21.85 15.49 21.17
C CYS E 277 21.91 15.11 19.72
N VAL E 278 22.34 13.88 19.46
CA VAL E 278 22.44 13.39 18.10
C VAL E 278 21.31 12.40 17.83
N SER E 279 20.58 12.65 16.75
CA SER E 279 19.54 11.75 16.26
C SER E 279 19.26 12.12 14.81
N GLU E 280 18.74 11.15 14.06
CA GLU E 280 18.50 11.33 12.64
C GLU E 280 17.01 11.18 12.31
N CYS E 281 16.19 11.03 13.33
CA CYS E 281 14.75 10.87 13.15
C CYS E 281 13.98 11.72 14.16
N ILE E 282 13.06 12.54 13.65
CA ILE E 282 12.29 13.47 14.48
C ILE E 282 10.80 13.18 14.35
N THR E 283 10.12 13.18 15.49
CA THR E 283 8.67 13.07 15.57
C THR E 283 8.18 14.21 16.45
N PRO E 284 6.86 14.50 16.43
CA PRO E 284 6.28 15.52 17.32
C PRO E 284 6.53 15.24 18.81
N ASN E 285 6.78 13.97 19.15
CA ASN E 285 7.13 13.56 20.52
C ASN E 285 8.60 13.76 20.85
N GLY E 286 9.39 14.11 19.86
CA GLY E 286 10.82 14.25 20.02
C GLY E 286 11.55 13.32 19.08
N SER E 287 12.87 13.45 19.09
CA SER E 287 13.73 12.56 18.33
C SER E 287 13.59 11.13 18.84
N ILE E 288 13.75 10.17 17.94
CA ILE E 288 13.72 8.77 18.33
C ILE E 288 14.96 8.07 17.77
N SER E 289 15.38 7.03 18.46
CA SER E 289 16.42 6.17 17.96
C SER E 289 15.96 5.48 16.67
N ASN E 290 16.88 5.30 15.74
CA ASN E 290 16.52 4.62 14.51
C ASN E 290 17.27 3.31 14.28
N GLU E 291 17.70 2.69 15.37
CA GLU E 291 18.36 1.38 15.31
C GLU E 291 17.37 0.25 14.94
N LYS E 292 16.10 0.42 15.32
CA LYS E 292 15.06 -0.56 15.03
C LYS E 292 14.38 -0.29 13.68
N PRO E 293 13.90 -1.36 13.02
CA PRO E 293 13.24 -1.18 11.72
C PRO E 293 11.84 -0.53 11.78
N PHE E 294 11.15 -0.70 12.91
CA PHE E 294 9.79 -0.20 13.07
C PHE E 294 9.69 0.71 14.28
N GLN E 295 8.63 1.50 14.32
CA GLN E 295 8.36 2.36 15.47
C GLN E 295 6.85 2.59 15.64
N ASN E 296 6.45 2.84 16.88
CA ASN E 296 5.04 3.03 17.20
C ASN E 296 4.86 4.37 17.95
N VAL E 297 5.84 5.25 17.81
CA VAL E 297 5.82 6.53 18.53
C VAL E 297 4.87 7.51 17.84
N ASN E 298 5.05 7.72 16.53
CA ASN E 298 4.23 8.69 15.79
C ASN E 298 4.27 8.44 14.29
N LYS E 299 3.12 8.55 13.63
CA LYS E 299 3.07 8.41 12.18
C LYS E 299 3.73 9.61 11.48
N VAL E 300 3.82 10.75 12.18
CA VAL E 300 4.48 11.96 11.67
C VAL E 300 5.97 11.86 11.96
N THR E 301 6.80 11.79 10.92
CA THR E 301 8.24 11.72 11.10
C THR E 301 8.99 12.56 10.06
N TYR E 302 10.27 12.79 10.33
CA TYR E 302 11.18 13.45 9.40
C TYR E 302 12.56 12.87 9.62
N GLY E 303 13.24 12.55 8.52
CA GLY E 303 14.62 12.09 8.56
C GLY E 303 14.76 10.61 8.27
N LYS E 304 15.77 10.00 8.89
CA LYS E 304 16.06 8.57 8.72
C LYS E 304 15.27 7.79 9.76
N CYS E 305 14.05 7.39 9.40
CA CYS E 305 13.09 6.93 10.41
C CYS E 305 12.69 5.49 10.23
N PRO E 306 12.48 4.77 11.36
CA PRO E 306 11.84 3.46 11.24
C PRO E 306 10.41 3.63 10.70
N LYS E 307 9.86 2.57 10.12
CA LYS E 307 8.50 2.65 9.59
C LYS E 307 7.49 2.61 10.73
N TYR E 308 6.46 3.45 10.64
CA TYR E 308 5.41 3.42 11.65
C TYR E 308 4.45 2.21 11.48
N ILE E 309 4.21 1.49 12.57
CA ILE E 309 3.27 0.39 12.55
C ILE E 309 2.40 0.46 13.80
N ARG E 310 1.25 -0.23 13.77
CA ARG E 310 0.30 -0.17 14.86
C ARG E 310 0.74 -0.94 16.11
N GLN E 311 1.54 -1.99 15.93
CA GLN E 311 1.97 -2.83 17.06
C GLN E 311 2.93 -2.10 17.98
N ASN E 312 2.80 -2.31 19.28
CA ASN E 312 3.74 -1.68 20.22
C ASN E 312 4.94 -2.57 20.55
N THR E 313 4.88 -3.83 20.12
CA THR E 313 5.98 -4.78 20.34
C THR E 313 6.02 -5.86 19.25
N LEU E 314 7.23 -6.21 18.83
CA LEU E 314 7.46 -7.37 17.95
C LEU E 314 8.82 -7.94 18.29
N LYS E 315 8.83 -9.22 18.67
CA LYS E 315 10.04 -9.88 19.14
C LYS E 315 10.61 -10.79 18.07
N LEU E 316 11.84 -10.52 17.69
CA LEU E 316 12.58 -11.33 16.74
C LEU E 316 13.54 -12.28 17.48
N ALA E 317 13.36 -13.59 17.29
CA ALA E 317 14.31 -14.57 17.83
C ALA E 317 15.74 -14.34 17.33
N THR E 318 16.69 -14.42 18.24
CA THR E 318 18.09 -14.29 17.87
C THR E 318 18.82 -15.56 18.36
N GLY E 319 18.03 -16.58 18.67
CA GLY E 319 18.60 -17.84 19.16
C GLY E 319 17.63 -19.00 19.04
N MET E 320 18.11 -20.19 19.37
CA MET E 320 17.34 -21.43 19.19
C MET E 320 16.26 -21.54 20.25
N ARG E 321 15.39 -22.53 20.09
CA ARG E 321 14.41 -22.84 21.12
C ARG E 321 15.16 -23.11 22.43
N ASN E 322 14.66 -22.54 23.52
CA ASN E 322 15.27 -22.69 24.83
C ASN E 322 14.57 -23.82 25.57
N VAL E 323 15.34 -24.84 25.91
CA VAL E 323 14.82 -26.03 26.58
C VAL E 323 15.63 -26.17 27.88
N PRO E 324 15.16 -25.54 28.97
CA PRO E 324 15.91 -25.50 30.24
C PRO E 324 16.12 -26.87 30.85
N GLU E 325 17.20 -26.99 31.62
CA GLU E 325 17.55 -28.23 32.33
C GLU E 325 16.62 -28.48 33.53
N GLY F 1 9.94 -28.99 16.62
CA GLY F 1 10.64 -28.52 15.40
C GLY F 1 10.62 -29.59 14.32
N ILE F 2 10.85 -29.21 13.07
CA ILE F 2 10.66 -30.17 11.96
C ILE F 2 11.66 -31.32 11.94
N PHE F 3 12.88 -31.11 12.46
CA PHE F 3 13.85 -32.21 12.53
C PHE F 3 13.74 -33.06 13.78
N GLY F 4 13.01 -32.56 14.79
CA GLY F 4 12.76 -33.34 16.00
C GLY F 4 14.00 -33.58 16.85
N ALA F 5 15.01 -32.73 16.69
CA ALA F 5 16.24 -32.84 17.48
C ALA F 5 16.12 -32.01 18.77
N ILE F 6 16.06 -30.69 18.62
CA ILE F 6 15.90 -29.77 19.74
C ILE F 6 14.48 -29.92 20.27
N ALA F 7 14.36 -30.12 21.58
CA ALA F 7 13.09 -30.40 22.24
C ALA F 7 12.45 -31.66 21.65
N GLY F 8 13.30 -32.63 21.33
CA GLY F 8 12.89 -33.82 20.61
C GLY F 8 13.77 -34.96 21.07
N PHE F 9 14.57 -35.53 20.17
CA PHE F 9 15.43 -36.63 20.62
C PHE F 9 16.57 -36.14 21.54
N ILE F 10 16.90 -34.85 21.48
CA ILE F 10 17.68 -34.20 22.55
C ILE F 10 16.69 -33.71 23.61
N GLU F 11 16.75 -34.27 24.82
CA GLU F 11 15.74 -34.00 25.85
C GLU F 11 15.70 -32.56 26.30
N ASN F 12 16.88 -32.00 26.60
CA ASN F 12 16.98 -30.58 26.94
C ASN F 12 18.32 -29.98 26.54
N GLY F 13 18.42 -28.67 26.68
CA GLY F 13 19.66 -27.95 26.41
C GLY F 13 20.59 -27.98 27.61
N TRP F 14 21.79 -27.47 27.41
CA TRP F 14 22.83 -27.45 28.42
C TRP F 14 23.15 -26.01 28.82
N GLU F 15 22.68 -25.57 29.98
CA GLU F 15 23.01 -24.24 30.49
C GLU F 15 24.52 -24.07 30.78
N GLY F 16 25.20 -25.18 31.02
CA GLY F 16 26.65 -25.17 31.25
C GLY F 16 27.50 -25.12 29.98
N MET F 17 26.88 -25.18 28.80
CA MET F 17 27.58 -24.99 27.52
CA MET F 17 27.63 -24.96 27.57
C MET F 17 27.63 -23.49 27.20
N VAL F 18 28.71 -22.82 27.61
CA VAL F 18 28.81 -21.36 27.48
C VAL F 18 29.69 -20.81 26.35
N ASP F 19 30.55 -21.64 25.77
CA ASP F 19 31.39 -21.14 24.67
C ASP F 19 31.01 -21.68 23.28
N GLY F 20 29.78 -22.16 23.16
CA GLY F 20 29.21 -22.51 21.87
C GLY F 20 27.73 -22.77 21.98
N TRP F 21 27.07 -22.90 20.85
CA TRP F 21 25.63 -23.19 20.80
C TRP F 21 25.39 -24.68 20.71
N TYR F 22 26.35 -25.40 20.14
CA TYR F 22 26.27 -26.84 19.95
C TYR F 22 27.57 -27.44 20.41
N GLY F 23 27.54 -28.69 20.87
CA GLY F 23 28.75 -29.33 21.33
C GLY F 23 28.60 -30.77 21.81
N PHE F 24 29.62 -31.21 22.55
CA PHE F 24 29.79 -32.60 22.90
C PHE F 24 30.05 -32.67 24.39
N ARG F 25 29.53 -33.73 24.99
CA ARG F 25 29.97 -34.10 26.33
C ARG F 25 30.40 -35.57 26.25
N TYR F 26 31.36 -35.95 27.06
CA TYR F 26 31.90 -37.29 26.95
C TYR F 26 32.45 -37.80 28.26
N GLN F 27 32.48 -39.13 28.37
CA GLN F 27 33.04 -39.80 29.53
C GLN F 27 33.83 -40.99 29.04
N ASN F 28 35.06 -41.10 29.53
CA ASN F 28 35.91 -42.24 29.22
C ASN F 28 36.83 -42.49 30.40
N SER F 29 37.87 -43.29 30.17
CA SER F 29 38.90 -43.62 31.18
C SER F 29 39.51 -42.40 31.87
N GLU F 30 39.68 -41.32 31.09
CA GLU F 30 40.36 -40.11 31.56
C GLU F 30 39.46 -39.14 32.32
N GLY F 31 38.16 -39.39 32.26
CA GLY F 31 37.21 -38.59 33.03
C GLY F 31 36.11 -38.05 32.16
N THR F 32 35.59 -36.89 32.55
CA THR F 32 34.48 -36.29 31.80
CA THR F 32 34.49 -36.28 31.81
C THR F 32 34.92 -34.97 31.16
N GLY F 33 34.37 -34.69 29.98
CA GLY F 33 34.71 -33.46 29.27
C GLY F 33 33.52 -32.84 28.58
N GLN F 34 33.72 -31.61 28.13
CA GLN F 34 32.75 -30.88 27.33
C GLN F 34 33.53 -30.06 26.31
N ALA F 35 32.99 -29.94 25.10
CA ALA F 35 33.61 -29.09 24.08
C ALA F 35 32.57 -28.59 23.09
N ALA F 36 32.61 -27.28 22.84
CA ALA F 36 31.73 -26.67 21.84
C ALA F 36 32.13 -27.15 20.46
N ASP F 37 31.15 -27.28 19.56
CA ASP F 37 31.44 -27.41 18.13
C ASP F 37 31.33 -26.03 17.46
N LEU F 38 32.45 -25.54 16.97
CA LEU F 38 32.53 -24.18 16.47
C LEU F 38 31.86 -23.96 15.10
N LYS F 39 32.01 -24.94 14.20
CA LYS F 39 31.43 -24.82 12.86
C LYS F 39 29.90 -24.79 12.84
N SER F 40 29.26 -25.69 13.57
CA SER F 40 27.80 -25.68 13.64
C SER F 40 27.33 -24.39 14.31
N THR F 41 28.05 -23.95 15.33
CA THR F 41 27.72 -22.74 16.04
C THR F 41 27.78 -21.54 15.09
N GLN F 42 28.89 -21.41 14.35
CA GLN F 42 29.08 -20.27 13.45
C GLN F 42 28.05 -20.25 12.35
N THR F 43 27.77 -21.41 11.77
CA THR F 43 26.77 -21.52 10.70
C THR F 43 25.44 -20.93 11.15
N ALA F 44 24.96 -21.33 12.34
CA ALA F 44 23.71 -20.83 12.87
C ALA F 44 23.77 -19.30 13.12
N ILE F 45 24.84 -18.84 13.78
CA ILE F 45 25.01 -17.42 14.07
C ILE F 45 25.05 -16.55 12.79
N ASP F 46 25.80 -16.97 11.79
CA ASP F 46 25.91 -16.26 10.51
C ASP F 46 24.55 -16.06 9.85
N GLN F 47 23.67 -17.06 9.95
CA GLN F 47 22.34 -16.98 9.33
C GLN F 47 21.41 -16.10 10.11
N ILE F 48 21.62 -16.03 11.42
CA ILE F 48 20.75 -15.27 12.29
C ILE F 48 21.20 -13.81 12.38
N ASN F 49 22.50 -13.58 12.39
CA ASN F 49 23.02 -12.23 12.53
C ASN F 49 22.46 -11.28 11.46
N GLU F 50 21.73 -10.27 11.94
CA GLU F 50 21.13 -9.23 11.10
C GLU F 50 20.33 -9.80 9.94
N LYS F 51 19.59 -10.88 10.19
CA LYS F 51 18.88 -11.56 9.12
C LYS F 51 17.82 -10.67 8.47
N LEU F 52 17.19 -9.77 9.23
CA LEU F 52 16.17 -8.87 8.66
C LEU F 52 16.71 -8.01 7.52
N ASN F 53 17.99 -7.64 7.62
CA ASN F 53 18.64 -6.84 6.62
C ASN F 53 18.65 -7.41 5.22
N ARG F 54 18.53 -8.74 5.12
CA ARG F 54 18.43 -9.39 3.82
C ARG F 54 17.13 -9.01 3.10
N VAL F 55 16.12 -8.57 3.85
CA VAL F 55 14.84 -8.23 3.21
C VAL F 55 14.38 -6.77 3.34
N ILE F 56 14.67 -6.14 4.48
CA ILE F 56 14.30 -4.73 4.70
CA ILE F 56 14.29 -4.74 4.68
C ILE F 56 15.53 -3.87 4.93
N GLU F 57 15.51 -2.67 4.35
CA GLU F 57 16.55 -1.67 4.56
C GLU F 57 16.36 -1.11 5.97
N ARG F 58 17.46 -0.76 6.63
CA ARG F 58 17.41 -0.42 8.06
C ARG F 58 16.42 0.70 8.37
N THR F 59 16.69 1.89 7.84
CA THR F 59 15.75 3.00 7.89
C THR F 59 15.88 3.80 6.61
N ASN F 60 14.75 4.23 6.07
CA ASN F 60 14.76 5.04 4.86
C ASN F 60 14.61 6.53 5.14
N GLU F 61 15.42 7.33 4.45
CA GLU F 61 15.40 8.78 4.60
C GLU F 61 14.20 9.41 3.87
N LYS F 62 13.37 10.12 4.63
CA LYS F 62 12.21 10.82 4.08
C LYS F 62 12.09 12.24 4.63
N PHE F 63 11.59 13.15 3.79
CA PHE F 63 11.53 14.55 4.15
C PHE F 63 10.08 15.03 4.21
N HIS F 64 9.74 16.01 3.38
CA HIS F 64 8.39 16.55 3.37
C HIS F 64 7.41 15.52 2.87
N GLN F 65 6.30 15.38 3.59
CA GLN F 65 5.28 14.39 3.29
C GLN F 65 3.93 15.08 3.45
N ILE F 66 2.85 14.32 3.47
CA ILE F 66 1.53 14.92 3.66
C ILE F 66 1.23 15.16 5.14
N GLU F 67 0.29 16.05 5.41
CA GLU F 67 -0.19 16.25 6.76
C GLU F 67 -0.98 15.03 7.21
N LYS F 68 -0.91 14.75 8.50
CA LYS F 68 -1.48 13.52 9.08
C LYS F 68 -2.40 13.80 10.27
N GLU F 69 -2.39 15.05 10.73
CA GLU F 69 -3.26 15.53 11.81
C GLU F 69 -3.87 16.82 11.36
N PHE F 70 -5.11 17.09 11.77
CA PHE F 70 -5.89 18.22 11.26
C PHE F 70 -6.68 18.92 12.34
N SER F 71 -6.65 20.24 12.32
CA SER F 71 -7.31 21.02 13.35
C SER F 71 -8.73 21.44 12.93
N GLU F 72 -9.05 21.32 11.64
CA GLU F 72 -10.38 21.63 11.14
C GLU F 72 -11.01 20.49 10.37
N VAL F 73 -12.33 20.47 10.36
CA VAL F 73 -13.10 19.51 9.56
C VAL F 73 -13.16 20.07 8.14
N GLU F 74 -12.78 19.27 7.15
CA GLU F 74 -12.69 19.76 5.76
C GLU F 74 -13.42 18.91 4.72
N GLY F 75 -13.69 17.65 5.04
CA GLY F 75 -14.36 16.77 4.09
C GLY F 75 -13.38 16.08 3.14
N ARG F 76 -13.66 16.19 1.85
CA ARG F 76 -13.15 15.26 0.83
C ARG F 76 -11.62 15.06 0.77
N ILE F 77 -10.86 16.14 0.63
CA ILE F 77 -9.40 16.07 0.54
CA ILE F 77 -9.41 16.04 0.54
C ILE F 77 -8.82 15.53 1.85
N GLN F 78 -9.36 15.99 2.96
CA GLN F 78 -8.90 15.47 4.23
C GLN F 78 -9.24 13.97 4.42
N ASP F 79 -10.45 13.56 4.03
CA ASP F 79 -10.85 12.13 4.03
C ASP F 79 -9.80 11.28 3.27
N LEU F 80 -9.43 11.76 2.08
CA LEU F 80 -8.46 11.05 1.26
C LEU F 80 -7.10 10.97 1.93
N GLU F 81 -6.64 12.08 2.50
CA GLU F 81 -5.34 12.14 3.18
C GLU F 81 -5.28 11.12 4.32
N LYS F 82 -6.36 11.05 5.08
CA LYS F 82 -6.45 10.15 6.20
C LYS F 82 -6.50 8.71 5.73
N TYR F 83 -7.22 8.48 4.64
CA TYR F 83 -7.38 7.13 4.12
C TYR F 83 -6.06 6.59 3.54
N VAL F 84 -5.37 7.45 2.81
CA VAL F 84 -4.06 7.08 2.29
C VAL F 84 -3.13 6.68 3.43
N GLU F 85 -3.05 7.52 4.46
CA GLU F 85 -2.18 7.21 5.59
C GLU F 85 -2.57 5.91 6.33
N ASP F 86 -3.86 5.74 6.62
CA ASP F 86 -4.34 4.53 7.29
CA ASP F 86 -4.37 4.54 7.29
C ASP F 86 -4.06 3.28 6.47
N THR F 87 -4.28 3.37 5.16
CA THR F 87 -4.04 2.27 4.24
C THR F 87 -2.56 1.85 4.27
N LYS F 88 -1.66 2.85 4.23
CA LYS F 88 -0.23 2.61 4.30
C LYS F 88 0.18 1.95 5.61
N ILE F 89 -0.37 2.45 6.73
CA ILE F 89 0.00 1.96 8.04
C ILE F 89 -0.47 0.51 8.23
N ASP F 90 -1.68 0.20 7.79
CA ASP F 90 -2.20 -1.17 7.91
C ASP F 90 -1.39 -2.16 7.06
N LEU F 91 -0.98 -1.72 5.88
CA LEU F 91 -0.19 -2.59 5.01
C LEU F 91 1.19 -2.87 5.60
N TRP F 92 1.87 -1.84 6.08
CA TRP F 92 3.17 -2.03 6.73
C TRP F 92 3.08 -2.84 8.01
N SER F 93 2.00 -2.65 8.76
CA SER F 93 1.80 -3.37 10.02
C SER F 93 1.65 -4.86 9.74
N TYR F 94 0.89 -5.19 8.70
CA TYR F 94 0.81 -6.55 8.21
C TYR F 94 2.18 -7.10 7.78
N ASN F 95 2.91 -6.36 6.95
CA ASN F 95 4.26 -6.76 6.56
C ASN F 95 5.13 -7.08 7.77
N ALA F 96 5.10 -6.20 8.79
CA ALA F 96 5.93 -6.39 9.98
C ALA F 96 5.55 -7.71 10.68
N GLU F 97 4.24 -7.94 10.82
CA GLU F 97 3.77 -9.09 11.56
C GLU F 97 4.17 -10.40 10.86
N LEU F 98 3.96 -10.44 9.55
CA LEU F 98 4.30 -11.63 8.76
C LEU F 98 5.79 -11.87 8.74
N LEU F 99 6.56 -10.81 8.51
CA LEU F 99 8.00 -10.93 8.43
C LEU F 99 8.57 -11.55 9.71
N VAL F 100 8.13 -11.03 10.85
CA VAL F 100 8.65 -11.52 12.12
C VAL F 100 8.26 -13.00 12.37
N ALA F 101 7.02 -13.35 12.05
CA ALA F 101 6.56 -14.75 12.16
C ALA F 101 7.35 -15.70 11.22
N LEU F 102 7.51 -15.31 9.97
CA LEU F 102 8.35 -16.06 9.02
C LEU F 102 9.82 -16.17 9.43
N GLU F 103 10.40 -15.07 9.87
CA GLU F 103 11.81 -15.10 10.27
C GLU F 103 12.03 -15.93 11.54
N ASN F 104 11.11 -15.84 12.51
CA ASN F 104 11.23 -16.66 13.71
C ASN F 104 11.10 -18.14 13.39
N GLN F 105 10.19 -18.49 12.47
CA GLN F 105 10.04 -19.87 12.04
C GLN F 105 11.35 -20.40 11.42
N HIS F 106 11.93 -19.59 10.54
CA HIS F 106 13.19 -19.91 9.91
C HIS F 106 14.32 -20.14 10.94
N THR F 107 14.43 -19.25 11.92
CA THR F 107 15.44 -19.36 13.00
C THR F 107 15.29 -20.69 13.80
N ILE F 108 14.05 -21.00 14.19
CA ILE F 108 13.78 -22.26 14.87
C ILE F 108 14.15 -23.46 14.00
N ASP F 109 13.72 -23.42 12.73
CA ASP F 109 14.00 -24.49 11.77
C ASP F 109 15.53 -24.67 11.57
N LEU F 110 16.25 -23.58 11.35
CA LEU F 110 17.67 -23.71 11.00
C LEU F 110 18.54 -24.15 12.20
N THR F 111 18.15 -23.73 13.40
CA THR F 111 18.91 -24.13 14.59
C THR F 111 18.66 -25.62 14.92
N ASP F 112 17.44 -26.07 14.70
CA ASP F 112 17.08 -27.50 14.84
C ASP F 112 17.86 -28.32 13.81
N ALA F 113 17.91 -27.83 12.58
CA ALA F 113 18.68 -28.48 11.51
C ALA F 113 20.17 -28.61 11.85
N GLU F 114 20.75 -27.59 12.48
CA GLU F 114 22.20 -27.66 12.79
C GLU F 114 22.47 -28.71 13.84
N MET F 115 21.58 -28.80 14.81
CA MET F 115 21.66 -29.84 15.81
C MET F 115 21.61 -31.23 15.15
N ASN F 116 20.63 -31.42 14.26
CA ASN F 116 20.47 -32.69 13.56
C ASN F 116 21.69 -33.03 12.70
N LYS F 117 22.20 -32.02 12.00
CA LYS F 117 23.36 -32.19 11.12
C LYS F 117 24.62 -32.64 11.88
N LEU F 118 24.83 -32.08 13.06
CA LEU F 118 25.99 -32.44 13.89
C LEU F 118 25.87 -33.88 14.38
N PHE F 119 24.65 -34.27 14.75
CA PHE F 119 24.40 -35.62 15.19
C PHE F 119 24.66 -36.61 14.04
N GLU F 120 24.12 -36.33 12.86
CA GLU F 120 24.33 -37.19 11.68
C GLU F 120 25.80 -37.26 11.28
N LYS F 121 26.50 -36.14 11.37
CA LYS F 121 27.92 -36.12 11.00
C LYS F 121 28.70 -37.04 11.94
N THR F 122 28.39 -36.95 13.23
CA THR F 122 29.04 -37.79 14.23
C THR F 122 28.69 -39.28 14.04
N ARG F 123 27.41 -39.57 13.82
CA ARG F 123 26.98 -40.92 13.48
C ARG F 123 27.78 -41.47 12.31
N ARG F 124 27.90 -40.68 11.23
CA ARG F 124 28.62 -41.15 10.05
C ARG F 124 30.08 -41.53 10.31
N GLN F 125 30.78 -40.70 11.09
CA GLN F 125 32.17 -40.99 11.49
C GLN F 125 32.31 -42.32 12.20
N LEU F 126 31.39 -42.57 13.14
CA LEU F 126 31.50 -43.71 14.04
C LEU F 126 31.23 -45.05 13.35
N ARG F 127 30.48 -45.04 12.25
CA ARG F 127 30.22 -46.25 11.48
C ARG F 127 29.65 -47.36 12.37
N GLU F 128 30.30 -48.53 12.38
CA GLU F 128 29.81 -49.66 13.16
C GLU F 128 30.37 -49.73 14.58
N ASN F 129 31.12 -48.71 14.99
CA ASN F 129 31.80 -48.76 16.29
C ASN F 129 31.00 -48.20 17.45
N ALA F 130 29.83 -47.65 17.16
CA ALA F 130 29.00 -47.03 18.19
C ALA F 130 27.53 -47.28 17.94
N GLU F 131 26.72 -47.18 18.98
CA GLU F 131 25.27 -47.20 18.78
C GLU F 131 24.66 -45.94 19.38
N ASP F 132 23.62 -45.45 18.72
CA ASP F 132 22.77 -44.36 19.21
C ASP F 132 21.90 -44.91 20.34
N MET F 133 22.14 -44.44 21.57
CA MET F 133 21.41 -44.89 22.76
CA MET F 133 21.42 -44.88 22.76
C MET F 133 20.12 -44.11 22.95
N GLY F 134 19.85 -43.17 22.05
CA GLY F 134 18.73 -42.23 22.21
C GLY F 134 19.24 -41.07 23.06
N GLY F 135 18.46 -39.99 23.12
CA GLY F 135 18.84 -38.83 23.91
C GLY F 135 20.00 -38.04 23.31
N GLY F 136 20.43 -38.40 22.10
CA GLY F 136 21.56 -37.77 21.45
C GLY F 136 22.90 -38.33 21.92
N CYS F 137 22.88 -39.48 22.60
CA CYS F 137 24.12 -40.08 23.09
C CYS F 137 24.53 -41.30 22.30
N PHE F 138 25.83 -41.41 22.06
CA PHE F 138 26.40 -42.60 21.48
C PHE F 138 27.12 -43.42 22.54
N LYS F 139 26.93 -44.73 22.48
CA LYS F 139 27.82 -45.64 23.19
C LYS F 139 28.91 -46.05 22.22
N ILE F 140 30.15 -45.79 22.58
CA ILE F 140 31.28 -46.16 21.75
C ILE F 140 31.89 -47.43 22.33
N TYR F 141 31.90 -48.49 21.53
CA TYR F 141 32.24 -49.83 22.01
C TYR F 141 33.72 -50.17 21.97
N HIS F 142 34.55 -49.17 22.25
CA HIS F 142 35.99 -49.41 22.32
C HIS F 142 36.65 -48.39 23.24
N LYS F 143 37.89 -48.66 23.60
CA LYS F 143 38.66 -47.72 24.39
C LYS F 143 38.82 -46.47 23.55
N CYS F 144 38.41 -45.35 24.13
CA CYS F 144 38.31 -44.12 23.39
C CYS F 144 38.74 -43.01 24.32
N ASP F 145 40.05 -42.81 24.44
CA ASP F 145 40.61 -41.77 25.32
C ASP F 145 40.41 -40.35 24.76
N ASN F 146 40.97 -39.35 25.44
CA ASN F 146 40.76 -37.94 25.07
C ASN F 146 41.22 -37.62 23.64
N ALA F 147 42.31 -38.26 23.22
CA ALA F 147 42.86 -38.06 21.87
C ALA F 147 41.91 -38.61 20.83
N CYS F 148 41.33 -39.77 21.14
CA CYS F 148 40.31 -40.38 20.29
C CYS F 148 39.07 -39.48 20.18
N ILE F 149 38.57 -39.02 21.33
CA ILE F 149 37.44 -38.09 21.33
C ILE F 149 37.78 -36.88 20.48
N GLY F 150 39.01 -36.38 20.62
CA GLY F 150 39.51 -35.25 19.83
C GLY F 150 39.37 -35.51 18.34
N SER F 151 39.75 -36.72 17.91
CA SER F 151 39.67 -37.10 16.51
C SER F 151 38.23 -37.09 15.98
N ILE F 152 37.27 -37.47 16.83
CA ILE F 152 35.86 -37.33 16.46
C ILE F 152 35.50 -35.84 16.30
N ARG F 153 35.92 -35.03 17.26
CA ARG F 153 35.58 -33.60 17.28
C ARG F 153 36.17 -32.85 16.07
N ASN F 154 37.36 -33.23 15.63
CA ASN F 154 37.95 -32.58 14.46
C ASN F 154 37.74 -33.34 13.13
N GLY F 155 36.87 -34.35 13.16
CA GLY F 155 36.47 -35.09 11.96
C GLY F 155 37.54 -35.98 11.36
N THR F 156 38.47 -36.47 12.17
CA THR F 156 39.53 -37.35 11.66
C THR F 156 39.49 -38.77 12.24
N TYR F 157 38.41 -39.09 12.98
CA TYR F 157 38.28 -40.43 13.55
C TYR F 157 38.32 -41.48 12.44
N ASP F 158 39.17 -42.48 12.61
CA ASP F 158 39.27 -43.56 11.61
C ASP F 158 38.67 -44.83 12.21
N HIS F 159 37.44 -45.11 11.82
CA HIS F 159 36.67 -46.21 12.40
C HIS F 159 37.42 -47.53 12.24
N TYR F 160 38.20 -47.67 11.17
CA TYR F 160 38.89 -48.91 10.86
C TYR F 160 39.86 -49.39 11.95
N ILE F 161 40.55 -48.44 12.59
CA ILE F 161 41.49 -48.74 13.69
CA ILE F 161 41.51 -48.87 13.61
C ILE F 161 40.82 -49.54 14.80
N TYR F 162 39.58 -49.14 15.11
CA TYR F 162 38.87 -49.66 16.28
C TYR F 162 37.81 -50.72 15.99
N ARG F 163 37.54 -50.98 14.71
CA ARG F 163 36.37 -51.79 14.30
C ARG F 163 36.33 -53.21 14.90
N ASP F 164 37.42 -53.96 14.78
CA ASP F 164 37.48 -55.29 15.40
C ASP F 164 37.15 -55.30 16.90
N GLU F 165 37.79 -54.40 17.66
CA GLU F 165 37.50 -54.23 19.09
C GLU F 165 36.01 -53.90 19.33
N ALA F 166 35.49 -52.94 18.55
CA ALA F 166 34.10 -52.49 18.73
C ALA F 166 33.09 -53.58 18.39
N LEU F 167 33.33 -54.28 17.29
CA LEU F 167 32.43 -55.35 16.87
C LEU F 167 32.37 -56.47 17.93
N ASN F 168 33.52 -56.82 18.50
CA ASN F 168 33.59 -57.82 19.55
C ASN F 168 32.76 -57.42 20.77
N ASN F 169 32.86 -56.16 21.17
CA ASN F 169 32.07 -55.64 22.29
C ASN F 169 30.58 -55.55 22.00
N ARG F 170 30.23 -55.10 20.78
CA ARG F 170 28.83 -54.94 20.38
C ARG F 170 28.04 -56.22 20.31
N PHE F 171 28.67 -57.30 19.86
CA PHE F 171 27.94 -58.54 19.59
C PHE F 171 28.15 -59.68 20.58
N GLN F 172 28.53 -59.35 21.81
CA GLN F 172 28.69 -60.34 22.87
C GLN F 172 27.51 -60.36 23.85
#